data_1J0Y
#
_entry.id   1J0Y
#
_cell.length_a   177.900
_cell.length_b   112.900
_cell.length_c   146.200
_cell.angle_alpha   90.00
_cell.angle_beta   105.80
_cell.angle_gamma   90.00
#
_symmetry.space_group_name_H-M   'C 1 2 1'
#
loop_
_entity.id
_entity.type
_entity.pdbx_description
1 polymer Beta-amylase
2 non-polymer beta-D-glucopyranose
3 non-polymer 'CALCIUM ION'
4 water water
#
_entity_poly.entity_id   1
_entity_poly.type   'polypeptide(L)'
_entity_poly.pdbx_seq_one_letter_code
;AVNGKGMNPDYKAYLMAPLKKIPEVTNWETFENDLRWAKQNGFYAITVDFWWGDMEKNGDQQFDFSYAQRFAQSVKNAGM
KMIPIISTHQCGGNVGDDCNVPIPSWVWNQKSDDSLYFKSETGTVNKETLNPLASDVIRKEYGELYTAFAAAMKPYKDVI
AKIYLSGGPAGELRYPSYTTSDGTGYPSRGKFQAYTEFAKSKFRLWVLNKYGSLNEVNKAWGTKLISELAILPPSDGEQF
LMNGYLSMYGKDYLEWYQGILENHTKLIGELAHNAFDTTFQVPIGAKIAGVHWQYNNPTIPHGAEKPAGYNDYSHLLDAF
KSAKLDVTFTCLEMTDKGSYPEYSMPKTLVQNIATLANEKGIVLNGENALSIGNEEEYKRVAEMAFNYNFAGFTLLRYQD
VMYNNSLMGKFKDLLGVTPVMQTIVVKNVPTTIGDTVYITGNRAELGSWDTKQYPIQLYYDSHSNDWRGNVVLPAERNIE
FKAFIKSKDGTVKSWQTIQQSWNPVPLKTTSHTSSW
;
_entity_poly.pdbx_strand_id   A,B,C,D
#
# COMPACT_ATOMS: atom_id res chain seq x y z
N ALA A 1 12.07 29.91 -0.81
CA ALA A 1 12.25 30.21 -2.25
C ALA A 1 13.71 30.41 -2.52
N VAL A 2 14.06 30.55 -3.80
CA VAL A 2 15.45 30.76 -4.22
C VAL A 2 16.05 31.99 -3.54
N ASN A 3 17.29 31.87 -3.09
CA ASN A 3 17.99 32.97 -2.41
C ASN A 3 17.39 33.38 -1.05
N GLY A 4 17.12 32.37 -0.22
CA GLY A 4 16.58 32.60 1.11
C GLY A 4 15.31 33.39 1.29
N LYS A 5 14.58 33.62 0.20
CA LYS A 5 13.34 34.39 0.29
C LYS A 5 12.10 33.50 0.33
N GLY A 6 10.94 34.11 0.56
CA GLY A 6 9.69 33.39 0.59
C GLY A 6 8.90 33.61 -0.70
N MET A 7 7.61 33.32 -0.68
CA MET A 7 6.77 33.51 -1.87
C MET A 7 6.54 35.01 -2.13
N ASN A 8 6.10 35.34 -3.34
CA ASN A 8 5.83 36.72 -3.71
C ASN A 8 4.57 37.20 -2.99
N PRO A 9 4.65 38.34 -2.28
CA PRO A 9 3.52 38.91 -1.54
C PRO A 9 2.35 39.33 -2.44
N ASP A 10 2.64 39.62 -3.70
CA ASP A 10 1.64 40.05 -4.65
C ASP A 10 0.98 38.91 -5.40
N TYR A 11 1.38 37.68 -5.11
CA TYR A 11 0.82 36.52 -5.81
C TYR A 11 -0.71 36.49 -5.90
N LYS A 12 -1.21 36.27 -7.10
CA LYS A 12 -2.63 36.17 -7.39
C LYS A 12 -2.82 35.01 -8.35
N ALA A 13 -4.00 34.42 -8.32
CA ALA A 13 -4.37 33.32 -9.20
C ALA A 13 -5.42 33.85 -10.16
N TYR A 14 -5.32 33.46 -11.43
CA TYR A 14 -6.27 33.91 -12.42
C TYR A 14 -6.80 32.69 -13.16
N LEU A 15 -7.93 32.86 -13.83
CA LEU A 15 -8.56 31.79 -14.56
C LEU A 15 -8.83 32.23 -16.00
N MET A 16 -8.44 31.39 -16.94
CA MET A 16 -8.68 31.68 -18.35
C MET A 16 -10.11 31.35 -18.71
N ALA A 17 -10.74 32.24 -19.47
CA ALA A 17 -12.11 32.04 -19.91
C ALA A 17 -12.10 31.14 -21.14
N PRO A 18 -13.27 30.63 -21.55
CA PRO A 18 -13.34 29.78 -22.74
C PRO A 18 -12.89 30.57 -23.96
N LEU A 19 -12.57 29.85 -25.04
CA LEU A 19 -12.15 30.48 -26.30
C LEU A 19 -13.37 31.06 -27.02
N LYS A 20 -14.51 30.37 -26.92
CA LYS A 20 -15.75 30.84 -27.55
C LYS A 20 -16.48 31.84 -26.65
N LYS A 21 -17.42 32.57 -27.24
CA LYS A 21 -18.18 33.55 -26.47
C LYS A 21 -19.02 32.86 -25.40
N ILE A 22 -19.19 33.52 -24.25
CA ILE A 22 -19.96 32.95 -23.16
C ILE A 22 -21.33 32.42 -23.55
N PRO A 23 -22.15 33.21 -24.29
CA PRO A 23 -23.47 32.74 -24.70
C PRO A 23 -23.44 31.48 -25.57
N GLU A 24 -22.27 31.18 -26.15
CA GLU A 24 -22.11 30.00 -26.99
C GLU A 24 -21.75 28.77 -26.15
N VAL A 25 -21.30 29.02 -24.93
CA VAL A 25 -20.89 27.98 -23.99
C VAL A 25 -21.87 27.76 -22.82
N THR A 26 -22.49 28.85 -22.37
CA THR A 26 -23.44 28.82 -21.26
C THR A 26 -24.32 30.10 -21.40
N ASN A 27 -24.73 30.69 -20.28
CA ASN A 27 -25.52 31.92 -20.34
C ASN A 27 -24.96 32.92 -19.33
N TRP A 28 -25.26 34.19 -19.51
CA TRP A 28 -24.75 35.22 -18.61
C TRP A 28 -25.03 35.03 -17.12
N GLU A 29 -26.24 34.61 -16.80
CA GLU A 29 -26.63 34.39 -15.40
C GLU A 29 -25.82 33.25 -14.78
N THR A 30 -25.61 32.17 -15.55
CA THR A 30 -24.82 31.03 -15.06
C THR A 30 -23.34 31.44 -14.99
N PHE A 31 -22.89 32.22 -15.96
CA PHE A 31 -21.52 32.71 -15.97
C PHE A 31 -21.22 33.47 -14.68
N GLU A 32 -22.16 34.32 -14.25
CA GLU A 32 -22.02 35.09 -13.02
C GLU A 32 -21.96 34.19 -11.79
N ASN A 33 -22.74 33.12 -11.78
CA ASN A 33 -22.71 32.19 -10.66
C ASN A 33 -21.34 31.51 -10.65
N ASP A 34 -20.83 31.19 -11.83
CA ASP A 34 -19.52 30.56 -11.98
C ASP A 34 -18.40 31.45 -11.46
N LEU A 35 -18.44 32.73 -11.79
CA LEU A 35 -17.43 33.69 -11.35
C LEU A 35 -17.39 33.79 -9.84
N ARG A 36 -18.55 33.78 -9.21
CA ARG A 36 -18.62 33.83 -7.74
C ARG A 36 -18.03 32.54 -7.13
N TRP A 37 -18.16 31.43 -7.86
CA TRP A 37 -17.62 30.14 -7.43
C TRP A 37 -16.08 30.17 -7.54
N ALA A 38 -15.57 30.70 -8.65
CA ALA A 38 -14.12 30.77 -8.84
C ALA A 38 -13.52 31.68 -7.78
N LYS A 39 -14.22 32.77 -7.50
CA LYS A 39 -13.78 33.74 -6.50
C LYS A 39 -13.72 33.03 -5.14
N GLN A 40 -14.69 32.13 -4.92
CA GLN A 40 -14.79 31.34 -3.70
C GLN A 40 -13.60 30.39 -3.60
N ASN A 41 -13.00 30.05 -4.74
CA ASN A 41 -11.85 29.14 -4.79
C ASN A 41 -10.48 29.79 -4.93
N GLY A 42 -10.41 31.08 -4.64
CA GLY A 42 -9.13 31.78 -4.69
C GLY A 42 -8.73 32.51 -5.96
N PHE A 43 -9.60 32.51 -6.98
CA PHE A 43 -9.29 33.22 -8.23
C PHE A 43 -9.60 34.71 -8.10
N TYR A 44 -8.62 35.54 -8.44
CA TYR A 44 -8.76 37.00 -8.35
C TYR A 44 -9.39 37.62 -9.59
N ALA A 45 -9.12 37.01 -10.73
CA ALA A 45 -9.66 37.53 -11.97
C ALA A 45 -9.77 36.49 -13.06
N ILE A 46 -10.51 36.84 -14.10
CA ILE A 46 -10.73 36.01 -15.27
C ILE A 46 -10.03 36.69 -16.46
N THR A 47 -9.19 35.95 -17.17
CA THR A 47 -8.51 36.53 -18.34
C THR A 47 -9.38 36.11 -19.52
N VAL A 48 -9.48 36.97 -20.51
CA VAL A 48 -10.33 36.67 -21.65
C VAL A 48 -9.86 37.27 -22.97
N ASP A 49 -9.90 36.47 -24.04
CA ASP A 49 -9.51 36.91 -25.37
C ASP A 49 -10.64 37.70 -26.04
N PHE A 50 -10.34 38.89 -26.50
CA PHE A 50 -11.31 39.67 -27.24
C PHE A 50 -10.63 39.66 -28.59
N TRP A 51 -11.22 38.90 -29.50
CA TRP A 51 -10.67 38.72 -30.82
C TRP A 51 -10.79 39.90 -31.76
N TRP A 52 -9.68 40.25 -32.41
CA TRP A 52 -9.66 41.34 -33.36
C TRP A 52 -10.68 41.03 -34.46
N GLY A 53 -10.77 39.75 -34.83
CA GLY A 53 -11.71 39.34 -35.85
C GLY A 53 -13.16 39.63 -35.52
N ASP A 54 -13.44 39.78 -34.23
CA ASP A 54 -14.80 40.08 -33.79
C ASP A 54 -15.00 41.59 -33.68
N MET A 55 -13.99 42.29 -33.16
CA MET A 55 -14.05 43.72 -32.91
C MET A 55 -13.93 44.70 -34.07
N GLU A 56 -13.32 44.29 -35.17
CA GLU A 56 -13.15 45.16 -36.33
C GLU A 56 -13.32 44.31 -37.56
N LYS A 57 -14.39 43.52 -37.50
CA LYS A 57 -14.74 42.56 -38.54
C LYS A 57 -14.97 43.04 -39.96
N ASN A 58 -15.95 43.92 -40.13
CA ASN A 58 -16.35 44.39 -41.46
C ASN A 58 -15.44 45.33 -42.25
N GLY A 59 -14.66 46.14 -41.56
CA GLY A 59 -13.79 47.04 -42.28
C GLY A 59 -13.11 48.00 -41.33
N ASP A 60 -12.15 48.75 -41.86
CA ASP A 60 -11.39 49.73 -41.08
C ASP A 60 -12.29 50.67 -40.26
N GLN A 61 -12.06 50.70 -38.96
CA GLN A 61 -12.79 51.53 -38.01
C GLN A 61 -14.26 51.20 -37.85
N GLN A 62 -14.65 50.00 -38.29
CA GLN A 62 -16.03 49.55 -38.12
C GLN A 62 -15.96 48.63 -36.91
N PHE A 63 -15.88 49.25 -35.74
CA PHE A 63 -15.75 48.56 -34.46
C PHE A 63 -17.02 48.04 -33.82
N ASP A 64 -16.84 47.00 -33.03
CA ASP A 64 -17.93 46.38 -32.30
C ASP A 64 -17.38 45.90 -30.96
N PHE A 65 -17.58 46.69 -29.92
CA PHE A 65 -17.10 46.33 -28.59
C PHE A 65 -18.26 45.91 -27.70
N SER A 66 -19.42 45.66 -28.30
CA SER A 66 -20.60 45.28 -27.54
C SER A 66 -20.42 44.02 -26.70
N TYR A 67 -19.78 42.99 -27.24
CA TYR A 67 -19.57 41.77 -26.47
C TYR A 67 -18.66 42.01 -25.27
N ALA A 68 -17.57 42.73 -25.51
CA ALA A 68 -16.60 43.04 -24.45
C ALA A 68 -17.23 43.87 -23.33
N GLN A 69 -18.11 44.78 -23.70
CA GLN A 69 -18.79 45.62 -22.72
C GLN A 69 -19.77 44.77 -21.91
N ARG A 70 -20.50 43.89 -22.58
CA ARG A 70 -21.46 43.02 -21.91
C ARG A 70 -20.73 42.06 -20.95
N PHE A 71 -19.60 41.51 -21.40
CA PHE A 71 -18.77 40.60 -20.60
C PHE A 71 -18.37 41.33 -19.31
N ALA A 72 -17.85 42.54 -19.47
CA ALA A 72 -17.42 43.39 -18.34
C ALA A 72 -18.57 43.65 -17.34
N GLN A 73 -19.76 43.89 -17.85
CA GLN A 73 -20.91 44.12 -16.98
C GLN A 73 -21.15 42.90 -16.09
N SER A 74 -21.10 41.71 -16.66
CA SER A 74 -21.31 40.48 -15.90
C SER A 74 -20.20 40.28 -14.87
N VAL A 75 -18.98 40.65 -15.22
CA VAL A 75 -17.86 40.53 -14.30
C VAL A 75 -18.10 41.46 -13.12
N LYS A 76 -18.62 42.64 -13.42
CA LYS A 76 -18.93 43.62 -12.40
C LYS A 76 -20.06 43.08 -11.52
N ASN A 77 -21.04 42.43 -12.15
CA ASN A 77 -22.16 41.86 -11.42
C ASN A 77 -21.71 40.78 -10.42
N ALA A 78 -20.78 39.93 -10.85
CA ALA A 78 -20.27 38.85 -9.99
C ALA A 78 -19.29 39.32 -8.91
N GLY A 79 -18.85 40.57 -8.99
CA GLY A 79 -17.91 41.08 -8.01
C GLY A 79 -16.50 40.61 -8.24
N MET A 80 -16.15 40.43 -9.51
CA MET A 80 -14.81 39.98 -9.89
C MET A 80 -14.05 41.01 -10.71
N LYS A 81 -12.83 40.68 -11.06
CA LYS A 81 -11.98 41.55 -11.87
C LYS A 81 -11.72 40.78 -13.16
N MET A 82 -11.23 41.48 -14.17
CA MET A 82 -10.93 40.81 -15.43
C MET A 82 -9.63 41.34 -16.02
N ILE A 83 -9.01 40.52 -16.86
CA ILE A 83 -7.78 40.88 -17.54
C ILE A 83 -8.02 40.62 -19.03
N PRO A 84 -8.32 41.67 -19.79
CA PRO A 84 -8.57 41.50 -21.21
C PRO A 84 -7.31 41.22 -22.02
N ILE A 85 -7.44 40.42 -23.06
CA ILE A 85 -6.32 40.14 -23.94
C ILE A 85 -6.78 40.68 -25.29
N ILE A 86 -6.10 41.70 -25.80
CA ILE A 86 -6.45 42.27 -27.09
C ILE A 86 -5.84 41.32 -28.12
N SER A 87 -6.61 40.31 -28.48
CA SER A 87 -6.14 39.27 -29.37
C SER A 87 -6.13 39.56 -30.85
N THR A 88 -5.00 40.07 -31.32
CA THR A 88 -4.78 40.40 -32.71
C THR A 88 -4.27 39.18 -33.51
N HIS A 89 -4.46 38.00 -32.95
CA HIS A 89 -4.05 36.75 -33.58
C HIS A 89 -5.30 35.92 -33.86
N GLN A 90 -5.16 34.87 -34.65
CA GLN A 90 -6.26 34.01 -35.01
C GLN A 90 -6.55 32.95 -33.98
N CYS A 91 -7.84 32.69 -33.76
CA CYS A 91 -8.27 31.64 -32.84
C CYS A 91 -8.58 30.47 -33.77
N GLY A 92 -7.96 29.33 -33.50
CA GLY A 92 -8.14 28.16 -34.34
C GLY A 92 -6.78 27.78 -34.90
N GLY A 93 -6.51 26.49 -35.02
CA GLY A 93 -5.24 26.04 -35.57
C GLY A 93 -4.15 25.67 -34.57
N ASN A 94 -4.23 26.19 -33.35
CA ASN A 94 -3.23 25.87 -32.34
C ASN A 94 -3.74 24.78 -31.41
N VAL A 95 -2.83 24.04 -30.78
CA VAL A 95 -3.18 22.94 -29.87
C VAL A 95 -4.13 23.36 -28.76
N GLY A 96 -5.35 22.82 -28.79
CA GLY A 96 -6.34 23.13 -27.79
C GLY A 96 -7.27 24.26 -28.19
N ASP A 97 -7.27 24.59 -29.47
CA ASP A 97 -8.13 25.66 -29.97
C ASP A 97 -9.48 25.19 -30.47
N ASP A 98 -10.52 25.42 -29.67
CA ASP A 98 -11.87 25.06 -30.08
C ASP A 98 -12.56 26.39 -30.40
N CYS A 99 -12.34 26.87 -31.62
CA CYS A 99 -12.87 28.15 -32.09
C CYS A 99 -12.38 28.34 -33.52
N ASN A 100 -12.81 29.42 -34.15
CA ASN A 100 -12.36 29.76 -35.50
C ASN A 100 -12.62 31.23 -35.72
N VAL A 101 -11.67 32.06 -35.33
CA VAL A 101 -11.80 33.49 -35.46
C VAL A 101 -10.53 34.07 -36.07
N PRO A 102 -10.46 34.11 -37.41
CA PRO A 102 -9.28 34.66 -38.08
C PRO A 102 -9.28 36.18 -37.93
N ILE A 103 -8.15 36.83 -38.19
CA ILE A 103 -8.13 38.29 -38.08
C ILE A 103 -8.94 38.86 -39.25
N PRO A 104 -9.42 40.11 -39.14
CA PRO A 104 -10.22 40.75 -40.20
C PRO A 104 -9.64 40.56 -41.62
N SER A 105 -10.46 40.04 -42.52
CA SER A 105 -10.07 39.77 -43.91
C SER A 105 -9.62 40.99 -44.73
N TRP A 106 -10.21 42.15 -44.44
CA TRP A 106 -9.87 43.38 -45.16
C TRP A 106 -8.42 43.80 -44.93
N VAL A 107 -7.84 43.35 -43.82
CA VAL A 107 -6.46 43.70 -43.46
C VAL A 107 -5.45 43.30 -44.54
N TRP A 108 -5.62 42.10 -45.06
CA TRP A 108 -4.72 41.57 -46.08
C TRP A 108 -4.70 42.39 -47.36
N ASN A 109 -5.76 43.17 -47.59
CA ASN A 109 -5.84 43.99 -48.80
C ASN A 109 -5.10 45.32 -48.71
N GLN A 110 -4.57 45.62 -47.54
CA GLN A 110 -3.83 46.87 -47.34
C GLN A 110 -2.48 46.91 -48.05
N LYS A 111 -1.97 45.73 -48.41
CA LYS A 111 -0.68 45.64 -49.07
C LYS A 111 -0.74 44.83 -50.36
N SER A 112 0.03 45.25 -51.35
CA SER A 112 0.08 44.54 -52.62
C SER A 112 1.23 43.52 -52.58
N ASP A 113 2.19 43.76 -51.70
CA ASP A 113 3.34 42.87 -51.54
C ASP A 113 3.05 41.70 -50.57
N ASP A 114 4.10 41.04 -50.07
CA ASP A 114 3.92 39.94 -49.14
C ASP A 114 4.47 40.26 -47.78
N SER A 115 4.46 41.54 -47.46
CA SER A 115 4.97 42.05 -46.20
C SER A 115 4.14 41.68 -44.96
N LEU A 116 2.85 41.38 -45.15
CA LEU A 116 1.96 41.09 -44.04
C LEU A 116 1.95 39.70 -43.42
N TYR A 117 2.36 38.70 -44.19
CA TYR A 117 2.34 37.32 -43.70
C TYR A 117 3.71 36.64 -43.68
N PHE A 118 3.72 35.37 -43.27
CA PHE A 118 4.95 34.59 -43.17
C PHE A 118 5.08 33.50 -44.23
N LYS A 119 6.33 33.19 -44.61
CA LYS A 119 6.61 32.12 -45.54
C LYS A 119 7.79 31.35 -44.95
N SER A 120 7.59 30.06 -44.73
CA SER A 120 8.63 29.24 -44.13
C SER A 120 9.72 28.88 -45.13
N GLU A 121 10.69 28.12 -44.65
CA GLU A 121 11.79 27.66 -45.47
C GLU A 121 11.29 26.96 -46.71
N THR A 122 10.25 26.14 -46.56
CA THR A 122 9.71 25.38 -47.67
C THR A 122 8.53 26.02 -48.42
N GLY A 123 8.33 27.31 -48.20
CA GLY A 123 7.24 28.01 -48.89
C GLY A 123 5.86 27.97 -48.25
N THR A 124 5.79 27.56 -46.98
CA THR A 124 4.52 27.50 -46.28
C THR A 124 4.11 28.89 -45.81
N VAL A 125 2.94 29.32 -46.27
CA VAL A 125 2.39 30.62 -45.93
C VAL A 125 1.59 30.62 -44.64
N ASN A 126 1.89 31.56 -43.74
CA ASN A 126 1.18 31.67 -42.49
C ASN A 126 0.48 33.03 -42.41
N LYS A 127 -0.81 33.00 -42.07
CA LYS A 127 -1.61 34.21 -41.96
C LYS A 127 -2.44 34.28 -40.68
N GLU A 128 -1.95 33.70 -39.59
CA GLU A 128 -2.74 33.75 -38.35
C GLU A 128 -2.46 35.00 -37.52
N THR A 129 -1.49 35.80 -37.96
CA THR A 129 -1.15 37.04 -37.27
C THR A 129 -0.30 37.84 -38.27
N LEU A 130 -0.31 39.17 -38.10
CA LEU A 130 0.46 40.07 -38.97
C LEU A 130 1.96 39.94 -38.74
N ASN A 131 2.73 39.96 -39.82
CA ASN A 131 4.18 39.84 -39.76
C ASN A 131 4.69 41.12 -39.12
N PRO A 132 5.40 41.01 -37.98
CA PRO A 132 5.96 42.15 -37.25
C PRO A 132 6.88 43.04 -38.10
N LEU A 133 7.25 42.56 -39.29
CA LEU A 133 8.08 43.33 -40.23
C LEU A 133 7.30 44.53 -40.75
N ALA A 134 6.00 44.37 -40.92
CA ALA A 134 5.09 45.43 -41.40
C ALA A 134 4.68 46.35 -40.26
N SER A 135 5.68 46.98 -39.64
CA SER A 135 5.44 47.87 -38.53
C SER A 135 4.58 49.10 -38.85
N ASP A 136 4.55 49.50 -40.11
CA ASP A 136 3.73 50.65 -40.51
C ASP A 136 2.24 50.30 -40.36
N VAL A 137 1.88 49.10 -40.81
CA VAL A 137 0.50 48.62 -40.71
C VAL A 137 0.18 48.32 -39.25
N ILE A 138 1.13 47.73 -38.52
CA ILE A 138 0.96 47.41 -37.11
C ILE A 138 0.72 48.67 -36.28
N ARG A 139 1.55 49.69 -36.49
CA ARG A 139 1.41 50.95 -35.77
C ARG A 139 0.01 51.52 -35.96
N LYS A 140 -0.43 51.62 -37.22
CA LYS A 140 -1.78 52.13 -37.53
C LYS A 140 -2.91 51.31 -36.94
N GLU A 141 -2.99 50.04 -37.32
CA GLU A 141 -4.05 49.16 -36.86
C GLU A 141 -4.12 48.89 -35.36
N TYR A 142 -2.97 48.58 -34.75
CA TYR A 142 -2.95 48.32 -33.31
C TYR A 142 -3.16 49.61 -32.53
N GLY A 143 -2.58 50.70 -33.03
CA GLY A 143 -2.76 51.98 -32.35
C GLY A 143 -4.23 52.32 -32.33
N GLU A 144 -4.89 52.17 -33.48
CA GLU A 144 -6.32 52.44 -33.62
C GLU A 144 -7.17 51.52 -32.76
N LEU A 145 -6.87 50.23 -32.79
CA LEU A 145 -7.61 49.25 -32.00
C LEU A 145 -7.45 49.45 -30.50
N TYR A 146 -6.23 49.69 -30.03
CA TYR A 146 -5.96 49.90 -28.61
C TYR A 146 -6.67 51.15 -28.10
N THR A 147 -6.63 52.21 -28.91
CA THR A 147 -7.26 53.47 -28.56
C THR A 147 -8.79 53.35 -28.51
N ALA A 148 -9.37 52.66 -29.47
CA ALA A 148 -10.81 52.48 -29.49
C ALA A 148 -11.27 51.55 -28.36
N PHE A 149 -10.45 50.57 -28.01
CA PHE A 149 -10.77 49.63 -26.94
C PHE A 149 -10.73 50.35 -25.59
N ALA A 150 -9.76 51.23 -25.41
CA ALA A 150 -9.63 52.00 -24.18
C ALA A 150 -10.89 52.85 -23.92
N ALA A 151 -11.36 53.55 -24.96
CA ALA A 151 -12.56 54.40 -24.87
C ALA A 151 -13.82 53.59 -24.55
N ALA A 152 -13.93 52.41 -25.16
CA ALA A 152 -15.06 51.53 -24.95
C ALA A 152 -15.06 50.88 -23.57
N MET A 153 -13.88 50.66 -23.00
CA MET A 153 -13.80 50.02 -21.69
C MET A 153 -13.70 51.02 -20.55
N LYS A 154 -13.57 52.29 -20.89
CA LYS A 154 -13.46 53.37 -19.90
C LYS A 154 -14.51 53.25 -18.79
N PRO A 155 -15.78 52.96 -19.12
CA PRO A 155 -16.81 52.83 -18.08
C PRO A 155 -16.60 51.70 -17.07
N TYR A 156 -15.83 50.70 -17.47
CA TYR A 156 -15.57 49.53 -16.62
C TYR A 156 -14.16 49.51 -16.05
N LYS A 157 -13.53 50.68 -15.98
CA LYS A 157 -12.18 50.80 -15.48
C LYS A 157 -11.98 50.04 -14.17
N ASP A 158 -12.95 50.17 -13.28
CA ASP A 158 -12.93 49.55 -11.95
C ASP A 158 -12.74 48.02 -11.90
N VAL A 159 -13.19 47.29 -12.92
CA VAL A 159 -13.05 45.83 -12.91
C VAL A 159 -11.86 45.33 -13.71
N ILE A 160 -11.10 46.23 -14.32
CA ILE A 160 -9.94 45.85 -15.11
C ILE A 160 -8.66 45.78 -14.26
N ALA A 161 -8.13 44.58 -14.09
CA ALA A 161 -6.92 44.35 -13.28
C ALA A 161 -5.62 44.63 -14.02
N LYS A 162 -5.58 44.33 -15.33
CA LYS A 162 -4.41 44.59 -16.17
C LYS A 162 -4.78 44.27 -17.61
N ILE A 163 -3.90 44.61 -18.55
CA ILE A 163 -4.18 44.34 -19.96
C ILE A 163 -3.09 43.45 -20.57
N TYR A 164 -3.47 42.48 -21.39
CA TYR A 164 -2.48 41.62 -22.05
C TYR A 164 -2.51 41.94 -23.53
N LEU A 165 -1.34 42.03 -24.13
CA LEU A 165 -1.27 42.30 -25.55
C LEU A 165 -0.90 40.98 -26.24
N SER A 166 -1.16 40.91 -27.54
CA SER A 166 -0.84 39.73 -28.33
C SER A 166 0.38 40.07 -29.20
N GLY A 167 1.50 39.39 -28.96
CA GLY A 167 2.70 39.63 -29.72
C GLY A 167 2.90 38.71 -30.91
N GLY A 168 1.95 37.83 -31.19
CA GLY A 168 2.08 36.92 -32.31
C GLY A 168 1.12 35.75 -32.29
N PRO A 169 1.44 34.63 -32.99
CA PRO A 169 0.54 33.47 -33.03
C PRO A 169 0.24 32.92 -31.64
N ALA A 170 -1.01 32.51 -31.43
CA ALA A 170 -1.47 31.99 -30.13
C ALA A 170 -1.28 33.00 -29.01
N GLY A 171 -1.14 34.27 -29.36
CA GLY A 171 -0.93 35.31 -28.38
C GLY A 171 0.47 35.39 -27.80
N GLU A 172 1.43 34.72 -28.43
CA GLU A 172 2.80 34.71 -27.93
C GLU A 172 3.78 35.48 -28.82
N LEU A 173 4.76 36.15 -28.20
CA LEU A 173 5.75 36.89 -28.97
C LEU A 173 6.74 35.93 -29.63
N ARG A 174 6.46 35.56 -30.88
CA ARG A 174 7.31 34.63 -31.63
C ARG A 174 6.89 34.53 -33.09
N TYR A 175 7.58 33.64 -33.82
CA TYR A 175 7.29 33.36 -35.21
C TYR A 175 6.48 32.06 -35.20
N PRO A 176 5.61 31.86 -36.20
CA PRO A 176 4.79 30.65 -36.30
C PRO A 176 5.65 29.52 -36.90
N SER A 177 6.69 29.14 -36.16
CA SER A 177 7.65 28.13 -36.58
C SER A 177 7.27 26.68 -36.37
N TYR A 178 6.25 26.42 -35.57
CA TYR A 178 5.83 25.04 -35.34
C TYR A 178 4.35 24.85 -35.65
N THR A 179 4.06 24.36 -36.84
CA THR A 179 2.71 24.14 -37.29
C THR A 179 2.65 22.81 -38.03
N THR A 180 1.49 22.16 -37.98
CA THR A 180 1.29 20.88 -38.66
C THR A 180 1.43 21.05 -40.18
N SER A 181 0.82 22.10 -40.71
CA SER A 181 0.88 22.39 -42.14
C SER A 181 2.31 22.56 -42.65
N ASP A 182 3.18 23.12 -41.82
CA ASP A 182 4.58 23.34 -42.15
C ASP A 182 5.38 22.09 -41.83
N GLY A 183 4.74 21.12 -41.19
CA GLY A 183 5.41 19.88 -40.82
C GLY A 183 6.43 20.11 -39.73
N THR A 184 6.12 21.05 -38.83
CA THR A 184 7.01 21.43 -37.74
C THR A 184 6.38 21.36 -36.36
N GLY A 185 5.28 20.62 -36.25
CA GLY A 185 4.62 20.49 -34.98
C GLY A 185 5.52 19.74 -33.99
N TYR A 186 5.24 19.89 -32.70
CA TYR A 186 6.00 19.21 -31.66
C TYR A 186 6.09 17.70 -31.98
N PRO A 187 7.24 17.06 -31.71
CA PRO A 187 8.48 17.59 -31.15
C PRO A 187 9.58 17.89 -32.19
N SER A 188 9.19 18.17 -33.43
CA SER A 188 10.16 18.45 -34.51
C SER A 188 10.87 19.78 -34.39
N ARG A 189 11.97 19.91 -35.11
CA ARG A 189 12.71 21.16 -35.13
C ARG A 189 11.78 22.14 -35.84
N GLY A 190 11.95 23.43 -35.59
CA GLY A 190 11.11 24.39 -36.26
C GLY A 190 11.75 24.90 -37.53
N LYS A 191 10.99 25.60 -38.35
CA LYS A 191 11.53 26.16 -39.59
C LYS A 191 11.55 27.69 -39.48
N PHE A 192 12.56 28.33 -40.05
CA PHE A 192 12.64 29.78 -40.01
C PHE A 192 11.53 30.34 -40.89
N GLN A 193 10.97 31.48 -40.45
CA GLN A 193 9.85 32.12 -41.13
C GLN A 193 10.17 33.48 -41.74
N ALA A 194 11.28 33.58 -42.44
CA ALA A 194 11.68 34.85 -43.07
C ALA A 194 11.90 34.67 -44.57
N TYR A 195 11.02 33.92 -45.23
CA TYR A 195 11.20 33.66 -46.66
C TYR A 195 10.29 34.38 -47.66
N THR A 196 9.62 35.42 -47.19
CA THR A 196 8.80 36.22 -48.07
C THR A 196 9.84 37.12 -48.75
N GLU A 197 9.48 37.74 -49.87
CA GLU A 197 10.41 38.63 -50.55
C GLU A 197 10.69 39.85 -49.68
N PHE A 198 9.65 40.29 -48.96
CA PHE A 198 9.78 41.43 -48.06
C PHE A 198 10.80 41.15 -46.97
N ALA A 199 10.74 39.96 -46.38
CA ALA A 199 11.68 39.57 -45.32
C ALA A 199 13.12 39.47 -45.83
N LYS A 200 13.30 38.98 -47.05
CA LYS A 200 14.64 38.86 -47.63
C LYS A 200 15.26 40.23 -47.83
N SER A 201 14.47 41.17 -48.36
CA SER A 201 14.95 42.54 -48.60
C SER A 201 15.29 43.24 -47.30
N LYS A 202 14.48 43.04 -46.28
CA LYS A 202 14.72 43.67 -44.99
C LYS A 202 16.02 43.14 -44.38
N PHE A 203 16.23 41.83 -44.45
CA PHE A 203 17.47 41.27 -43.91
C PHE A 203 18.63 41.87 -44.68
N ARG A 204 18.51 41.86 -46.01
CA ARG A 204 19.55 42.39 -46.88
C ARG A 204 19.92 43.82 -46.51
N LEU A 205 18.91 44.69 -46.38
CA LEU A 205 19.15 46.09 -46.05
C LEU A 205 19.68 46.30 -44.64
N TRP A 206 19.34 45.37 -43.74
CA TRP A 206 19.82 45.46 -42.36
C TRP A 206 21.32 45.20 -42.33
N VAL A 207 21.74 44.20 -43.10
CA VAL A 207 23.16 43.83 -43.20
C VAL A 207 24.00 44.94 -43.84
N LEU A 208 23.52 45.51 -44.93
CA LEU A 208 24.26 46.58 -45.61
C LEU A 208 24.30 47.84 -44.76
N ASN A 209 23.33 47.97 -43.86
CA ASN A 209 23.26 49.14 -42.98
C ASN A 209 24.36 49.00 -41.92
N LYS A 210 24.49 47.81 -41.37
CA LYS A 210 25.48 47.51 -40.37
C LYS A 210 26.92 47.58 -40.91
N TYR A 211 27.11 47.08 -42.13
CA TYR A 211 28.45 47.05 -42.74
C TYR A 211 28.77 48.13 -43.76
N GLY A 212 27.74 48.66 -44.40
CA GLY A 212 27.95 49.71 -45.38
C GLY A 212 27.86 49.20 -46.81
N SER A 213 28.73 48.24 -47.15
CA SER A 213 28.75 47.68 -48.50
C SER A 213 29.10 46.19 -48.49
N LEU A 214 28.95 45.55 -49.64
CA LEU A 214 29.25 44.12 -49.78
C LEU A 214 30.71 43.79 -49.49
N ASN A 215 31.60 44.72 -49.78
CA ASN A 215 33.02 44.47 -49.53
C ASN A 215 33.33 44.38 -48.05
N GLU A 216 32.54 45.07 -47.23
CA GLU A 216 32.74 45.02 -45.80
C GLU A 216 32.02 43.79 -45.23
N VAL A 217 30.87 43.44 -45.82
CA VAL A 217 30.11 42.27 -45.39
C VAL A 217 30.94 40.99 -45.59
N ASN A 218 31.55 40.86 -46.77
CA ASN A 218 32.38 39.71 -47.08
C ASN A 218 33.59 39.65 -46.15
N LYS A 219 34.12 40.81 -45.76
CA LYS A 219 35.24 40.84 -44.85
C LYS A 219 34.83 40.29 -43.50
N ALA A 220 33.67 40.77 -43.02
CA ALA A 220 33.14 40.38 -41.73
C ALA A 220 32.72 38.92 -41.66
N TRP A 221 32.09 38.43 -42.72
CA TRP A 221 31.64 37.05 -42.77
C TRP A 221 32.67 36.04 -43.28
N GLY A 222 33.72 36.53 -43.94
CA GLY A 222 34.72 35.64 -44.49
C GLY A 222 34.11 34.90 -45.66
N THR A 223 33.16 35.54 -46.32
CA THR A 223 32.44 34.96 -47.45
C THR A 223 32.91 35.55 -48.78
N LYS A 224 32.38 35.02 -49.87
CA LYS A 224 32.72 35.50 -51.20
C LYS A 224 31.47 35.70 -52.04
N LEU A 225 30.50 36.42 -51.49
CA LEU A 225 29.26 36.69 -52.21
C LEU A 225 29.64 37.60 -53.37
N ILE A 226 29.05 37.37 -54.53
CA ILE A 226 29.38 38.17 -55.70
C ILE A 226 28.55 39.44 -55.84
N SER A 227 27.32 39.42 -55.33
CA SER A 227 26.46 40.60 -55.37
C SER A 227 25.64 40.67 -54.10
N GLU A 228 24.96 41.80 -53.91
CA GLU A 228 24.13 42.04 -52.74
C GLU A 228 22.92 41.12 -52.68
N LEU A 229 22.42 40.72 -53.84
CA LEU A 229 21.26 39.84 -53.90
C LEU A 229 21.56 38.45 -53.31
N ALA A 230 22.84 38.15 -53.14
CA ALA A 230 23.26 36.87 -52.58
C ALA A 230 23.16 36.86 -51.05
N ILE A 231 22.89 38.03 -50.46
CA ILE A 231 22.70 38.17 -49.01
C ILE A 231 21.30 37.65 -48.76
N LEU A 232 21.20 36.42 -48.24
CA LEU A 232 19.91 35.78 -48.00
C LEU A 232 19.84 35.03 -46.67
N PRO A 233 18.62 34.67 -46.23
CA PRO A 233 18.47 33.93 -44.97
C PRO A 233 18.94 32.48 -45.26
N PRO A 234 19.18 31.67 -44.22
CA PRO A 234 19.64 30.28 -44.36
C PRO A 234 18.96 29.44 -45.44
N SER A 235 19.75 28.87 -46.35
CA SER A 235 19.19 28.02 -47.39
C SER A 235 18.80 26.65 -46.80
N ASP A 236 19.63 26.12 -45.92
CA ASP A 236 19.37 24.84 -45.27
C ASP A 236 19.19 25.13 -43.78
N GLY A 237 17.94 25.16 -43.33
CA GLY A 237 17.65 25.44 -41.94
C GLY A 237 18.30 24.49 -40.96
N GLU A 238 18.29 23.19 -41.27
CA GLU A 238 18.90 22.19 -40.38
C GLU A 238 20.41 22.32 -40.31
N GLN A 239 21.04 22.55 -41.45
CA GLN A 239 22.47 22.72 -41.49
C GLN A 239 22.83 23.97 -40.67
N PHE A 240 21.97 24.99 -40.76
CA PHE A 240 22.17 26.23 -40.01
C PHE A 240 22.13 25.96 -38.51
N LEU A 241 21.16 25.17 -38.08
CA LEU A 241 20.98 24.81 -36.67
C LEU A 241 22.10 23.88 -36.18
N MET A 242 22.68 23.15 -37.12
CA MET A 242 23.76 22.22 -36.87
C MET A 242 25.10 22.94 -36.66
N ASN A 243 25.42 23.90 -37.54
CA ASN A 243 26.68 24.64 -37.40
C ASN A 243 26.65 26.07 -37.96
N GLY A 244 25.77 26.32 -38.91
CA GLY A 244 25.67 27.65 -39.49
C GLY A 244 25.56 28.76 -38.47
N TYR A 245 24.81 28.52 -37.39
CA TYR A 245 24.62 29.54 -36.36
C TYR A 245 25.90 30.02 -35.69
N LEU A 246 26.96 29.21 -35.74
CA LEU A 246 28.25 29.55 -35.11
C LEU A 246 29.05 30.61 -35.88
N SER A 247 28.77 30.76 -37.17
CA SER A 247 29.48 31.73 -38.00
C SER A 247 29.03 33.15 -37.74
N MET A 248 29.81 34.12 -38.22
CA MET A 248 29.47 35.54 -38.06
C MET A 248 28.16 35.82 -38.80
N TYR A 249 27.98 35.13 -39.93
CA TYR A 249 26.76 35.26 -40.72
C TYR A 249 25.60 34.76 -39.86
N GLY A 250 25.79 33.60 -39.25
CA GLY A 250 24.77 33.00 -38.40
C GLY A 250 24.39 33.89 -37.23
N LYS A 251 25.39 34.45 -36.57
CA LYS A 251 25.16 35.35 -35.45
C LYS A 251 24.40 36.59 -35.92
N ASP A 252 24.77 37.10 -37.10
CA ASP A 252 24.11 38.27 -37.66
C ASP A 252 22.66 38.03 -38.04
N TYR A 253 22.40 36.90 -38.67
CA TYR A 253 21.05 36.55 -39.07
C TYR A 253 20.15 36.39 -37.84
N LEU A 254 20.65 35.71 -36.82
CA LEU A 254 19.90 35.49 -35.58
C LEU A 254 19.71 36.79 -34.80
N GLU A 255 20.67 37.71 -34.90
CA GLU A 255 20.54 38.99 -34.24
C GLU A 255 19.36 39.72 -34.89
N TRP A 256 19.33 39.72 -36.23
CA TRP A 256 18.24 40.37 -36.96
C TRP A 256 16.91 39.67 -36.76
N TYR A 257 16.92 38.35 -36.89
CA TYR A 257 15.72 37.54 -36.75
C TYR A 257 15.03 37.80 -35.42
N GLN A 258 15.80 37.74 -34.33
CA GLN A 258 15.24 37.98 -33.01
C GLN A 258 14.94 39.45 -32.78
N GLY A 259 15.79 40.30 -33.35
CA GLY A 259 15.63 41.74 -33.22
C GLY A 259 14.28 42.24 -33.67
N ILE A 260 13.72 41.65 -34.73
CA ILE A 260 12.40 42.02 -35.25
C ILE A 260 11.36 41.87 -34.13
N LEU A 261 11.50 40.83 -33.32
CA LEU A 261 10.58 40.58 -32.22
C LEU A 261 10.73 41.60 -31.10
N GLU A 262 11.98 42.01 -30.85
CA GLU A 262 12.28 42.99 -29.82
C GLU A 262 11.72 44.35 -30.21
N ASN A 263 11.88 44.73 -31.48
CA ASN A 263 11.36 46.01 -31.96
C ASN A 263 9.83 45.99 -31.88
N HIS A 264 9.23 44.87 -32.25
CA HIS A 264 7.78 44.69 -32.19
C HIS A 264 7.30 44.90 -30.74
N THR A 265 8.03 44.33 -29.79
CA THR A 265 7.73 44.42 -28.37
C THR A 265 7.71 45.88 -27.94
N LYS A 266 8.73 46.65 -28.34
CA LYS A 266 8.80 48.05 -27.98
C LYS A 266 7.70 48.88 -28.62
N LEU A 267 7.31 48.53 -29.84
CA LEU A 267 6.25 49.23 -30.56
C LEU A 267 4.88 49.02 -29.90
N ILE A 268 4.41 47.77 -29.85
CA ILE A 268 3.12 47.50 -29.23
C ILE A 268 3.07 47.95 -27.76
N GLY A 269 4.24 47.94 -27.11
CA GLY A 269 4.33 48.40 -25.73
C GLY A 269 4.08 49.90 -25.64
N GLU A 270 4.65 50.65 -26.60
CA GLU A 270 4.52 52.11 -26.66
C GLU A 270 3.07 52.49 -26.95
N LEU A 271 2.47 51.78 -27.89
CA LEU A 271 1.09 52.00 -28.29
C LEU A 271 0.13 51.69 -27.14
N ALA A 272 0.38 50.59 -26.45
CA ALA A 272 -0.47 50.18 -25.32
C ALA A 272 -0.42 51.22 -24.21
N HIS A 273 0.78 51.58 -23.77
CA HIS A 273 0.95 52.58 -22.70
C HIS A 273 0.28 53.90 -23.04
N ASN A 274 0.46 54.34 -24.29
CA ASN A 274 -0.15 55.59 -24.76
C ASN A 274 -1.66 55.52 -24.71
N ALA A 275 -2.19 54.34 -25.04
CA ALA A 275 -3.63 54.16 -25.07
C ALA A 275 -4.29 53.92 -23.72
N PHE A 276 -3.65 53.14 -22.85
CA PHE A 276 -4.24 52.76 -21.56
C PHE A 276 -3.75 53.43 -20.29
N ASP A 277 -2.52 53.89 -20.27
CA ASP A 277 -1.98 54.45 -19.04
C ASP A 277 -2.80 55.51 -18.31
N THR A 278 -3.04 56.63 -18.96
CA THR A 278 -3.79 57.73 -18.37
C THR A 278 -5.20 57.35 -17.93
N THR A 279 -5.80 56.39 -18.61
CA THR A 279 -7.16 55.98 -18.28
C THR A 279 -7.30 54.87 -17.23
N PHE A 280 -6.54 53.80 -17.41
CA PHE A 280 -6.62 52.66 -16.50
C PHE A 280 -5.53 52.57 -15.46
N GLN A 281 -4.32 52.99 -15.83
CA GLN A 281 -3.19 52.95 -14.90
C GLN A 281 -2.98 51.54 -14.34
N VAL A 282 -3.06 50.55 -15.23
CA VAL A 282 -2.85 49.17 -14.83
C VAL A 282 -1.63 48.61 -15.55
N PRO A 283 -1.07 47.51 -15.02
CA PRO A 283 0.09 46.86 -15.62
C PRO A 283 -0.31 46.28 -16.98
N ILE A 284 0.65 46.22 -17.90
CA ILE A 284 0.41 45.68 -19.23
C ILE A 284 1.45 44.58 -19.41
N GLY A 285 1.04 43.44 -19.94
CA GLY A 285 1.98 42.35 -20.13
C GLY A 285 1.84 41.63 -21.46
N ALA A 286 2.86 40.86 -21.80
CA ALA A 286 2.85 40.08 -23.04
C ALA A 286 3.40 38.71 -22.67
N LYS A 287 3.28 37.76 -23.59
CA LYS A 287 3.71 36.39 -23.35
C LYS A 287 4.83 35.88 -24.22
N ILE A 288 5.65 35.02 -23.62
CA ILE A 288 6.76 34.37 -24.30
C ILE A 288 6.39 32.89 -24.27
N ALA A 289 6.43 32.24 -25.42
CA ALA A 289 6.08 30.84 -25.51
C ALA A 289 7.13 29.93 -24.86
N GLY A 290 6.68 28.76 -24.42
CA GLY A 290 7.59 27.80 -23.82
C GLY A 290 7.91 26.73 -24.85
N VAL A 291 8.99 26.94 -25.60
CA VAL A 291 9.40 26.00 -26.64
C VAL A 291 10.47 25.10 -26.00
N HIS A 292 10.00 24.05 -25.34
CA HIS A 292 10.85 23.09 -24.62
C HIS A 292 11.46 21.91 -25.36
N TRP A 293 10.91 21.53 -26.51
CA TRP A 293 11.44 20.40 -27.25
C TRP A 293 12.67 20.81 -28.04
N GLN A 294 13.51 19.84 -28.36
CA GLN A 294 14.77 20.06 -29.10
C GLN A 294 15.74 20.98 -28.37
N TYR A 295 15.51 21.13 -27.07
CA TYR A 295 16.32 21.98 -26.21
C TYR A 295 17.76 21.48 -26.07
N ASN A 296 17.89 20.24 -25.60
CA ASN A 296 19.20 19.64 -25.40
C ASN A 296 19.62 18.68 -26.52
N ASN A 297 19.07 18.84 -27.72
CA ASN A 297 19.43 17.97 -28.83
C ASN A 297 20.93 18.22 -29.04
N PRO A 298 21.73 17.13 -29.10
CA PRO A 298 23.18 17.30 -29.30
C PRO A 298 23.59 17.78 -30.69
N THR A 299 22.86 17.39 -31.73
CA THR A 299 23.19 17.80 -33.09
C THR A 299 22.59 19.15 -33.52
N ILE A 300 21.40 19.47 -33.02
CA ILE A 300 20.72 20.74 -33.31
C ILE A 300 20.29 21.35 -31.99
N PRO A 301 21.25 21.92 -31.24
CA PRO A 301 20.91 22.52 -29.96
C PRO A 301 19.84 23.61 -30.10
N HIS A 302 18.77 23.47 -29.31
CA HIS A 302 17.66 24.42 -29.29
C HIS A 302 17.03 24.56 -30.68
N GLY A 303 16.86 23.43 -31.37
CA GLY A 303 16.32 23.45 -32.70
C GLY A 303 14.89 23.89 -32.89
N ALA A 304 14.19 24.13 -31.79
CA ALA A 304 12.80 24.57 -31.87
C ALA A 304 12.64 26.03 -31.44
N GLU A 305 13.46 26.44 -30.46
CA GLU A 305 13.42 27.82 -29.97
C GLU A 305 13.95 28.81 -30.99
N LYS A 306 15.11 28.50 -31.58
CA LYS A 306 15.74 29.38 -32.54
C LYS A 306 14.84 29.76 -33.70
N PRO A 307 14.20 28.78 -34.36
CA PRO A 307 13.30 29.08 -35.48
C PRO A 307 12.08 29.89 -35.02
N ALA A 308 11.78 29.81 -33.72
CA ALA A 308 10.66 30.56 -33.14
C ALA A 308 11.07 32.02 -32.85
N GLY A 309 12.37 32.29 -32.89
CA GLY A 309 12.84 33.64 -32.65
C GLY A 309 13.58 33.81 -31.33
N TYR A 310 13.68 32.76 -30.53
CA TYR A 310 14.36 32.84 -29.23
C TYR A 310 15.81 32.35 -29.28
N ASN A 311 16.74 33.27 -29.48
CA ASN A 311 18.16 32.94 -29.53
C ASN A 311 18.87 33.31 -28.21
N ASP A 312 18.55 34.48 -27.68
CA ASP A 312 19.16 34.98 -26.46
C ASP A 312 18.05 35.57 -25.59
N TYR A 313 17.62 34.79 -24.59
CA TYR A 313 16.56 35.21 -23.68
C TYR A 313 16.88 36.47 -22.90
N SER A 314 18.15 36.64 -22.52
CA SER A 314 18.54 37.82 -21.76
C SER A 314 18.31 39.11 -22.55
N HIS A 315 18.65 39.10 -23.83
CA HIS A 315 18.46 40.26 -24.67
C HIS A 315 16.97 40.45 -25.02
N LEU A 316 16.23 39.35 -25.07
CA LEU A 316 14.82 39.43 -25.39
C LEU A 316 14.10 40.06 -24.21
N LEU A 317 14.44 39.62 -23.01
CA LEU A 317 13.84 40.15 -21.80
C LEU A 317 14.16 41.62 -21.56
N ASP A 318 15.31 42.06 -22.05
CA ASP A 318 15.72 43.46 -21.94
C ASP A 318 14.71 44.31 -22.70
N ALA A 319 14.17 43.77 -23.78
CA ALA A 319 13.20 44.48 -24.59
C ALA A 319 11.88 44.72 -23.83
N PHE A 320 11.46 43.73 -23.06
CA PHE A 320 10.24 43.82 -22.24
C PHE A 320 10.44 44.90 -21.17
N LYS A 321 11.62 44.89 -20.56
CA LYS A 321 11.98 45.84 -19.54
C LYS A 321 11.88 47.28 -20.08
N SER A 322 12.54 47.54 -21.21
CA SER A 322 12.49 48.87 -21.80
C SER A 322 11.07 49.24 -22.29
N ALA A 323 10.31 48.24 -22.72
CA ALA A 323 8.95 48.47 -23.20
C ALA A 323 7.97 48.61 -22.05
N LYS A 324 8.44 48.37 -20.83
CA LYS A 324 7.60 48.43 -19.65
C LYS A 324 6.45 47.44 -19.70
N LEU A 325 6.79 46.19 -20.00
CA LEU A 325 5.79 45.13 -20.07
C LEU A 325 6.14 44.03 -19.07
N ASP A 326 5.12 43.46 -18.43
CA ASP A 326 5.33 42.36 -17.50
C ASP A 326 5.38 41.14 -18.42
N VAL A 327 6.04 40.08 -17.99
CA VAL A 327 6.15 38.90 -18.83
C VAL A 327 5.42 37.67 -18.25
N THR A 328 4.80 36.90 -19.15
CA THR A 328 4.10 35.67 -18.80
C THR A 328 4.79 34.50 -19.49
N PHE A 329 5.14 33.49 -18.71
CA PHE A 329 5.78 32.32 -19.26
C PHE A 329 4.81 31.15 -19.08
N THR A 330 5.10 30.04 -19.73
CA THR A 330 4.24 28.87 -19.60
C THR A 330 5.03 27.61 -19.27
N CYS A 331 4.34 26.48 -19.16
CA CYS A 331 4.96 25.18 -18.88
C CYS A 331 5.32 24.95 -17.41
N LEU A 332 4.70 25.71 -16.50
CA LEU A 332 5.02 25.55 -15.08
C LEU A 332 4.68 24.16 -14.54
N GLU A 333 3.78 23.47 -15.22
CA GLU A 333 3.35 22.15 -14.77
C GLU A 333 4.19 20.96 -15.26
N MET A 334 5.20 21.22 -16.08
CA MET A 334 6.00 20.13 -16.65
C MET A 334 7.35 19.86 -16.00
N THR A 335 7.88 18.68 -16.29
CA THR A 335 9.18 18.22 -15.78
C THR A 335 10.14 17.96 -16.93
N ASP A 336 11.44 18.02 -16.64
CA ASP A 336 12.45 17.77 -17.64
C ASP A 336 12.48 16.29 -18.01
N LYS A 337 12.71 16.02 -19.30
CA LYS A 337 12.83 14.67 -19.83
C LYS A 337 14.23 14.67 -20.44
N GLY A 338 14.39 15.45 -21.50
CA GLY A 338 15.69 15.58 -22.15
C GLY A 338 16.24 14.36 -22.84
N SER A 339 15.36 13.47 -23.25
CA SER A 339 15.77 12.26 -23.90
C SER A 339 15.32 12.26 -25.35
N TYR A 340 15.98 11.44 -26.17
CA TYR A 340 15.64 11.30 -27.57
C TYR A 340 14.27 10.62 -27.59
N PRO A 341 13.41 10.95 -28.56
CA PRO A 341 13.61 11.92 -29.65
C PRO A 341 13.16 13.36 -29.38
N GLU A 342 12.38 13.59 -28.32
CA GLU A 342 11.87 14.93 -28.01
C GLU A 342 12.83 15.97 -27.43
N TYR A 343 13.81 15.52 -26.64
CA TYR A 343 14.80 16.39 -26.00
C TYR A 343 14.09 17.58 -25.33
N SER A 344 13.05 17.26 -24.58
CA SER A 344 12.22 18.23 -23.89
C SER A 344 12.72 18.61 -22.49
N MET A 345 13.08 19.89 -22.31
CA MET A 345 13.57 20.38 -21.02
C MET A 345 12.73 21.57 -20.50
N PRO A 346 11.41 21.39 -20.36
CA PRO A 346 10.53 22.47 -19.88
C PRO A 346 10.86 23.10 -18.53
N LYS A 347 11.22 22.27 -17.54
CA LYS A 347 11.53 22.78 -16.22
C LYS A 347 12.81 23.63 -16.19
N THR A 348 13.83 23.22 -16.96
CA THR A 348 15.08 23.98 -17.04
C THR A 348 14.83 25.32 -17.69
N LEU A 349 14.02 25.30 -18.75
CA LEU A 349 13.64 26.50 -19.50
C LEU A 349 13.05 27.53 -18.55
N VAL A 350 12.03 27.10 -17.80
CA VAL A 350 11.31 27.94 -16.85
C VAL A 350 12.23 28.52 -15.78
N GLN A 351 13.07 27.67 -15.20
CA GLN A 351 14.00 28.12 -14.16
C GLN A 351 14.92 29.23 -14.66
N ASN A 352 15.47 29.06 -15.86
CA ASN A 352 16.37 30.05 -16.44
C ASN A 352 15.65 31.38 -16.72
N ILE A 353 14.49 31.29 -17.37
CA ILE A 353 13.71 32.49 -17.69
C ILE A 353 13.33 33.24 -16.41
N ALA A 354 12.86 32.53 -15.39
CA ALA A 354 12.49 33.14 -14.12
C ALA A 354 13.67 33.85 -13.50
N THR A 355 14.84 33.22 -13.58
CA THR A 355 16.06 33.80 -13.03
C THR A 355 16.44 35.12 -13.71
N LEU A 356 16.42 35.13 -15.04
CA LEU A 356 16.73 36.33 -15.81
C LEU A 356 15.76 37.46 -15.48
N ALA A 357 14.46 37.15 -15.51
CA ALA A 357 13.43 38.14 -15.23
C ALA A 357 13.61 38.70 -13.82
N ASN A 358 13.87 37.83 -12.86
CA ASN A 358 14.06 38.26 -11.49
C ASN A 358 15.25 39.16 -11.28
N GLU A 359 16.35 38.88 -11.98
CA GLU A 359 17.55 39.72 -11.87
C GLU A 359 17.37 41.05 -12.60
N LYS A 360 16.54 41.05 -13.64
CA LYS A 360 16.26 42.26 -14.40
C LYS A 360 15.14 43.05 -13.75
N GLY A 361 14.46 42.45 -12.78
CA GLY A 361 13.39 43.15 -12.10
C GLY A 361 12.13 43.26 -12.92
N ILE A 362 11.86 42.25 -13.73
CA ILE A 362 10.67 42.21 -14.56
C ILE A 362 9.64 41.36 -13.78
N VAL A 363 8.41 41.88 -13.65
CA VAL A 363 7.36 41.16 -12.93
C VAL A 363 7.06 39.92 -13.74
N LEU A 364 7.03 38.78 -13.05
CA LEU A 364 6.86 37.48 -13.69
C LEU A 364 5.52 36.79 -13.40
N ASN A 365 4.89 36.27 -14.46
CA ASN A 365 3.61 35.57 -14.36
C ASN A 365 3.71 34.22 -15.08
N GLY A 366 2.94 33.22 -14.63
CA GLY A 366 3.01 31.92 -15.25
C GLY A 366 1.70 31.30 -15.65
N GLU A 367 1.76 30.33 -16.55
CA GLU A 367 0.60 29.58 -17.04
C GLU A 367 1.00 28.13 -17.24
N ASN A 368 -0.01 27.25 -17.24
CA ASN A 368 0.22 25.84 -17.49
C ASN A 368 0.08 25.73 -19.01
N ALA A 369 0.92 24.91 -19.62
CA ALA A 369 0.90 24.72 -21.05
C ALA A 369 -0.31 23.93 -21.52
N LEU A 370 -0.61 22.83 -20.83
CA LEU A 370 -1.72 21.97 -21.19
C LEU A 370 -2.71 21.82 -20.05
N SER A 371 -3.90 21.30 -20.35
CA SER A 371 -4.91 21.10 -19.32
C SER A 371 -4.41 20.14 -18.26
N ILE A 372 -4.75 20.46 -17.02
CA ILE A 372 -4.36 19.67 -15.87
C ILE A 372 -5.53 18.82 -15.39
N GLY A 373 -5.32 17.50 -15.37
CA GLY A 373 -6.34 16.58 -14.90
C GLY A 373 -5.99 15.88 -13.60
N ASN A 374 -4.85 16.20 -13.01
CA ASN A 374 -4.42 15.57 -11.76
C ASN A 374 -3.70 16.56 -10.88
N GLU A 375 -3.95 16.46 -9.57
CA GLU A 375 -3.34 17.37 -8.60
C GLU A 375 -1.82 17.34 -8.55
N GLU A 376 -1.22 16.33 -9.17
CA GLU A 376 0.23 16.22 -9.18
C GLU A 376 0.83 17.37 -9.97
N GLU A 377 0.12 17.79 -11.03
CA GLU A 377 0.62 18.90 -11.82
C GLU A 377 0.46 20.18 -11.02
N TYR A 378 -0.61 20.27 -10.22
CA TYR A 378 -0.82 21.46 -9.41
C TYR A 378 0.37 21.59 -8.50
N LYS A 379 0.84 20.46 -8.00
CA LYS A 379 2.00 20.42 -7.13
C LYS A 379 3.26 20.94 -7.82
N ARG A 380 3.44 20.57 -9.08
CA ARG A 380 4.60 21.02 -9.84
C ARG A 380 4.51 22.53 -10.11
N VAL A 381 3.31 23.02 -10.41
CA VAL A 381 3.10 24.45 -10.65
C VAL A 381 3.43 25.21 -9.38
N ALA A 382 2.97 24.70 -8.24
CA ALA A 382 3.22 25.33 -6.94
C ALA A 382 4.71 25.48 -6.62
N GLU A 383 5.49 24.44 -6.91
CA GLU A 383 6.92 24.49 -6.64
C GLU A 383 7.58 25.64 -7.40
N MET A 384 7.30 25.75 -8.69
CA MET A 384 7.88 26.80 -9.51
C MET A 384 7.37 28.19 -9.15
N ALA A 385 6.05 28.32 -9.04
CA ALA A 385 5.42 29.61 -8.72
C ALA A 385 5.88 30.21 -7.40
N PHE A 386 5.86 29.41 -6.34
CA PHE A 386 6.22 29.89 -5.00
C PHE A 386 7.72 29.94 -4.65
N ASN A 387 8.57 29.32 -5.47
CA ASN A 387 10.00 29.33 -5.22
C ASN A 387 10.79 30.18 -6.21
N TYR A 388 10.13 30.60 -7.29
CA TYR A 388 10.77 31.43 -8.30
C TYR A 388 10.16 32.81 -8.45
N ASN A 389 9.59 33.29 -7.36
CA ASN A 389 9.02 34.64 -7.28
C ASN A 389 7.99 35.06 -8.33
N PHE A 390 7.12 34.12 -8.71
CA PHE A 390 6.08 34.43 -9.68
C PHE A 390 5.02 35.32 -9.00
N ALA A 391 4.67 36.41 -9.66
CA ALA A 391 3.68 37.36 -9.17
C ALA A 391 2.26 36.86 -9.42
N GLY A 392 2.13 35.92 -10.35
CA GLY A 392 0.82 35.37 -10.64
C GLY A 392 0.84 34.09 -11.44
N PHE A 393 -0.27 33.38 -11.40
CA PHE A 393 -0.42 32.13 -12.15
C PHE A 393 -1.82 32.12 -12.75
N THR A 394 -1.91 31.77 -14.03
CA THR A 394 -3.19 31.72 -14.73
C THR A 394 -3.47 30.30 -15.18
N LEU A 395 -4.63 29.78 -14.77
CA LEU A 395 -5.03 28.44 -15.12
C LEU A 395 -5.81 28.29 -16.41
N LEU A 396 -5.31 27.41 -17.27
CA LEU A 396 -5.95 27.10 -18.53
C LEU A 396 -6.60 25.72 -18.24
N ARG A 397 -7.92 25.61 -18.32
CA ARG A 397 -8.84 26.68 -18.71
C ARG A 397 -10.16 26.46 -17.96
N TYR A 398 -10.97 27.51 -17.88
CA TYR A 398 -12.31 27.53 -17.26
C TYR A 398 -13.02 26.18 -17.06
N GLN A 399 -13.43 25.56 -18.16
CA GLN A 399 -14.16 24.28 -18.15
C GLN A 399 -13.56 23.17 -17.30
N ASP A 400 -12.22 23.10 -17.26
CA ASP A 400 -11.51 22.08 -16.51
C ASP A 400 -11.86 21.97 -15.03
N VAL A 401 -11.97 23.11 -14.35
CA VAL A 401 -12.29 23.12 -12.94
C VAL A 401 -13.72 23.57 -12.63
N MET A 402 -14.33 24.27 -13.56
CA MET A 402 -15.68 24.77 -13.34
C MET A 402 -16.67 23.61 -13.25
N TYR A 403 -16.40 22.55 -13.98
CA TYR A 403 -17.27 21.37 -14.00
C TYR A 403 -16.66 20.15 -13.30
N ASN A 404 -15.67 20.39 -12.44
CA ASN A 404 -15.01 19.34 -11.69
C ASN A 404 -14.66 19.90 -10.31
N ASN A 405 -15.56 19.68 -9.36
CA ASN A 405 -15.38 20.16 -8.00
C ASN A 405 -14.17 19.59 -7.30
N SER A 406 -13.81 18.35 -7.64
CA SER A 406 -12.67 17.69 -7.03
C SER A 406 -11.39 18.43 -7.42
N LEU A 407 -11.22 18.67 -8.70
CA LEU A 407 -10.04 19.40 -9.17
C LEU A 407 -10.07 20.83 -8.63
N MET A 408 -11.26 21.41 -8.60
CA MET A 408 -11.41 22.78 -8.11
C MET A 408 -10.92 22.88 -6.68
N GLY A 409 -11.27 21.89 -5.85
CA GLY A 409 -10.86 21.87 -4.46
C GLY A 409 -9.35 21.74 -4.28
N LYS A 410 -8.72 20.91 -5.10
CA LYS A 410 -7.27 20.72 -5.06
C LYS A 410 -6.58 22.01 -5.52
N PHE A 411 -7.16 22.69 -6.50
CA PHE A 411 -6.58 23.94 -6.98
C PHE A 411 -6.60 24.95 -5.85
N LYS A 412 -7.76 25.11 -5.22
CA LYS A 412 -7.89 26.07 -4.12
C LYS A 412 -6.82 25.83 -3.05
N ASP A 413 -6.72 24.58 -2.61
CA ASP A 413 -5.75 24.21 -1.57
C ASP A 413 -4.29 24.55 -1.90
N LEU A 414 -3.84 24.13 -3.08
CA LEU A 414 -2.45 24.33 -3.47
C LEU A 414 -2.07 25.64 -4.13
N LEU A 415 -2.96 26.18 -4.94
CA LEU A 415 -2.65 27.41 -5.68
C LEU A 415 -3.59 28.61 -5.50
N GLY A 416 -4.80 28.36 -5.02
CA GLY A 416 -5.73 29.47 -4.81
C GLY A 416 -5.53 30.04 -3.42
N VAL A 417 -4.30 30.48 -3.15
CA VAL A 417 -3.95 30.99 -1.83
C VAL A 417 -3.72 32.50 -1.74
N THR A 418 -3.91 33.01 -0.52
CA THR A 418 -3.71 34.42 -0.21
C THR A 418 -2.43 34.55 0.62
N PRO A 419 -1.44 35.32 0.11
CA PRO A 419 -0.17 35.51 0.84
C PRO A 419 -0.36 36.42 2.04
N VAL A 420 0.13 36.00 3.21
CA VAL A 420 0.04 36.83 4.41
C VAL A 420 1.38 36.90 5.15
N MET A 421 1.82 38.11 5.46
CA MET A 421 3.07 38.36 6.16
C MET A 421 2.96 37.89 7.62
N GLN A 422 3.90 37.05 8.05
CA GLN A 422 3.93 36.53 9.42
C GLN A 422 5.35 36.56 9.92
N THR A 423 5.52 36.60 11.24
CA THR A 423 6.86 36.61 11.81
C THR A 423 7.17 35.29 12.51
N ILE A 424 8.22 34.62 12.07
CA ILE A 424 8.62 33.36 12.67
C ILE A 424 9.79 33.66 13.61
N VAL A 425 9.66 33.26 14.86
CA VAL A 425 10.70 33.50 15.86
C VAL A 425 11.16 32.18 16.45
N VAL A 426 12.47 31.98 16.47
CA VAL A 426 13.07 30.77 17.02
C VAL A 426 14.10 31.17 18.08
N LYS A 427 13.89 30.69 19.29
CA LYS A 427 14.74 30.97 20.44
C LYS A 427 15.77 29.87 20.66
N ASN A 428 16.86 30.23 21.34
CA ASN A 428 17.94 29.32 21.71
C ASN A 428 18.70 28.60 20.59
N VAL A 429 18.95 29.28 19.48
CA VAL A 429 19.66 28.65 18.37
C VAL A 429 21.18 28.66 18.65
N PRO A 430 21.77 27.46 18.88
CA PRO A 430 23.19 27.30 19.16
C PRO A 430 24.12 27.54 17.97
N THR A 431 24.18 28.79 17.52
CA THR A 431 25.01 29.17 16.39
C THR A 431 26.40 29.64 16.83
N THR A 432 27.31 29.63 15.87
CA THR A 432 28.69 30.10 16.07
C THR A 432 28.99 31.04 14.91
N ILE A 433 30.10 31.78 14.99
CA ILE A 433 30.45 32.72 13.93
C ILE A 433 30.39 32.08 12.54
N GLY A 434 29.62 32.69 11.64
CA GLY A 434 29.51 32.16 10.29
C GLY A 434 28.27 31.32 10.02
N ASP A 435 27.58 30.92 11.09
CA ASP A 435 26.36 30.12 10.97
C ASP A 435 25.16 30.97 10.56
N THR A 436 24.31 30.41 9.70
CA THR A 436 23.08 31.10 9.27
C THR A 436 21.92 30.18 9.62
N VAL A 437 20.77 30.76 9.98
CA VAL A 437 19.59 29.96 10.34
C VAL A 437 18.52 30.05 9.26
N TYR A 438 17.90 28.90 8.95
CA TYR A 438 16.86 28.85 7.94
C TYR A 438 15.67 28.05 8.45
N ILE A 439 14.58 28.08 7.69
CA ILE A 439 13.39 27.28 7.98
C ILE A 439 12.93 26.69 6.66
N THR A 440 12.40 25.47 6.71
CA THR A 440 11.88 24.77 5.55
C THR A 440 10.66 24.00 6.05
N GLY A 441 9.70 23.73 5.17
CA GLY A 441 8.49 23.06 5.59
C GLY A 441 7.86 22.22 4.52
N ASN A 442 6.70 21.66 4.85
CA ASN A 442 5.98 20.77 3.95
C ASN A 442 5.40 21.31 2.67
N ARG A 443 4.85 22.52 2.71
CA ARG A 443 4.26 23.11 1.52
C ARG A 443 5.29 23.74 0.59
N ALA A 444 4.90 23.92 -0.68
CA ALA A 444 5.77 24.52 -1.69
C ALA A 444 6.14 25.95 -1.30
N GLU A 445 5.27 26.61 -0.55
CA GLU A 445 5.53 27.96 -0.08
C GLU A 445 6.70 27.95 0.91
N LEU A 446 6.96 26.79 1.51
CA LEU A 446 8.04 26.65 2.48
C LEU A 446 9.28 25.92 1.95
N GLY A 447 9.31 25.67 0.64
CA GLY A 447 10.44 24.99 0.05
C GLY A 447 10.36 23.47 0.04
N SER A 448 9.21 22.92 0.45
CA SER A 448 8.99 21.49 0.47
C SER A 448 10.12 20.66 1.09
N TRP A 449 10.56 21.05 2.29
CA TRP A 449 11.62 20.37 3.02
C TRP A 449 13.00 20.45 2.38
N ASP A 450 13.12 21.23 1.30
CA ASP A 450 14.41 21.38 0.66
C ASP A 450 15.30 22.29 1.49
N THR A 451 16.55 21.90 1.66
CA THR A 451 17.49 22.70 2.43
C THR A 451 18.60 23.21 1.51
N LYS A 452 18.66 22.67 0.29
CA LYS A 452 19.68 23.07 -0.67
C LYS A 452 19.44 24.45 -1.27
N GLN A 453 18.37 24.62 -2.05
CA GLN A 453 18.13 25.92 -2.65
C GLN A 453 16.83 26.66 -2.35
N TYR A 454 15.87 25.97 -1.71
CA TYR A 454 14.58 26.59 -1.40
C TYR A 454 14.28 27.05 0.06
N PRO A 455 15.19 26.80 1.04
CA PRO A 455 14.88 27.24 2.41
C PRO A 455 14.77 28.75 2.63
N ILE A 456 13.96 29.14 3.61
CA ILE A 456 13.75 30.54 3.95
C ILE A 456 14.69 30.96 5.08
N GLN A 457 15.48 31.98 4.81
CA GLN A 457 16.46 32.47 5.78
C GLN A 457 15.92 33.39 6.86
N LEU A 458 16.43 33.19 8.07
CA LEU A 458 16.07 34.00 9.23
C LEU A 458 17.29 34.86 9.52
N TYR A 459 17.11 35.88 10.34
CA TYR A 459 18.19 36.77 10.68
C TYR A 459 18.21 37.02 12.18
N TYR A 460 19.41 37.21 12.72
CA TYR A 460 19.58 37.44 14.15
C TYR A 460 19.14 38.83 14.57
N ASP A 461 18.36 38.89 15.65
CA ASP A 461 17.84 40.13 16.20
C ASP A 461 18.67 40.47 17.43
N SER A 462 19.72 41.25 17.24
CA SER A 462 20.62 41.66 18.32
C SER A 462 19.90 42.12 19.59
N HIS A 463 18.80 42.84 19.43
CA HIS A 463 18.02 43.34 20.55
C HIS A 463 17.35 42.20 21.34
N SER A 464 16.49 41.44 20.67
CA SER A 464 15.78 40.34 21.33
C SER A 464 16.63 39.07 21.45
N ASN A 465 17.82 39.10 20.83
CA ASN A 465 18.75 37.98 20.83
C ASN A 465 18.11 36.67 20.40
N ASP A 466 17.66 36.62 19.15
CA ASP A 466 17.04 35.43 18.61
C ASP A 466 17.03 35.51 17.11
N TRP A 467 16.51 34.48 16.47
CA TRP A 467 16.45 34.45 15.02
C TRP A 467 14.99 34.55 14.63
N ARG A 468 14.69 35.50 13.76
CA ARG A 468 13.34 35.73 13.32
C ARG A 468 13.33 36.26 11.91
N GLY A 469 12.17 36.24 11.29
CA GLY A 469 12.05 36.73 9.94
C GLY A 469 10.61 36.97 9.59
N ASN A 470 10.38 37.94 8.71
CA ASN A 470 9.05 38.28 8.26
C ASN A 470 8.85 37.45 7.02
N VAL A 471 8.23 36.29 7.22
CA VAL A 471 7.97 35.32 6.18
C VAL A 471 6.55 35.41 5.65
N VAL A 472 6.39 35.29 4.33
CA VAL A 472 5.07 35.32 3.71
C VAL A 472 4.58 33.88 3.56
N LEU A 473 3.46 33.58 4.22
CA LEU A 473 2.89 32.24 4.18
C LEU A 473 1.50 32.24 3.53
N PRO A 474 1.01 31.05 3.12
CA PRO A 474 -0.32 30.99 2.51
C PRO A 474 -1.32 31.05 3.66
N ALA A 475 -2.20 32.04 3.66
CA ALA A 475 -3.18 32.19 4.72
C ALA A 475 -4.13 31.01 4.77
N GLU A 476 -4.59 30.66 5.97
CA GLU A 476 -5.56 29.60 6.16
C GLU A 476 -5.23 28.19 5.63
N ARG A 477 -3.96 27.80 5.73
CA ARG A 477 -3.50 26.47 5.31
C ARG A 477 -2.65 25.92 6.48
N ASN A 478 -2.75 24.63 6.74
CA ASN A 478 -1.99 24.00 7.81
C ASN A 478 -0.55 23.83 7.34
N ILE A 479 0.43 24.23 8.15
CA ILE A 479 1.82 24.06 7.75
C ILE A 479 2.67 23.38 8.83
N GLU A 480 3.72 22.70 8.37
CA GLU A 480 4.67 22.02 9.25
C GLU A 480 6.04 22.54 8.84
N PHE A 481 6.86 22.91 9.81
CA PHE A 481 8.18 23.44 9.51
C PHE A 481 9.18 23.22 10.64
N LYS A 482 10.46 23.31 10.32
CA LYS A 482 11.54 23.15 11.28
C LYS A 482 12.67 24.08 10.90
N ALA A 483 13.32 24.66 11.91
CA ALA A 483 14.45 25.55 11.68
C ALA A 483 15.71 24.69 11.64
N PHE A 484 16.73 25.15 10.91
CA PHE A 484 17.98 24.42 10.85
C PHE A 484 19.14 25.38 10.70
N ILE A 485 20.32 24.93 11.12
CA ILE A 485 21.51 25.76 11.02
C ILE A 485 22.38 25.29 9.87
N LYS A 486 22.89 26.25 9.12
CA LYS A 486 23.77 25.97 8.00
C LYS A 486 25.12 26.55 8.37
N SER A 487 26.17 25.75 8.20
CA SER A 487 27.54 26.16 8.49
C SER A 487 28.07 27.06 7.38
N LYS A 488 29.16 27.77 7.67
CA LYS A 488 29.79 28.67 6.71
C LYS A 488 30.04 28.06 5.32
N ASP A 489 30.42 26.78 5.30
CA ASP A 489 30.68 26.09 4.03
C ASP A 489 29.40 25.73 3.28
N GLY A 490 28.26 26.06 3.88
CA GLY A 490 26.97 25.78 3.25
C GLY A 490 26.36 24.42 3.50
N THR A 491 26.77 23.73 4.55
CA THR A 491 26.19 22.41 4.83
C THR A 491 25.31 22.50 6.06
N VAL A 492 24.35 21.58 6.16
CA VAL A 492 23.42 21.55 7.30
C VAL A 492 24.14 21.05 8.54
N LYS A 493 24.21 21.91 9.55
CA LYS A 493 24.87 21.60 10.83
C LYS A 493 23.95 20.83 11.78
N SER A 494 22.73 21.33 11.95
CA SER A 494 21.76 20.66 12.83
C SER A 494 20.35 21.16 12.57
N TRP A 495 19.39 20.46 13.18
CA TRP A 495 17.97 20.74 13.04
C TRP A 495 17.31 21.05 14.36
N GLN A 496 16.27 21.86 14.30
CA GLN A 496 15.49 22.21 15.48
C GLN A 496 14.95 20.89 15.99
N THR A 497 14.89 20.74 17.31
CA THR A 497 14.44 19.50 17.92
C THR A 497 13.05 19.03 17.56
N ILE A 498 12.03 19.82 17.91
CA ILE A 498 10.65 19.43 17.62
C ILE A 498 10.11 20.13 16.39
N GLN A 499 9.34 19.39 15.60
CA GLN A 499 8.75 19.94 14.39
C GLN A 499 7.63 20.90 14.76
N GLN A 500 7.63 22.07 14.13
CA GLN A 500 6.62 23.08 14.39
C GLN A 500 5.45 23.01 13.42
N SER A 501 4.32 23.56 13.83
CA SER A 501 3.13 23.58 12.98
C SER A 501 2.34 24.86 13.23
N TRP A 502 1.45 25.18 12.29
CA TRP A 502 0.59 26.34 12.40
C TRP A 502 -0.64 25.87 11.65
N ASN A 503 -1.67 25.51 12.42
CA ASN A 503 -2.89 24.96 11.85
C ASN A 503 -4.16 25.75 12.15
N PRO A 504 -4.52 26.67 11.27
CA PRO A 504 -3.78 27.03 10.07
C PRO A 504 -3.01 28.33 10.30
N VAL A 505 -2.36 28.82 9.25
CA VAL A 505 -1.67 30.09 9.31
C VAL A 505 -2.82 31.09 9.43
N PRO A 506 -2.79 31.97 10.44
CA PRO A 506 -3.87 32.95 10.62
C PRO A 506 -3.99 33.96 9.48
N LEU A 507 -5.19 34.46 9.30
CA LEU A 507 -5.50 35.43 8.26
C LEU A 507 -4.87 36.80 8.51
N LYS A 508 -4.65 37.13 9.78
CA LYS A 508 -4.05 38.40 10.18
C LYS A 508 -2.60 38.15 10.57
N THR A 509 -1.77 39.19 10.48
CA THR A 509 -0.36 39.07 10.84
C THR A 509 -0.16 38.86 12.34
N THR A 510 0.59 37.80 12.67
CA THR A 510 0.90 37.46 14.05
C THR A 510 2.37 37.06 14.02
N SER A 511 2.75 36.15 14.91
CA SER A 511 4.11 35.65 14.96
C SER A 511 4.09 34.26 15.61
N HIS A 512 4.87 33.35 15.05
CA HIS A 512 4.97 32.00 15.61
C HIS A 512 6.28 32.02 16.39
N THR A 513 6.25 31.62 17.66
CA THR A 513 7.45 31.59 18.48
C THR A 513 7.73 30.19 18.99
N SER A 514 8.96 29.72 18.82
CA SER A 514 9.35 28.39 19.29
C SER A 514 10.80 28.36 19.71
N SER A 515 11.16 27.37 20.53
CA SER A 515 12.54 27.21 20.98
C SER A 515 13.23 26.18 20.12
N TRP A 516 14.55 26.29 20.02
CA TRP A 516 15.35 25.35 19.24
C TRP A 516 15.21 23.96 19.86
N ALA B 1 -38.30 -15.42 14.35
CA ALA B 1 -37.52 -14.18 14.62
C ALA B 1 -37.02 -14.10 16.08
N VAL B 2 -36.25 -13.06 16.38
CA VAL B 2 -35.70 -12.87 17.72
C VAL B 2 -36.79 -12.77 18.78
N ASN B 3 -36.57 -13.45 19.91
CA ASN B 3 -37.50 -13.46 21.02
C ASN B 3 -38.83 -14.18 20.78
N GLY B 4 -38.81 -15.20 19.92
CA GLY B 4 -40.00 -15.97 19.64
C GLY B 4 -41.04 -15.38 18.71
N LYS B 5 -40.75 -14.23 18.11
CA LYS B 5 -41.69 -13.58 17.19
C LYS B 5 -41.53 -14.03 15.73
N GLY B 6 -42.34 -13.46 14.85
CA GLY B 6 -42.27 -13.80 13.44
C GLY B 6 -41.82 -12.58 12.65
N MET B 7 -41.96 -12.62 11.34
CA MET B 7 -41.56 -11.50 10.50
C MET B 7 -42.56 -10.33 10.69
N ASN B 8 -42.11 -9.10 10.39
CA ASN B 8 -42.92 -7.90 10.50
C ASN B 8 -44.05 -7.95 9.47
N PRO B 9 -45.30 -7.82 9.91
CA PRO B 9 -46.46 -7.86 9.01
C PRO B 9 -46.55 -6.71 8.02
N ASP B 10 -45.80 -5.63 8.27
CA ASP B 10 -45.81 -4.48 7.38
C ASP B 10 -44.64 -4.51 6.39
N TYR B 11 -43.87 -5.60 6.41
CA TYR B 11 -42.72 -5.77 5.52
C TYR B 11 -43.01 -5.51 4.04
N LYS B 12 -42.16 -4.68 3.43
CA LYS B 12 -42.25 -4.34 2.01
C LYS B 12 -40.83 -4.32 1.43
N ALA B 13 -40.70 -4.69 0.16
CA ALA B 13 -39.41 -4.68 -0.54
C ALA B 13 -39.43 -3.52 -1.54
N TYR B 14 -38.35 -2.74 -1.58
CA TYR B 14 -38.26 -1.59 -2.48
C TYR B 14 -37.03 -1.72 -3.38
N LEU B 15 -37.08 -1.07 -4.53
CA LEU B 15 -35.97 -1.09 -5.47
C LEU B 15 -35.36 0.31 -5.57
N MET B 16 -34.04 0.40 -5.54
CA MET B 16 -33.37 1.69 -5.63
C MET B 16 -33.22 2.07 -7.10
N ALA B 17 -33.58 3.30 -7.43
CA ALA B 17 -33.48 3.78 -8.81
C ALA B 17 -32.02 4.05 -9.15
N PRO B 18 -31.69 4.11 -10.46
CA PRO B 18 -30.31 4.38 -10.90
C PRO B 18 -29.89 5.75 -10.37
N LEU B 19 -28.59 6.07 -10.44
CA LEU B 19 -28.10 7.38 -10.00
C LEU B 19 -28.25 8.40 -11.14
N LYS B 20 -28.24 7.90 -12.38
CA LYS B 20 -28.40 8.74 -13.56
C LYS B 20 -29.91 8.91 -13.80
N LYS B 21 -30.30 10.02 -14.42
CA LYS B 21 -31.70 10.27 -14.70
C LYS B 21 -32.19 9.22 -15.69
N ILE B 22 -33.47 8.88 -15.60
CA ILE B 22 -34.04 7.86 -16.47
C ILE B 22 -33.81 8.06 -17.96
N PRO B 23 -34.01 9.28 -18.47
CA PRO B 23 -33.78 9.49 -19.91
C PRO B 23 -32.34 9.23 -20.35
N GLU B 24 -31.40 9.29 -19.42
CA GLU B 24 -29.99 9.04 -19.71
C GLU B 24 -29.70 7.54 -19.77
N VAL B 25 -30.63 6.75 -19.25
CA VAL B 25 -30.50 5.30 -19.19
C VAL B 25 -31.41 4.55 -20.17
N THR B 26 -32.63 5.07 -20.34
CA THR B 26 -33.62 4.44 -21.20
C THR B 26 -34.70 5.48 -21.54
N ASN B 27 -35.89 5.04 -21.94
CA ASN B 27 -36.97 5.97 -22.25
C ASN B 27 -38.08 5.74 -21.22
N TRP B 28 -39.01 6.67 -21.11
CA TRP B 28 -40.09 6.54 -20.13
C TRP B 28 -41.01 5.33 -20.23
N GLU B 29 -41.32 4.91 -21.45
CA GLU B 29 -42.21 3.77 -21.68
C GLU B 29 -41.58 2.45 -21.29
N THR B 30 -40.27 2.33 -21.51
CA THR B 30 -39.54 1.13 -21.16
C THR B 30 -39.46 1.10 -19.64
N PHE B 31 -39.14 2.25 -19.06
CA PHE B 31 -39.04 2.40 -17.62
C PHE B 31 -40.35 1.95 -16.95
N GLU B 32 -41.50 2.30 -17.53
CA GLU B 32 -42.81 1.90 -16.98
C GLU B 32 -42.99 0.38 -17.00
N ASN B 33 -42.52 -0.24 -18.08
CA ASN B 33 -42.61 -1.70 -18.20
C ASN B 33 -41.67 -2.41 -17.22
N ASP B 34 -40.52 -1.80 -16.93
CA ASP B 34 -39.57 -2.36 -15.96
C ASP B 34 -40.18 -2.30 -14.58
N LEU B 35 -40.90 -1.21 -14.29
CA LEU B 35 -41.57 -1.07 -12.99
C LEU B 35 -42.69 -2.11 -12.86
N ARG B 36 -43.38 -2.42 -13.95
CA ARG B 36 -44.44 -3.43 -13.91
C ARG B 36 -43.79 -4.82 -13.69
N TRP B 37 -42.65 -5.04 -14.32
CA TRP B 37 -41.94 -6.28 -14.15
C TRP B 37 -41.45 -6.37 -12.70
N ALA B 38 -40.99 -5.25 -12.15
CA ALA B 38 -40.50 -5.19 -10.77
C ALA B 38 -41.62 -5.50 -9.78
N LYS B 39 -42.80 -4.95 -10.04
CA LYS B 39 -43.95 -5.18 -9.15
C LYS B 39 -44.35 -6.64 -9.18
N GLN B 40 -44.18 -7.28 -10.33
CA GLN B 40 -44.49 -8.69 -10.51
C GLN B 40 -43.54 -9.59 -9.72
N ASN B 41 -42.40 -9.04 -9.33
CA ASN B 41 -41.41 -9.79 -8.56
C ASN B 41 -41.42 -9.41 -7.07
N GLY B 42 -42.50 -8.77 -6.64
CA GLY B 42 -42.62 -8.41 -5.24
C GLY B 42 -42.21 -7.02 -4.79
N PHE B 43 -41.75 -6.15 -5.68
CA PHE B 43 -41.38 -4.81 -5.25
C PHE B 43 -42.62 -3.91 -5.12
N TYR B 44 -42.71 -3.23 -3.99
CA TYR B 44 -43.83 -2.34 -3.72
C TYR B 44 -43.61 -0.93 -4.24
N ALA B 45 -42.40 -0.41 -4.07
CA ALA B 45 -42.09 0.93 -4.51
C ALA B 45 -40.66 1.07 -4.98
N ILE B 46 -40.39 2.14 -5.73
CA ILE B 46 -39.04 2.44 -6.21
C ILE B 46 -38.59 3.70 -5.47
N THR B 47 -37.40 3.68 -4.90
CA THR B 47 -36.86 4.84 -4.18
C THR B 47 -35.97 5.60 -5.16
N VAL B 48 -36.01 6.92 -5.14
CA VAL B 48 -35.23 7.72 -6.08
C VAL B 48 -34.71 9.04 -5.50
N ASP B 49 -33.45 9.33 -5.81
CA ASP B 49 -32.82 10.58 -5.37
C ASP B 49 -33.29 11.72 -6.25
N PHE B 50 -33.60 12.84 -5.62
CA PHE B 50 -33.96 14.06 -6.33
C PHE B 50 -32.94 15.01 -5.76
N TRP B 51 -31.92 15.32 -6.56
CA TRP B 51 -30.81 16.15 -6.16
C TRP B 51 -31.11 17.61 -6.04
N TRP B 52 -30.56 18.20 -4.99
CA TRP B 52 -30.71 19.63 -4.73
C TRP B 52 -30.02 20.38 -5.87
N GLY B 53 -28.91 19.82 -6.37
CA GLY B 53 -28.19 20.44 -7.46
C GLY B 53 -28.96 20.60 -8.75
N ASP B 54 -30.02 19.81 -8.91
CA ASP B 54 -30.90 19.85 -10.09
C ASP B 54 -32.15 20.75 -9.86
N MET B 55 -32.73 20.62 -8.68
CA MET B 55 -33.95 21.32 -8.30
C MET B 55 -33.89 22.80 -7.96
N GLU B 56 -32.73 23.32 -7.58
CA GLU B 56 -32.57 24.74 -7.25
C GLU B 56 -31.18 25.14 -7.69
N LYS B 57 -30.86 24.83 -8.94
CA LYS B 57 -29.53 25.08 -9.50
C LYS B 57 -29.13 26.52 -9.83
N ASN B 58 -30.00 27.25 -10.52
CA ASN B 58 -29.71 28.61 -10.96
C ASN B 58 -29.58 29.70 -9.91
N GLY B 59 -30.20 29.49 -8.76
CA GLY B 59 -30.13 30.50 -7.73
C GLY B 59 -31.19 30.23 -6.68
N ASP B 60 -31.23 31.09 -5.67
CA ASP B 60 -32.18 30.94 -4.58
C ASP B 60 -33.61 31.05 -5.06
N GLN B 61 -34.42 30.06 -4.72
CA GLN B 61 -35.83 30.05 -5.07
C GLN B 61 -36.10 29.94 -6.56
N GLN B 62 -35.11 29.51 -7.32
CA GLN B 62 -35.29 29.28 -8.75
C GLN B 62 -35.36 27.75 -8.92
N PHE B 63 -36.52 27.20 -8.60
CA PHE B 63 -36.76 25.75 -8.64
C PHE B 63 -37.09 25.15 -10.00
N ASP B 64 -36.85 23.84 -10.08
CA ASP B 64 -37.19 23.06 -11.25
C ASP B 64 -37.54 21.65 -10.79
N PHE B 65 -38.85 21.40 -10.72
CA PHE B 65 -39.36 20.10 -10.29
C PHE B 65 -39.95 19.33 -11.48
N SER B 66 -39.70 19.80 -12.69
CA SER B 66 -40.23 19.15 -13.89
C SER B 66 -39.87 17.68 -14.02
N TYR B 67 -38.63 17.34 -13.66
CA TYR B 67 -38.17 15.95 -13.72
C TYR B 67 -38.84 15.08 -12.67
N ALA B 68 -38.99 15.60 -11.45
CA ALA B 68 -39.63 14.85 -10.36
C ALA B 68 -41.09 14.53 -10.70
N GLN B 69 -41.78 15.51 -11.28
CA GLN B 69 -43.18 15.37 -11.69
C GLN B 69 -43.31 14.39 -12.85
N ARG B 70 -42.39 14.46 -13.80
CA ARG B 70 -42.38 13.56 -14.95
C ARG B 70 -42.09 12.13 -14.48
N PHE B 71 -41.19 12.00 -13.52
CA PHE B 71 -40.83 10.70 -12.98
C PHE B 71 -42.06 10.10 -12.29
N ALA B 72 -42.73 10.92 -11.48
CA ALA B 72 -43.91 10.49 -10.74
C ALA B 72 -45.04 10.05 -11.66
N GLN B 73 -45.15 10.70 -12.81
CA GLN B 73 -46.19 10.38 -13.77
C GLN B 73 -46.00 8.97 -14.29
N SER B 74 -44.76 8.61 -14.61
CA SER B 74 -44.45 7.26 -15.11
C SER B 74 -44.68 6.20 -14.06
N VAL B 75 -44.36 6.52 -12.81
CA VAL B 75 -44.57 5.58 -11.71
C VAL B 75 -46.09 5.30 -11.60
N LYS B 76 -46.88 6.35 -11.74
CA LYS B 76 -48.34 6.26 -11.69
C LYS B 76 -48.84 5.41 -12.85
N ASN B 77 -48.30 5.62 -14.04
CA ASN B 77 -48.70 4.84 -15.21
C ASN B 77 -48.43 3.36 -15.03
N ALA B 78 -47.32 3.04 -14.35
CA ALA B 78 -46.95 1.64 -14.11
C ALA B 78 -47.72 1.00 -12.96
N GLY B 79 -48.53 1.79 -12.26
CA GLY B 79 -49.29 1.25 -11.15
C GLY B 79 -48.42 1.00 -9.93
N MET B 80 -47.31 1.74 -9.85
CA MET B 80 -46.36 1.60 -8.74
C MET B 80 -46.39 2.76 -7.75
N LYS B 81 -45.64 2.59 -6.67
CA LYS B 81 -45.51 3.61 -5.63
C LYS B 81 -44.05 4.10 -5.68
N MET B 82 -43.77 5.24 -5.06
CA MET B 82 -42.41 5.75 -5.06
C MET B 82 -42.04 6.36 -3.73
N ILE B 83 -40.74 6.41 -3.49
CA ILE B 83 -40.21 6.98 -2.27
C ILE B 83 -39.10 7.97 -2.65
N PRO B 84 -39.45 9.26 -2.72
CA PRO B 84 -38.45 10.27 -3.06
C PRO B 84 -37.50 10.52 -1.90
N ILE B 85 -36.24 10.75 -2.24
CA ILE B 85 -35.22 11.07 -1.26
C ILE B 85 -34.89 12.52 -1.63
N ILE B 86 -35.08 13.44 -0.70
CA ILE B 86 -34.74 14.85 -1.00
C ILE B 86 -33.25 14.90 -0.76
N SER B 87 -32.50 14.64 -1.82
CA SER B 87 -31.04 14.60 -1.74
C SER B 87 -30.31 15.93 -1.76
N THR B 88 -30.07 16.46 -0.55
CA THR B 88 -29.37 17.73 -0.34
C THR B 88 -27.84 17.53 -0.20
N HIS B 89 -27.33 16.43 -0.76
CA HIS B 89 -25.90 16.14 -0.74
C HIS B 89 -25.41 15.97 -2.17
N GLN B 90 -24.10 15.90 -2.35
CA GLN B 90 -23.52 15.74 -3.68
C GLN B 90 -23.55 14.30 -4.19
N CYS B 91 -23.83 14.15 -5.49
CA CYS B 91 -23.84 12.85 -6.13
C CYS B 91 -22.51 12.79 -6.83
N GLY B 92 -21.75 11.73 -6.58
CA GLY B 92 -20.45 11.61 -7.20
C GLY B 92 -19.41 11.86 -6.14
N GLY B 93 -18.43 10.95 -6.05
CA GLY B 93 -17.37 11.08 -5.07
C GLY B 93 -17.47 10.05 -3.97
N ASN B 94 -18.54 9.25 -4.00
CA ASN B 94 -18.74 8.20 -3.00
C ASN B 94 -18.72 6.84 -3.71
N VAL B 95 -18.43 5.79 -2.94
CA VAL B 95 -18.37 4.44 -3.46
C VAL B 95 -19.70 4.08 -4.15
N GLY B 96 -19.62 3.83 -5.45
CA GLY B 96 -20.80 3.50 -6.23
C GLY B 96 -21.54 4.76 -6.67
N ASP B 97 -20.82 5.66 -7.33
CA ASP B 97 -21.40 6.91 -7.83
C ASP B 97 -20.98 7.17 -9.28
N ASP B 98 -21.95 7.14 -10.19
CA ASP B 98 -21.69 7.43 -11.61
C ASP B 98 -22.56 8.64 -11.95
N CYS B 99 -22.21 9.78 -11.35
CA CYS B 99 -22.95 11.02 -11.51
C CYS B 99 -22.05 12.15 -11.03
N ASN B 100 -22.41 13.38 -11.37
CA ASN B 100 -21.68 14.56 -10.94
C ASN B 100 -22.71 15.66 -10.68
N VAL B 101 -23.26 15.67 -9.47
CA VAL B 101 -24.27 16.65 -9.11
C VAL B 101 -23.96 17.25 -7.74
N PRO B 102 -23.17 18.33 -7.73
CA PRO B 102 -22.80 19.00 -6.48
C PRO B 102 -24.01 19.83 -6.03
N ILE B 103 -24.03 20.24 -4.76
CA ILE B 103 -25.14 21.06 -4.29
C ILE B 103 -24.97 22.42 -4.97
N PRO B 104 -26.06 23.20 -5.06
CA PRO B 104 -25.99 24.52 -5.71
C PRO B 104 -24.82 25.42 -5.27
N SER B 105 -24.06 25.90 -6.24
CA SER B 105 -22.90 26.77 -6.01
C SER B 105 -23.19 28.05 -5.26
N TRP B 106 -24.36 28.63 -5.54
CA TRP B 106 -24.76 29.89 -4.92
C TRP B 106 -24.93 29.82 -3.41
N VAL B 107 -25.18 28.62 -2.88
CA VAL B 107 -25.36 28.45 -1.44
C VAL B 107 -24.13 28.88 -0.64
N TRP B 108 -22.94 28.64 -1.19
CA TRP B 108 -21.71 28.97 -0.50
C TRP B 108 -21.50 30.47 -0.29
N ASN B 109 -22.09 31.28 -1.15
CA ASN B 109 -21.94 32.72 -1.05
C ASN B 109 -22.74 33.35 0.08
N GLN B 110 -23.57 32.56 0.76
CA GLN B 110 -24.40 33.09 1.86
C GLN B 110 -23.61 33.36 3.13
N LYS B 111 -22.39 32.84 3.22
CA LYS B 111 -21.54 33.05 4.40
C LYS B 111 -20.14 33.49 4.00
N SER B 112 -19.54 34.33 4.83
CA SER B 112 -18.18 34.81 4.57
C SER B 112 -17.18 34.06 5.46
N ASP B 113 -17.68 33.30 6.42
CA ASP B 113 -16.82 32.51 7.30
C ASP B 113 -16.76 31.06 6.81
N ASP B 114 -16.25 30.17 7.64
CA ASP B 114 -16.15 28.75 7.28
C ASP B 114 -17.19 27.88 7.97
N SER B 115 -18.37 28.44 8.21
CA SER B 115 -19.44 27.72 8.88
C SER B 115 -20.14 26.66 8.04
N LEU B 116 -20.12 26.85 6.72
CA LEU B 116 -20.82 25.93 5.84
C LEU B 116 -20.16 24.63 5.44
N TYR B 117 -18.84 24.52 5.64
CA TYR B 117 -18.17 23.29 5.26
C TYR B 117 -17.36 22.61 6.35
N PHE B 118 -16.72 21.50 6.01
CA PHE B 118 -15.92 20.74 6.97
C PHE B 118 -14.44 20.86 6.66
N LYS B 119 -13.63 20.71 7.70
CA LYS B 119 -12.17 20.73 7.60
C LYS B 119 -11.69 19.61 8.53
N SER B 120 -10.86 18.71 8.02
CA SER B 120 -10.39 17.58 8.82
C SER B 120 -9.20 17.92 9.72
N GLU B 121 -8.74 16.92 10.45
CA GLU B 121 -7.59 17.04 11.35
C GLU B 121 -6.39 17.61 10.62
N THR B 122 -6.21 17.20 9.37
CA THR B 122 -5.08 17.64 8.55
C THR B 122 -5.40 18.77 7.56
N GLY B 123 -6.54 19.41 7.77
CA GLY B 123 -6.92 20.52 6.92
C GLY B 123 -7.73 20.23 5.68
N THR B 124 -8.06 18.97 5.43
CA THR B 124 -8.85 18.65 4.23
C THR B 124 -10.24 19.25 4.33
N VAL B 125 -10.63 20.00 3.31
CA VAL B 125 -11.92 20.67 3.25
C VAL B 125 -12.94 19.79 2.52
N ASN B 126 -14.11 19.63 3.11
CA ASN B 126 -15.16 18.84 2.49
C ASN B 126 -16.38 19.73 2.27
N LYS B 127 -16.93 19.69 1.06
CA LYS B 127 -18.09 20.49 0.69
C LYS B 127 -19.14 19.65 -0.03
N GLU B 128 -19.31 18.40 0.37
CA GLU B 128 -20.30 17.60 -0.30
C GLU B 128 -21.66 17.65 0.35
N THR B 129 -21.77 18.46 1.39
CA THR B 129 -23.02 18.65 2.10
C THR B 129 -22.79 19.80 3.08
N LEU B 130 -23.84 20.52 3.45
CA LEU B 130 -23.70 21.64 4.37
C LEU B 130 -23.43 21.14 5.77
N ASN B 131 -22.45 21.77 6.42
CA ASN B 131 -22.09 21.43 7.79
C ASN B 131 -23.33 21.67 8.67
N PRO B 132 -23.75 20.67 9.45
CA PRO B 132 -24.93 20.81 10.32
C PRO B 132 -24.83 21.89 11.40
N LEU B 133 -23.64 22.47 11.56
CA LEU B 133 -23.42 23.54 12.51
C LEU B 133 -24.11 24.84 12.04
N ALA B 134 -24.17 25.05 10.72
CA ALA B 134 -24.79 26.24 10.17
C ALA B 134 -26.30 26.01 10.09
N SER B 135 -26.93 25.84 11.24
CA SER B 135 -28.36 25.57 11.32
C SER B 135 -29.26 26.69 10.80
N ASP B 136 -28.76 27.91 10.76
CA ASP B 136 -29.53 29.05 10.24
C ASP B 136 -29.73 28.91 8.74
N VAL B 137 -28.67 28.49 8.05
CA VAL B 137 -28.73 28.29 6.61
C VAL B 137 -29.52 27.01 6.30
N ILE B 138 -29.28 25.96 7.09
CA ILE B 138 -30.00 24.69 6.91
C ILE B 138 -31.51 24.97 7.07
N ARG B 139 -31.89 25.68 8.12
CA ARG B 139 -33.30 25.98 8.38
C ARG B 139 -33.95 26.74 7.22
N LYS B 140 -33.26 27.73 6.67
CA LYS B 140 -33.81 28.49 5.55
C LYS B 140 -33.93 27.63 4.29
N GLU B 141 -32.81 27.13 3.81
CA GLU B 141 -32.77 26.33 2.58
C GLU B 141 -33.53 25.02 2.59
N TYR B 142 -33.39 24.21 3.63
CA TYR B 142 -34.10 22.94 3.68
C TYR B 142 -35.59 23.20 3.86
N GLY B 143 -35.91 24.25 4.62
CA GLY B 143 -37.30 24.63 4.84
C GLY B 143 -37.95 25.08 3.55
N GLU B 144 -37.24 25.88 2.74
CA GLU B 144 -37.77 26.34 1.48
C GLU B 144 -37.87 25.23 0.44
N LEU B 145 -36.89 24.35 0.42
CA LEU B 145 -36.87 23.24 -0.53
C LEU B 145 -37.97 22.22 -0.26
N TYR B 146 -38.07 21.75 0.99
CA TYR B 146 -39.10 20.76 1.39
C TYR B 146 -40.50 21.26 1.06
N THR B 147 -40.76 22.52 1.39
CA THR B 147 -42.06 23.14 1.16
C THR B 147 -42.38 23.26 -0.33
N ALA B 148 -41.43 23.76 -1.12
CA ALA B 148 -41.64 23.90 -2.54
C ALA B 148 -41.82 22.53 -3.19
N PHE B 149 -41.10 21.52 -2.69
CA PHE B 149 -41.21 20.15 -3.21
C PHE B 149 -42.61 19.60 -2.92
N ALA B 150 -43.12 19.86 -1.72
CA ALA B 150 -44.44 19.38 -1.36
C ALA B 150 -45.53 19.96 -2.31
N ALA B 151 -45.39 21.23 -2.66
CA ALA B 151 -46.36 21.90 -3.55
C ALA B 151 -46.31 21.35 -4.97
N ALA B 152 -45.11 21.03 -5.45
CA ALA B 152 -44.96 20.52 -6.80
C ALA B 152 -45.41 19.07 -6.89
N MET B 153 -45.27 18.32 -5.81
CA MET B 153 -45.65 16.91 -5.80
C MET B 153 -47.07 16.64 -5.32
N LYS B 154 -47.76 17.68 -4.88
CA LYS B 154 -49.13 17.57 -4.39
C LYS B 154 -50.04 16.74 -5.32
N PRO B 155 -49.98 16.98 -6.65
CA PRO B 155 -50.79 16.23 -7.62
C PRO B 155 -50.49 14.72 -7.70
N TYR B 156 -49.36 14.29 -7.11
CA TYR B 156 -48.98 12.89 -7.16
C TYR B 156 -48.97 12.21 -5.81
N LYS B 157 -49.60 12.83 -4.82
CA LYS B 157 -49.61 12.28 -3.46
C LYS B 157 -50.04 10.82 -3.32
N ASP B 158 -50.88 10.37 -4.24
CA ASP B 158 -51.39 9.00 -4.24
C ASP B 158 -50.33 7.97 -4.61
N VAL B 159 -49.23 8.41 -5.22
CA VAL B 159 -48.16 7.48 -5.62
C VAL B 159 -46.97 7.52 -4.65
N ILE B 160 -47.02 8.41 -3.67
CA ILE B 160 -45.93 8.57 -2.72
C ILE B 160 -46.16 7.73 -1.45
N ALA B 161 -45.30 6.74 -1.26
CA ALA B 161 -45.38 5.82 -0.11
C ALA B 161 -44.71 6.30 1.17
N LYS B 162 -43.60 7.04 1.02
CA LYS B 162 -42.83 7.53 2.16
C LYS B 162 -41.86 8.57 1.62
N ILE B 163 -41.24 9.36 2.51
CA ILE B 163 -40.29 10.38 2.09
C ILE B 163 -39.02 10.26 2.93
N TYR B 164 -37.87 10.25 2.25
CA TYR B 164 -36.58 10.16 2.92
C TYR B 164 -35.86 11.50 2.90
N LEU B 165 -35.11 11.78 3.96
CA LEU B 165 -34.32 13.01 4.06
C LEU B 165 -32.82 12.69 4.05
N SER B 166 -32.01 13.56 3.46
CA SER B 166 -30.57 13.37 3.43
C SER B 166 -29.97 14.06 4.64
N GLY B 167 -29.40 13.29 5.55
CA GLY B 167 -28.81 13.85 6.75
C GLY B 167 -27.33 14.16 6.66
N GLY B 168 -26.76 13.98 5.47
CA GLY B 168 -25.35 14.25 5.28
C GLY B 168 -24.78 13.66 4.00
N PRO B 169 -23.46 13.39 3.96
CA PRO B 169 -22.78 12.82 2.78
C PRO B 169 -23.41 11.48 2.41
N ALA B 170 -23.58 11.23 1.12
CA ALA B 170 -24.17 10.01 0.62
C ALA B 170 -25.57 9.77 1.20
N GLY B 171 -26.19 10.86 1.68
CA GLY B 171 -27.52 10.77 2.24
C GLY B 171 -27.57 10.20 3.64
N GLU B 172 -26.42 10.13 4.28
CA GLU B 172 -26.33 9.55 5.61
C GLU B 172 -26.03 10.58 6.69
N LEU B 173 -26.67 10.43 7.83
CA LEU B 173 -26.46 11.35 8.94
C LEU B 173 -25.10 11.04 9.58
N ARG B 174 -24.07 11.75 9.14
CA ARG B 174 -22.73 11.54 9.66
C ARG B 174 -21.80 12.64 9.16
N TYR B 175 -20.56 12.62 9.64
CA TYR B 175 -19.55 13.57 9.19
C TYR B 175 -18.80 12.86 8.06
N PRO B 176 -18.20 13.62 7.13
CA PRO B 176 -17.44 13.05 6.01
C PRO B 176 -16.04 12.60 6.47
N SER B 177 -15.99 11.69 7.43
CA SER B 177 -14.72 11.22 7.98
C SER B 177 -13.94 10.21 7.16
N TYR B 178 -14.58 9.60 6.17
CA TYR B 178 -13.88 8.63 5.34
C TYR B 178 -13.90 8.97 3.86
N THR B 179 -12.82 9.58 3.39
CA THR B 179 -12.70 9.98 1.99
C THR B 179 -11.29 9.68 1.50
N THR B 180 -11.15 9.47 0.19
CA THR B 180 -9.85 9.20 -0.42
C THR B 180 -8.91 10.40 -0.28
N SER B 181 -9.44 11.60 -0.53
CA SER B 181 -8.65 12.83 -0.44
C SER B 181 -8.16 13.14 0.97
N ASP B 182 -8.85 12.62 1.97
CA ASP B 182 -8.43 12.85 3.36
C ASP B 182 -7.61 11.64 3.84
N GLY B 183 -7.39 10.70 2.94
CA GLY B 183 -6.62 9.52 3.26
C GLY B 183 -7.31 8.69 4.32
N THR B 184 -8.63 8.79 4.39
CA THR B 184 -9.38 8.03 5.40
C THR B 184 -10.36 7.04 4.81
N GLY B 185 -10.12 6.63 3.57
CA GLY B 185 -10.99 5.67 2.94
C GLY B 185 -10.91 4.33 3.65
N TYR B 186 -11.90 3.48 3.42
CA TYR B 186 -11.93 2.14 4.03
C TYR B 186 -10.63 1.41 3.70
N PRO B 187 -10.11 0.60 4.64
CA PRO B 187 -10.60 0.34 5.99
C PRO B 187 -9.87 1.16 7.05
N SER B 188 -9.33 2.31 6.65
CA SER B 188 -8.58 3.19 7.55
C SER B 188 -9.41 3.81 8.67
N ARG B 189 -8.74 4.34 9.68
CA ARG B 189 -9.45 4.99 10.77
C ARG B 189 -9.90 6.32 10.18
N GLY B 190 -10.94 6.90 10.73
CA GLY B 190 -11.38 8.17 10.18
C GLY B 190 -10.70 9.32 10.88
N LYS B 191 -10.86 10.51 10.33
CA LYS B 191 -10.31 11.74 10.90
C LYS B 191 -11.50 12.60 11.33
N PHE B 192 -11.37 13.27 12.47
CA PHE B 192 -12.43 14.12 12.96
C PHE B 192 -12.60 15.31 12.03
N GLN B 193 -13.84 15.76 11.89
CA GLN B 193 -14.17 16.85 10.98
C GLN B 193 -14.70 18.10 11.66
N ALA B 194 -13.99 18.61 12.66
CA ALA B 194 -14.43 19.81 13.37
C ALA B 194 -13.29 20.80 13.52
N TYR B 195 -12.57 21.05 12.44
CA TYR B 195 -11.43 21.94 12.50
C TYR B 195 -11.58 23.28 11.82
N THR B 196 -12.79 23.59 11.39
CA THR B 196 -13.04 24.90 10.79
C THR B 196 -13.02 25.82 12.00
N GLU B 197 -12.64 27.07 11.79
CA GLU B 197 -12.61 28.01 12.91
C GLU B 197 -13.98 28.12 13.57
N PHE B 198 -15.03 27.97 12.77
CA PHE B 198 -16.39 28.04 13.28
C PHE B 198 -16.70 26.86 14.21
N ALA B 199 -16.24 25.66 13.85
CA ALA B 199 -16.46 24.48 14.69
C ALA B 199 -15.72 24.65 16.02
N LYS B 200 -14.49 25.15 15.96
CA LYS B 200 -13.68 25.37 17.16
C LYS B 200 -14.38 26.35 18.11
N SER B 201 -15.02 27.36 17.54
CA SER B 201 -15.74 28.36 18.32
C SER B 201 -16.96 27.74 18.99
N LYS B 202 -17.68 26.89 18.26
CA LYS B 202 -18.87 26.23 18.79
C LYS B 202 -18.55 25.26 19.92
N PHE B 203 -17.46 24.53 19.77
CA PHE B 203 -17.05 23.58 20.79
C PHE B 203 -16.67 24.36 22.04
N ARG B 204 -15.83 25.38 21.85
CA ARG B 204 -15.34 26.25 22.92
C ARG B 204 -16.52 26.84 23.71
N LEU B 205 -17.47 27.42 22.97
CA LEU B 205 -18.68 28.02 23.54
C LEU B 205 -19.53 27.02 24.30
N TRP B 206 -19.63 25.80 23.76
CA TRP B 206 -20.40 24.73 24.37
C TRP B 206 -19.79 24.34 25.72
N VAL B 207 -18.46 24.22 25.76
CA VAL B 207 -17.75 23.84 26.97
C VAL B 207 -17.95 24.84 28.10
N LEU B 208 -17.66 26.11 27.81
CA LEU B 208 -17.81 27.17 28.80
C LEU B 208 -19.24 27.29 29.30
N ASN B 209 -20.20 27.03 28.43
CA ASN B 209 -21.61 27.08 28.81
C ASN B 209 -21.93 25.95 29.77
N LYS B 210 -21.24 24.83 29.61
CA LYS B 210 -21.43 23.67 30.48
C LYS B 210 -20.70 23.80 31.83
N TYR B 211 -19.53 24.44 31.82
CA TYR B 211 -18.73 24.59 33.04
C TYR B 211 -18.67 26.01 33.61
N GLY B 212 -19.33 26.95 32.94
CA GLY B 212 -19.34 28.32 33.41
C GLY B 212 -18.05 29.11 33.28
N SER B 213 -16.92 28.54 33.71
CA SER B 213 -15.65 29.26 33.64
C SER B 213 -14.49 28.38 33.21
N LEU B 214 -13.44 28.99 32.70
CA LEU B 214 -12.25 28.25 32.29
C LEU B 214 -11.72 27.55 33.54
N ASN B 215 -11.99 28.15 34.69
CA ASN B 215 -11.60 27.63 36.00
C ASN B 215 -12.24 26.25 36.23
N GLU B 216 -13.56 26.18 36.05
CA GLU B 216 -14.28 24.93 36.23
C GLU B 216 -13.97 23.92 35.11
N VAL B 217 -13.52 24.41 33.97
CA VAL B 217 -13.16 23.53 32.87
C VAL B 217 -11.89 22.80 33.29
N ASN B 218 -10.95 23.57 33.83
CA ASN B 218 -9.67 23.03 34.30
C ASN B 218 -9.87 22.05 35.45
N LYS B 219 -10.93 22.26 36.23
CA LYS B 219 -11.23 21.38 37.36
C LYS B 219 -11.80 20.06 36.85
N ALA B 220 -12.74 20.15 35.93
CA ALA B 220 -13.37 18.96 35.37
C ALA B 220 -12.44 18.17 34.46
N TRP B 221 -11.59 18.86 33.71
CA TRP B 221 -10.65 18.20 32.80
C TRP B 221 -9.29 17.88 33.41
N GLY B 222 -9.03 18.42 34.61
CA GLY B 222 -7.76 18.19 35.26
C GLY B 222 -6.65 18.75 34.40
N THR B 223 -6.89 19.91 33.82
CA THR B 223 -5.92 20.57 32.96
C THR B 223 -5.45 21.88 33.55
N LYS B 224 -4.50 22.53 32.87
CA LYS B 224 -3.95 23.80 33.29
C LYS B 224 -4.03 24.72 32.08
N LEU B 225 -5.22 24.82 31.49
CA LEU B 225 -5.42 25.66 30.33
C LEU B 225 -5.25 27.13 30.69
N ILE B 226 -4.44 27.83 29.92
CA ILE B 226 -4.17 29.24 30.16
C ILE B 226 -5.30 30.15 29.66
N SER B 227 -5.76 29.91 28.44
CA SER B 227 -6.82 30.72 27.86
C SER B 227 -7.97 29.86 27.39
N GLU B 228 -9.13 30.49 27.24
CA GLU B 228 -10.32 29.82 26.76
C GLU B 228 -10.06 29.44 25.30
N LEU B 229 -9.11 30.16 24.69
CA LEU B 229 -8.69 29.92 23.32
C LEU B 229 -7.89 28.61 23.25
N ALA B 230 -7.54 28.06 24.42
CA ALA B 230 -6.80 26.81 24.51
C ALA B 230 -7.74 25.60 24.47
N ILE B 231 -9.04 25.85 24.62
CA ILE B 231 -10.04 24.79 24.56
C ILE B 231 -10.18 24.46 23.08
N LEU B 232 -9.79 23.26 22.69
CA LEU B 232 -9.81 22.86 21.28
C LEU B 232 -10.15 21.39 21.06
N PRO B 233 -10.35 21.00 19.77
CA PRO B 233 -10.66 19.62 19.41
C PRO B 233 -9.32 18.85 19.52
N PRO B 234 -9.35 17.51 19.51
CA PRO B 234 -8.13 16.69 19.61
C PRO B 234 -7.03 17.10 18.63
N SER B 235 -5.81 17.29 19.14
CA SER B 235 -4.69 17.66 18.27
C SER B 235 -4.24 16.45 17.46
N ASP B 236 -4.26 15.28 18.10
CA ASP B 236 -3.86 14.04 17.45
C ASP B 236 -5.04 13.08 17.49
N GLY B 237 -5.68 12.89 16.34
CA GLY B 237 -6.82 11.99 16.25
C GLY B 237 -6.55 10.56 16.67
N GLU B 238 -5.38 10.03 16.31
CA GLU B 238 -4.99 8.66 16.64
C GLU B 238 -4.84 8.48 18.15
N GLN B 239 -4.11 9.42 18.76
CA GLN B 239 -3.89 9.41 20.19
C GLN B 239 -5.24 9.49 20.92
N PHE B 240 -6.12 10.34 20.41
CA PHE B 240 -7.44 10.51 20.98
C PHE B 240 -8.25 9.21 20.93
N LEU B 241 -8.17 8.51 19.80
CA LEU B 241 -8.90 7.25 19.63
C LEU B 241 -8.24 6.11 20.44
N MET B 242 -6.96 6.26 20.76
CA MET B 242 -6.21 5.28 21.53
C MET B 242 -6.54 5.30 23.02
N ASN B 243 -6.52 6.49 23.61
CA ASN B 243 -6.83 6.62 25.04
C ASN B 243 -7.41 7.96 25.44
N GLY B 244 -7.28 8.98 24.58
CA GLY B 244 -7.82 10.30 24.90
C GLY B 244 -9.32 10.29 25.11
N TYR B 245 -10.02 9.44 24.38
CA TYR B 245 -11.48 9.35 24.48
C TYR B 245 -11.95 8.95 25.88
N LEU B 246 -11.03 8.39 26.68
CA LEU B 246 -11.29 7.94 28.05
C LEU B 246 -11.33 9.08 29.09
N SER B 247 -10.75 10.23 28.73
CA SER B 247 -10.70 11.38 29.62
C SER B 247 -12.00 12.17 29.65
N MET B 248 -12.14 13.04 30.65
CA MET B 248 -13.32 13.88 30.77
C MET B 248 -13.40 14.79 29.55
N TYR B 249 -12.24 15.28 29.13
CA TYR B 249 -12.14 16.12 27.95
C TYR B 249 -12.69 15.34 26.77
N GLY B 250 -12.28 14.07 26.67
CA GLY B 250 -12.70 13.21 25.57
C GLY B 250 -14.19 12.93 25.56
N LYS B 251 -14.76 12.67 26.72
CA LYS B 251 -16.19 12.40 26.85
C LYS B 251 -17.01 13.62 26.43
N ASP B 252 -16.51 14.81 26.80
CA ASP B 252 -17.17 16.07 26.47
C ASP B 252 -17.08 16.36 24.99
N TYR B 253 -15.89 16.18 24.42
CA TYR B 253 -15.71 16.42 22.99
C TYR B 253 -16.64 15.54 22.17
N LEU B 254 -16.64 14.25 22.47
CA LEU B 254 -17.49 13.28 21.77
C LEU B 254 -18.98 13.53 21.95
N GLU B 255 -19.39 14.03 23.12
CA GLU B 255 -20.79 14.33 23.40
C GLU B 255 -21.21 15.50 22.51
N TRP B 256 -20.35 16.51 22.46
CA TRP B 256 -20.60 17.68 21.64
C TRP B 256 -20.61 17.27 20.18
N TYR B 257 -19.60 16.51 19.77
CA TYR B 257 -19.43 16.04 18.40
C TYR B 257 -20.63 15.23 17.87
N GLN B 258 -21.11 14.26 18.65
CA GLN B 258 -22.27 13.49 18.22
C GLN B 258 -23.51 14.35 18.37
N GLY B 259 -23.53 15.16 19.41
CA GLY B 259 -24.64 16.06 19.68
C GLY B 259 -25.07 16.89 18.49
N ILE B 260 -24.11 17.38 17.71
CA ILE B 260 -24.44 18.18 16.54
C ILE B 260 -25.35 17.40 15.57
N LEU B 261 -25.05 16.12 15.35
CA LEU B 261 -25.86 15.30 14.45
C LEU B 261 -27.26 15.09 14.99
N GLU B 262 -27.38 14.93 16.31
CA GLU B 262 -28.67 14.73 16.95
C GLU B 262 -29.57 15.96 16.80
N ASN B 263 -28.98 17.14 16.93
CA ASN B 263 -29.74 18.38 16.78
C ASN B 263 -30.16 18.52 15.33
N HIS B 264 -29.26 18.14 14.42
CA HIS B 264 -29.54 18.21 13.01
C HIS B 264 -30.73 17.32 12.70
N THR B 265 -30.75 16.12 13.26
CA THR B 265 -31.85 15.18 13.05
C THR B 265 -33.18 15.82 13.49
N LYS B 266 -33.15 16.49 14.63
CA LYS B 266 -34.34 17.15 15.15
C LYS B 266 -34.78 18.30 14.26
N LEU B 267 -33.83 19.03 13.71
CA LEU B 267 -34.15 20.15 12.84
C LEU B 267 -34.78 19.71 11.53
N ILE B 268 -34.15 18.79 10.81
CA ILE B 268 -34.73 18.35 9.54
C ILE B 268 -36.04 17.61 9.74
N GLY B 269 -36.17 16.88 10.84
CA GLY B 269 -37.41 16.17 11.14
C GLY B 269 -38.55 17.15 11.26
N GLU B 270 -38.34 18.21 12.03
CA GLU B 270 -39.33 19.26 12.23
C GLU B 270 -39.70 19.90 10.88
N LEU B 271 -38.68 20.32 10.12
CA LEU B 271 -38.91 20.93 8.82
C LEU B 271 -39.70 20.04 7.84
N ALA B 272 -39.39 18.75 7.83
CA ALA B 272 -40.06 17.81 6.94
C ALA B 272 -41.51 17.55 7.38
N HIS B 273 -41.73 17.38 8.68
CA HIS B 273 -43.08 17.13 9.15
C HIS B 273 -43.97 18.33 8.87
N ASN B 274 -43.44 19.53 9.07
CA ASN B 274 -44.20 20.74 8.81
C ASN B 274 -44.53 20.85 7.33
N ALA B 275 -43.59 20.45 6.47
CA ALA B 275 -43.81 20.55 5.03
C ALA B 275 -44.67 19.46 4.43
N PHE B 276 -44.61 18.25 5.01
CA PHE B 276 -45.33 17.12 4.44
C PHE B 276 -46.51 16.50 5.15
N ASP B 277 -46.59 16.59 6.47
CA ASP B 277 -47.68 15.95 7.21
C ASP B 277 -49.12 16.13 6.74
N THR B 278 -49.56 17.38 6.56
CA THR B 278 -50.94 17.62 6.15
C THR B 278 -51.23 17.21 4.72
N THR B 279 -50.27 17.46 3.84
CA THR B 279 -50.41 17.14 2.42
C THR B 279 -50.33 15.66 2.09
N PHE B 280 -49.26 15.01 2.55
CA PHE B 280 -49.03 13.61 2.23
C PHE B 280 -49.41 12.57 3.26
N GLN B 281 -49.23 12.90 4.54
CA GLN B 281 -49.56 11.96 5.61
C GLN B 281 -48.84 10.62 5.45
N VAL B 282 -47.54 10.68 5.15
CA VAL B 282 -46.74 9.47 4.98
C VAL B 282 -45.56 9.46 5.92
N PRO B 283 -45.01 8.26 6.21
CA PRO B 283 -43.85 8.20 7.12
C PRO B 283 -42.63 8.88 6.50
N ILE B 284 -41.80 9.46 7.37
CA ILE B 284 -40.59 10.17 6.96
C ILE B 284 -39.41 9.49 7.64
N GLY B 285 -38.32 9.31 6.90
CA GLY B 285 -37.15 8.66 7.46
C GLY B 285 -35.81 9.26 7.07
N ALA B 286 -34.74 8.75 7.68
CA ALA B 286 -33.37 9.18 7.42
C ALA B 286 -32.47 7.95 7.55
N LYS B 287 -31.24 8.05 7.06
CA LYS B 287 -30.29 6.93 7.07
C LYS B 287 -29.09 7.09 7.99
N ILE B 288 -28.70 5.98 8.61
CA ILE B 288 -27.53 5.91 9.49
C ILE B 288 -26.55 5.01 8.72
N ALA B 289 -25.31 5.45 8.56
CA ALA B 289 -24.32 4.66 7.82
C ALA B 289 -23.79 3.44 8.58
N GLY B 290 -23.38 2.43 7.82
CA GLY B 290 -22.83 1.23 8.44
C GLY B 290 -21.32 1.33 8.40
N VAL B 291 -20.74 1.94 9.44
CA VAL B 291 -19.29 2.10 9.52
C VAL B 291 -18.77 0.89 10.29
N HIS B 292 -18.70 -0.22 9.58
CA HIS B 292 -18.28 -1.51 10.15
C HIS B 292 -16.79 -1.77 10.34
N TRP B 293 -15.91 -1.03 9.65
CA TRP B 293 -14.48 -1.28 9.78
C TRP B 293 -13.88 -0.63 11.02
N GLN B 294 -12.81 -1.25 11.54
CA GLN B 294 -12.11 -0.79 12.73
C GLN B 294 -13.01 -0.90 13.95
N TYR B 295 -14.01 -1.76 13.84
CA TYR B 295 -14.98 -1.96 14.91
C TYR B 295 -14.33 -2.55 16.15
N ASN B 296 -13.60 -3.66 15.96
CA ASN B 296 -12.95 -4.31 17.08
C ASN B 296 -11.42 -4.22 17.08
N ASN B 297 -10.89 -3.06 16.69
CA ASN B 297 -9.46 -2.84 16.71
C ASN B 297 -9.10 -2.67 18.20
N PRO B 298 -8.17 -3.48 18.72
CA PRO B 298 -7.76 -3.41 20.13
C PRO B 298 -7.12 -2.09 20.60
N THR B 299 -6.36 -1.45 19.73
CA THR B 299 -5.70 -0.22 20.09
C THR B 299 -6.57 1.02 19.84
N ILE B 300 -7.27 1.08 18.71
CA ILE B 300 -8.19 2.20 18.43
C ILE B 300 -9.59 1.63 18.15
N PRO B 301 -10.31 1.22 19.21
CA PRO B 301 -11.66 0.65 19.06
C PRO B 301 -12.64 1.61 18.40
N HIS B 302 -13.44 1.09 17.47
CA HIS B 302 -14.43 1.88 16.75
C HIS B 302 -13.73 3.11 16.17
N GLY B 303 -12.52 2.90 15.64
CA GLY B 303 -11.71 3.97 15.09
C GLY B 303 -12.23 4.65 13.84
N ALA B 304 -13.28 4.08 13.26
CA ALA B 304 -13.90 4.64 12.07
C ALA B 304 -15.28 5.22 12.43
N GLU B 305 -15.99 4.58 13.36
CA GLU B 305 -17.31 5.04 13.78
C GLU B 305 -17.29 6.40 14.48
N LYS B 306 -16.44 6.52 15.50
CA LYS B 306 -16.36 7.75 16.28
C LYS B 306 -16.08 9.01 15.46
N PRO B 307 -15.12 8.95 14.52
CA PRO B 307 -14.86 10.16 13.72
C PRO B 307 -16.05 10.53 12.81
N ALA B 308 -16.88 9.54 12.48
CA ALA B 308 -18.05 9.78 11.63
C ALA B 308 -19.20 10.33 12.47
N GLY B 309 -19.01 10.36 13.79
CA GLY B 309 -20.02 10.87 14.70
C GLY B 309 -20.77 9.86 15.53
N TYR B 310 -20.44 8.57 15.37
CA TYR B 310 -21.14 7.49 16.08
C TYR B 310 -20.38 6.96 17.30
N ASN B 311 -20.66 7.55 18.45
CA ASN B 311 -20.02 7.16 19.70
C ASN B 311 -21.01 6.42 20.61
N ASP B 312 -22.28 6.78 20.53
CA ASP B 312 -23.31 6.17 21.36
C ASP B 312 -24.59 6.06 20.53
N TYR B 313 -24.78 4.89 19.92
CA TYR B 313 -25.93 4.64 19.08
C TYR B 313 -27.27 4.77 19.78
N SER B 314 -27.32 4.39 21.05
CA SER B 314 -28.57 4.47 21.80
C SER B 314 -29.04 5.92 21.90
N HIS B 315 -28.12 6.80 22.23
CA HIS B 315 -28.41 8.22 22.37
C HIS B 315 -28.81 8.81 21.02
N LEU B 316 -28.09 8.42 19.97
CA LEU B 316 -28.36 8.90 18.62
C LEU B 316 -29.75 8.48 18.17
N LEU B 317 -30.13 7.25 18.49
CA LEU B 317 -31.44 6.74 18.11
C LEU B 317 -32.58 7.47 18.81
N ASP B 318 -32.33 7.93 20.04
CA ASP B 318 -33.33 8.67 20.79
C ASP B 318 -33.74 9.94 20.01
N ALA B 319 -32.79 10.49 19.25
CA ALA B 319 -33.01 11.68 18.43
C ALA B 319 -33.97 11.39 17.28
N PHE B 320 -33.86 10.21 16.68
CA PHE B 320 -34.75 9.79 15.59
C PHE B 320 -36.15 9.61 16.13
N LYS B 321 -36.24 9.12 17.36
CA LYS B 321 -37.52 8.92 18.02
C LYS B 321 -38.24 10.24 18.23
N SER B 322 -37.58 11.19 18.88
CA SER B 322 -38.17 12.51 19.15
C SER B 322 -38.48 13.26 17.86
N ALA B 323 -37.61 13.15 16.87
CA ALA B 323 -37.81 13.82 15.59
C ALA B 323 -38.91 13.13 14.79
N LYS B 324 -39.39 12.01 15.31
CA LYS B 324 -40.42 11.20 14.65
C LYS B 324 -40.00 10.77 13.25
N LEU B 325 -38.78 10.22 13.14
CA LEU B 325 -38.24 9.76 11.87
C LEU B 325 -37.95 8.27 11.91
N ASP B 326 -38.26 7.58 10.82
CA ASP B 326 -37.96 6.16 10.70
C ASP B 326 -36.47 6.07 10.38
N VAL B 327 -35.83 4.97 10.76
CA VAL B 327 -34.40 4.83 10.49
C VAL B 327 -34.09 3.73 9.48
N THR B 328 -33.14 4.01 8.61
CA THR B 328 -32.70 3.05 7.62
C THR B 328 -31.26 2.68 7.95
N PHE B 329 -30.94 1.39 7.95
CA PHE B 329 -29.59 0.95 8.23
C PHE B 329 -29.10 0.13 7.04
N THR B 330 -27.79 -0.07 6.94
CA THR B 330 -27.23 -0.82 5.83
C THR B 330 -26.32 -1.99 6.24
N CYS B 331 -25.75 -2.69 5.24
CA CYS B 331 -24.86 -3.83 5.45
C CYS B 331 -25.57 -5.14 5.83
N LEU B 332 -26.87 -5.25 5.58
CA LEU B 332 -27.61 -6.47 5.95
C LEU B 332 -27.13 -7.73 5.23
N GLU B 333 -26.42 -7.55 4.12
CA GLU B 333 -25.93 -8.69 3.35
C GLU B 333 -24.52 -9.17 3.74
N MET B 334 -23.90 -8.50 4.71
CA MET B 334 -22.53 -8.82 5.13
C MET B 334 -22.33 -9.69 6.37
N THR B 335 -21.14 -10.26 6.47
CA THR B 335 -20.73 -11.12 7.58
C THR B 335 -19.56 -10.54 8.34
N ASP B 336 -19.45 -10.90 9.62
CA ASP B 336 -18.37 -10.45 10.48
C ASP B 336 -17.05 -11.08 10.08
N LYS B 337 -15.97 -10.33 10.24
CA LYS B 337 -14.62 -10.83 9.96
C LYS B 337 -13.88 -10.60 11.28
N GLY B 338 -13.79 -9.34 11.69
CA GLY B 338 -13.15 -8.98 12.93
C GLY B 338 -11.67 -9.30 13.01
N SER B 339 -11.04 -9.37 11.84
CA SER B 339 -9.61 -9.67 11.76
C SER B 339 -8.78 -8.52 11.19
N TYR B 340 -7.51 -8.47 11.59
CA TYR B 340 -6.57 -7.47 11.12
C TYR B 340 -6.42 -7.64 9.61
N PRO B 341 -6.24 -6.54 8.87
CA PRO B 341 -6.18 -5.13 9.29
C PRO B 341 -7.52 -4.38 9.33
N GLU B 342 -8.56 -4.92 8.70
CA GLU B 342 -9.86 -4.23 8.63
C GLU B 342 -10.72 -4.19 9.89
N TYR B 343 -10.66 -5.24 10.70
CA TYR B 343 -11.46 -5.34 11.93
C TYR B 343 -12.92 -4.99 11.63
N SER B 344 -13.44 -5.63 10.59
CA SER B 344 -14.79 -5.43 10.10
C SER B 344 -15.83 -6.31 10.78
N MET B 345 -16.80 -5.69 11.45
CA MET B 345 -17.86 -6.41 12.14
C MET B 345 -19.26 -5.88 11.75
N PRO B 346 -19.67 -6.09 10.48
CA PRO B 346 -20.98 -5.61 10.02
C PRO B 346 -22.22 -6.30 10.58
N LYS B 347 -22.21 -7.63 10.67
CA LYS B 347 -23.37 -8.34 11.20
C LYS B 347 -23.63 -8.00 12.66
N THR B 348 -22.56 -7.90 13.45
CA THR B 348 -22.70 -7.52 14.86
C THR B 348 -23.28 -6.10 14.99
N LEU B 349 -22.76 -5.19 14.18
CA LEU B 349 -23.22 -3.80 14.16
C LEU B 349 -24.73 -3.76 13.88
N VAL B 350 -25.15 -4.42 12.79
CA VAL B 350 -26.55 -4.48 12.39
C VAL B 350 -27.43 -5.06 13.49
N GLN B 351 -26.99 -6.17 14.07
CA GLN B 351 -27.73 -6.81 15.16
C GLN B 351 -27.96 -5.86 16.33
N ASN B 352 -26.97 -5.04 16.65
CA ASN B 352 -27.09 -4.09 17.76
C ASN B 352 -27.96 -2.86 17.48
N ILE B 353 -27.87 -2.31 16.27
CA ILE B 353 -28.69 -1.16 15.89
C ILE B 353 -30.15 -1.61 15.88
N ALA B 354 -30.41 -2.74 15.21
CA ALA B 354 -31.76 -3.31 15.12
C ALA B 354 -32.38 -3.53 16.48
N THR B 355 -31.59 -4.11 17.38
CA THR B 355 -32.04 -4.37 18.75
C THR B 355 -32.43 -3.05 19.43
N LEU B 356 -31.57 -2.04 19.31
CA LEU B 356 -31.81 -0.74 19.92
C LEU B 356 -33.08 -0.09 19.36
N ALA B 357 -33.18 -0.08 18.04
CA ALA B 357 -34.32 0.49 17.35
C ALA B 357 -35.59 -0.19 17.82
N ASN B 358 -35.57 -1.52 17.86
CA ASN B 358 -36.71 -2.32 18.27
C ASN B 358 -37.16 -2.04 19.70
N GLU B 359 -36.20 -1.94 20.62
CA GLU B 359 -36.54 -1.65 22.00
C GLU B 359 -37.03 -0.20 22.21
N LYS B 360 -36.67 0.70 21.30
CA LYS B 360 -37.12 2.09 21.40
C LYS B 360 -38.44 2.30 20.66
N GLY B 361 -38.83 1.34 19.83
CA GLY B 361 -40.07 1.45 19.09
C GLY B 361 -39.91 2.23 17.81
N ILE B 362 -38.71 2.18 17.23
CA ILE B 362 -38.41 2.90 15.99
C ILE B 362 -38.55 1.97 14.77
N VAL B 363 -39.33 2.39 13.78
CA VAL B 363 -39.53 1.61 12.57
C VAL B 363 -38.20 1.52 11.83
N LEU B 364 -37.82 0.29 11.53
CA LEU B 364 -36.55 -0.02 10.93
C LEU B 364 -36.62 -0.53 9.51
N ASN B 365 -35.77 0.05 8.66
CA ASN B 365 -35.70 -0.34 7.27
C ASN B 365 -34.24 -0.65 7.02
N GLY B 366 -33.97 -1.46 6.00
CA GLY B 366 -32.59 -1.80 5.72
C GLY B 366 -32.27 -1.89 4.26
N GLU B 367 -30.99 -1.88 3.94
CA GLU B 367 -30.55 -2.01 2.57
C GLU B 367 -29.18 -2.65 2.52
N ASN B 368 -28.81 -3.16 1.35
CA ASN B 368 -27.52 -3.79 1.16
C ASN B 368 -26.49 -2.69 0.92
N ALA B 369 -25.28 -2.88 1.43
CA ALA B 369 -24.21 -1.91 1.28
C ALA B 369 -23.64 -1.90 -0.14
N LEU B 370 -23.38 -3.11 -0.66
CA LEU B 370 -22.83 -3.27 -2.00
C LEU B 370 -23.71 -4.18 -2.85
N SER B 371 -23.45 -4.19 -4.16
CA SER B 371 -24.19 -5.01 -5.11
C SER B 371 -24.13 -6.49 -4.80
N ILE B 372 -25.29 -7.14 -4.91
CA ILE B 372 -25.40 -8.56 -4.66
C ILE B 372 -25.45 -9.23 -6.02
N GLY B 373 -24.51 -10.13 -6.24
CA GLY B 373 -24.48 -10.86 -7.50
C GLY B 373 -24.72 -12.34 -7.27
N ASN B 374 -24.94 -12.72 -6.03
CA ASN B 374 -25.15 -14.12 -5.66
C ASN B 374 -26.28 -14.27 -4.65
N GLU B 375 -27.05 -15.35 -4.79
CA GLU B 375 -28.18 -15.62 -3.92
C GLU B 375 -27.85 -15.82 -2.45
N GLU B 376 -26.64 -16.26 -2.13
CA GLU B 376 -26.24 -16.46 -0.74
C GLU B 376 -26.28 -15.16 0.04
N GLU B 377 -26.06 -14.05 -0.66
CA GLU B 377 -26.09 -12.74 -0.04
C GLU B 377 -27.55 -12.36 0.22
N TYR B 378 -28.46 -12.84 -0.64
CA TYR B 378 -29.89 -12.59 -0.48
C TYR B 378 -30.33 -13.36 0.74
N LYS B 379 -29.75 -14.54 0.95
CA LYS B 379 -30.10 -15.36 2.11
C LYS B 379 -29.68 -14.68 3.41
N ARG B 380 -28.57 -13.95 3.37
CA ARG B 380 -28.09 -13.23 4.55
C ARG B 380 -28.97 -12.03 4.87
N VAL B 381 -29.46 -11.38 3.81
CA VAL B 381 -30.37 -10.24 3.96
C VAL B 381 -31.68 -10.72 4.58
N ALA B 382 -32.15 -11.85 4.07
CA ALA B 382 -33.40 -12.47 4.53
C ALA B 382 -33.33 -12.79 6.02
N GLU B 383 -32.17 -13.25 6.48
CA GLU B 383 -32.00 -13.59 7.89
C GLU B 383 -32.16 -12.40 8.81
N MET B 384 -31.48 -11.30 8.49
CA MET B 384 -31.56 -10.09 9.30
C MET B 384 -32.94 -9.47 9.17
N ALA B 385 -33.42 -9.36 7.95
CA ALA B 385 -34.71 -8.75 7.65
C ALA B 385 -35.89 -9.38 8.37
N PHE B 386 -36.01 -10.71 8.22
CA PHE B 386 -37.13 -11.40 8.82
C PHE B 386 -36.93 -11.86 10.25
N ASN B 387 -35.71 -11.72 10.77
CA ASN B 387 -35.46 -12.15 12.14
C ASN B 387 -35.24 -11.01 13.10
N TYR B 388 -34.96 -9.82 12.58
CA TYR B 388 -34.74 -8.65 13.43
C TYR B 388 -35.82 -7.56 13.34
N ASN B 389 -36.98 -7.94 12.82
CA ASN B 389 -38.15 -7.08 12.69
C ASN B 389 -38.09 -5.90 11.72
N PHE B 390 -37.44 -6.09 10.58
CA PHE B 390 -37.36 -5.02 9.59
C PHE B 390 -38.71 -4.83 8.90
N ALA B 391 -39.13 -3.57 8.76
CA ALA B 391 -40.38 -3.22 8.12
C ALA B 391 -40.20 -3.10 6.61
N GLY B 392 -38.96 -2.95 6.17
CA GLY B 392 -38.71 -2.85 4.75
C GLY B 392 -37.29 -3.18 4.35
N PHE B 393 -37.09 -3.52 3.09
CA PHE B 393 -35.75 -3.80 2.60
C PHE B 393 -35.62 -3.12 1.25
N THR B 394 -34.56 -2.34 1.09
CA THR B 394 -34.32 -1.63 -0.15
C THR B 394 -33.12 -2.20 -0.88
N LEU B 395 -33.36 -2.69 -2.09
CA LEU B 395 -32.31 -3.28 -2.88
C LEU B 395 -31.57 -2.31 -3.78
N LEU B 396 -30.27 -2.18 -3.53
CA LEU B 396 -29.41 -1.36 -4.36
C LEU B 396 -28.81 -2.38 -5.34
N ARG B 397 -29.01 -2.20 -6.64
CA ARG B 397 -29.74 -1.09 -7.22
C ARG B 397 -30.37 -1.61 -8.52
N TYR B 398 -31.39 -0.89 -9.01
CA TYR B 398 -32.14 -1.18 -10.23
C TYR B 398 -31.54 -2.16 -11.26
N GLN B 399 -30.47 -1.74 -11.93
CA GLN B 399 -29.83 -2.55 -12.98
C GLN B 399 -29.34 -3.94 -12.61
N ASP B 400 -29.07 -4.16 -11.33
CA ASP B 400 -28.58 -5.45 -10.86
C ASP B 400 -29.55 -6.61 -11.10
N VAL B 401 -30.84 -6.40 -10.79
CA VAL B 401 -31.85 -7.45 -10.98
C VAL B 401 -32.65 -7.26 -12.29
N MET B 402 -32.70 -6.03 -12.76
CA MET B 402 -33.43 -5.71 -13.99
C MET B 402 -32.76 -6.34 -15.20
N TYR B 403 -31.43 -6.37 -15.18
CA TYR B 403 -30.69 -6.94 -16.30
C TYR B 403 -30.16 -8.35 -16.06
N ASN B 404 -30.68 -9.02 -15.03
CA ASN B 404 -30.26 -10.39 -14.73
C ASN B 404 -31.47 -11.17 -14.26
N ASN B 405 -32.12 -11.83 -15.21
CA ASN B 405 -33.31 -12.60 -14.93
C ASN B 405 -33.13 -13.63 -13.82
N SER B 406 -31.93 -14.19 -13.71
CA SER B 406 -31.65 -15.19 -12.68
C SER B 406 -31.68 -14.60 -11.28
N LEU B 407 -30.98 -13.49 -11.08
CA LEU B 407 -30.97 -12.84 -9.77
C LEU B 407 -32.36 -12.34 -9.41
N MET B 408 -33.05 -11.72 -10.36
CA MET B 408 -34.40 -11.22 -10.15
C MET B 408 -35.31 -12.33 -9.60
N GLY B 409 -35.16 -13.54 -10.16
CA GLY B 409 -35.96 -14.67 -9.70
C GLY B 409 -35.61 -15.09 -8.28
N LYS B 410 -34.34 -15.01 -7.92
CA LYS B 410 -33.90 -15.36 -6.58
C LYS B 410 -34.49 -14.38 -5.58
N PHE B 411 -34.39 -13.08 -5.89
CA PHE B 411 -34.93 -12.05 -5.01
C PHE B 411 -36.42 -12.28 -4.79
N LYS B 412 -37.16 -12.48 -5.88
CA LYS B 412 -38.61 -12.70 -5.81
C LYS B 412 -38.97 -13.79 -4.78
N ASP B 413 -38.30 -14.94 -4.89
CA ASP B 413 -38.52 -16.07 -4.00
C ASP B 413 -38.07 -15.80 -2.56
N LEU B 414 -36.89 -15.25 -2.40
CA LEU B 414 -36.34 -14.99 -1.08
C LEU B 414 -36.81 -13.74 -0.33
N LEU B 415 -36.90 -12.62 -1.05
CA LEU B 415 -37.27 -11.35 -0.42
C LEU B 415 -38.53 -10.62 -0.90
N GLY B 416 -38.97 -10.87 -2.13
CA GLY B 416 -40.17 -10.18 -2.63
C GLY B 416 -41.43 -10.90 -2.20
N VAL B 417 -41.59 -11.07 -0.89
CA VAL B 417 -42.73 -11.80 -0.33
C VAL B 417 -43.75 -10.91 0.36
N THR B 418 -44.99 -11.42 0.41
CA THR B 418 -46.11 -10.74 1.02
C THR B 418 -46.45 -11.45 2.33
N PRO B 419 -46.25 -10.78 3.48
CA PRO B 419 -46.55 -11.41 4.75
C PRO B 419 -48.04 -11.52 5.05
N VAL B 420 -48.49 -12.74 5.30
CA VAL B 420 -49.90 -13.02 5.61
C VAL B 420 -50.01 -13.73 6.95
N MET B 421 -50.92 -13.24 7.79
CA MET B 421 -51.16 -13.83 9.10
C MET B 421 -51.79 -15.22 8.90
N GLN B 422 -51.26 -16.21 9.61
CA GLN B 422 -51.79 -17.58 9.52
C GLN B 422 -51.83 -18.14 10.94
N THR B 423 -52.69 -19.13 11.17
CA THR B 423 -52.76 -19.74 12.50
C THR B 423 -52.18 -21.14 12.39
N ILE B 424 -51.23 -21.44 13.28
CA ILE B 424 -50.58 -22.73 13.32
C ILE B 424 -51.08 -23.43 14.57
N VAL B 425 -51.57 -24.65 14.40
CA VAL B 425 -52.10 -25.44 15.51
C VAL B 425 -51.42 -26.80 15.60
N VAL B 426 -50.89 -27.10 16.77
CA VAL B 426 -50.22 -28.38 17.03
C VAL B 426 -50.89 -29.02 18.23
N LYS B 427 -51.46 -30.19 18.02
CA LYS B 427 -52.14 -30.89 19.08
C LYS B 427 -51.43 -32.18 19.49
N ASN B 428 -51.72 -32.62 20.71
CA ASN B 428 -51.16 -33.85 21.29
C ASN B 428 -49.69 -33.69 21.68
N VAL B 429 -49.32 -32.49 22.12
CA VAL B 429 -47.94 -32.21 22.52
C VAL B 429 -47.68 -32.59 23.98
N PRO B 430 -46.73 -33.52 24.21
CA PRO B 430 -46.34 -34.02 25.52
C PRO B 430 -45.59 -32.97 26.33
N THR B 431 -46.28 -31.92 26.71
CA THR B 431 -45.65 -30.84 27.48
C THR B 431 -45.66 -31.11 28.98
N THR B 432 -44.47 -31.32 29.52
CA THR B 432 -44.29 -31.54 30.94
C THR B 432 -44.31 -30.14 31.59
N ILE B 433 -44.46 -30.10 32.90
CA ILE B 433 -44.47 -28.82 33.61
C ILE B 433 -43.16 -28.07 33.33
N GLY B 434 -43.27 -26.81 32.90
CA GLY B 434 -42.09 -26.00 32.62
C GLY B 434 -41.70 -25.94 31.16
N ASP B 435 -42.39 -26.70 30.31
CA ASP B 435 -42.09 -26.73 28.89
C ASP B 435 -42.74 -25.62 28.07
N THR B 436 -42.13 -25.32 26.92
CA THR B 436 -42.62 -24.32 25.98
C THR B 436 -42.54 -24.96 24.60
N VAL B 437 -43.44 -24.58 23.71
CA VAL B 437 -43.45 -25.15 22.37
C VAL B 437 -43.11 -24.07 21.33
N TYR B 438 -42.39 -24.48 20.28
CA TYR B 438 -41.98 -23.59 19.21
C TYR B 438 -42.08 -24.28 17.87
N ILE B 439 -41.88 -23.51 16.81
CA ILE B 439 -41.85 -24.05 15.47
C ILE B 439 -40.65 -23.37 14.81
N THR B 440 -40.02 -24.08 13.89
CA THR B 440 -38.90 -23.54 13.16
C THR B 440 -38.99 -24.22 11.80
N GLY B 441 -38.44 -23.62 10.76
CA GLY B 441 -38.55 -24.22 9.45
C GLY B 441 -37.43 -23.85 8.50
N ASN B 442 -37.58 -24.27 7.25
CA ASN B 442 -36.56 -24.03 6.23
C ASN B 442 -36.32 -22.60 5.78
N ARG B 443 -37.34 -21.74 5.86
CA ARG B 443 -37.16 -20.36 5.43
C ARG B 443 -36.69 -19.43 6.54
N ALA B 444 -36.10 -18.31 6.13
CA ALA B 444 -35.61 -17.29 7.06
C ALA B 444 -36.78 -16.72 7.89
N GLU B 445 -37.98 -16.77 7.33
CA GLU B 445 -39.18 -16.29 7.99
C GLU B 445 -39.54 -17.20 9.16
N LEU B 446 -39.08 -18.44 9.09
CA LEU B 446 -39.34 -19.41 10.15
C LEU B 446 -38.11 -19.65 11.02
N GLY B 447 -37.03 -18.95 10.71
CA GLY B 447 -35.83 -19.09 11.51
C GLY B 447 -34.73 -19.95 10.93
N SER B 448 -34.92 -20.52 9.74
CA SER B 448 -33.90 -21.37 9.13
C SER B 448 -33.45 -22.55 10.02
N TRP B 449 -34.41 -23.21 10.67
CA TRP B 449 -34.14 -24.35 11.55
C TRP B 449 -33.36 -24.05 12.84
N ASP B 450 -33.21 -22.77 13.18
CA ASP B 450 -32.52 -22.41 14.40
C ASP B 450 -33.46 -22.55 15.58
N THR B 451 -32.97 -23.17 16.65
CA THR B 451 -33.76 -23.39 17.85
C THR B 451 -33.22 -22.59 19.02
N LYS B 452 -32.16 -21.84 18.79
CA LYS B 452 -31.56 -21.04 19.84
C LYS B 452 -32.12 -19.62 19.92
N GLN B 453 -31.93 -18.84 18.86
CA GLN B 453 -32.38 -17.45 18.82
C GLN B 453 -33.60 -17.06 17.97
N TYR B 454 -33.86 -17.80 16.90
CA TYR B 454 -34.94 -17.45 15.97
C TYR B 454 -36.27 -18.24 15.94
N PRO B 455 -36.42 -19.33 16.73
CA PRO B 455 -37.70 -20.05 16.64
C PRO B 455 -38.91 -19.21 17.02
N ILE B 456 -40.06 -19.57 16.47
CA ILE B 456 -41.31 -18.87 16.74
C ILE B 456 -42.03 -19.59 17.88
N GLN B 457 -42.45 -18.83 18.89
CA GLN B 457 -43.13 -19.39 20.06
C GLN B 457 -44.66 -19.52 19.95
N LEU B 458 -45.17 -20.74 20.18
CA LEU B 458 -46.61 -20.99 20.16
C LEU B 458 -47.14 -20.81 21.59
N TYR B 459 -48.45 -20.88 21.76
CA TYR B 459 -49.06 -20.70 23.08
C TYR B 459 -50.14 -21.77 23.32
N TYR B 460 -50.31 -22.16 24.58
CA TYR B 460 -51.29 -23.20 24.92
C TYR B 460 -52.75 -22.76 24.97
N ASP B 461 -53.53 -23.28 24.02
CA ASP B 461 -54.96 -23.01 23.94
C ASP B 461 -55.69 -24.05 24.78
N SER B 462 -56.01 -23.66 26.02
CA SER B 462 -56.72 -24.54 26.94
C SER B 462 -58.07 -25.04 26.39
N HIS B 463 -58.88 -24.12 25.88
CA HIS B 463 -60.21 -24.44 25.36
C HIS B 463 -60.20 -25.39 24.18
N SER B 464 -59.04 -25.52 23.55
CA SER B 464 -58.90 -26.43 22.40
C SER B 464 -57.94 -27.54 22.80
N ASN B 465 -57.32 -27.37 23.97
CA ASN B 465 -56.37 -28.32 24.51
C ASN B 465 -55.27 -28.62 23.49
N ASP B 466 -54.51 -27.58 23.15
CA ASP B 466 -53.41 -27.71 22.20
C ASP B 466 -52.55 -26.46 22.18
N TRP B 467 -51.58 -26.42 21.29
CA TRP B 467 -50.67 -25.28 21.15
C TRP B 467 -50.86 -24.63 19.80
N ARG B 468 -51.04 -23.31 19.80
CA ARG B 468 -51.23 -22.58 18.54
C ARG B 468 -50.62 -21.18 18.59
N GLY B 469 -50.60 -20.53 17.44
CA GLY B 469 -50.06 -19.19 17.38
C GLY B 469 -50.43 -18.55 16.07
N ASN B 470 -50.49 -17.22 16.06
CA ASN B 470 -50.80 -16.49 14.84
C ASN B 470 -49.44 -16.09 14.31
N VAL B 471 -49.03 -16.81 13.27
CA VAL B 471 -47.73 -16.63 12.66
C VAL B 471 -47.82 -15.96 11.30
N VAL B 472 -47.06 -14.89 11.12
CA VAL B 472 -47.03 -14.19 9.84
C VAL B 472 -46.08 -14.99 8.96
N LEU B 473 -46.54 -15.44 7.80
CA LEU B 473 -45.71 -16.23 6.91
C LEU B 473 -45.63 -15.65 5.51
N PRO B 474 -44.65 -16.08 4.71
CA PRO B 474 -44.55 -15.56 3.35
C PRO B 474 -45.67 -16.20 2.50
N ALA B 475 -46.54 -15.38 1.93
CA ALA B 475 -47.64 -15.89 1.12
C ALA B 475 -47.14 -16.50 -0.19
N GLU B 476 -47.75 -17.62 -0.58
CA GLU B 476 -47.39 -18.31 -1.81
C GLU B 476 -45.97 -18.86 -1.88
N ARG B 477 -45.44 -19.28 -0.74
CA ARG B 477 -44.10 -19.85 -0.73
C ARG B 477 -44.19 -21.24 -0.11
N ASN B 478 -43.38 -22.15 -0.62
CA ASN B 478 -43.37 -23.51 -0.09
C ASN B 478 -42.54 -23.55 1.17
N ILE B 479 -43.12 -24.02 2.27
CA ILE B 479 -42.40 -24.10 3.53
C ILE B 479 -42.48 -25.48 4.21
N GLU B 480 -41.47 -25.76 5.02
CA GLU B 480 -41.37 -27.01 5.78
C GLU B 480 -40.98 -26.62 7.18
N PHE B 481 -41.60 -27.24 8.17
CA PHE B 481 -41.32 -26.91 9.54
C PHE B 481 -41.70 -28.05 10.47
N LYS B 482 -41.36 -27.88 11.74
CA LYS B 482 -41.66 -28.84 12.79
C LYS B 482 -41.74 -28.13 14.13
N ALA B 483 -42.57 -28.65 15.02
CA ALA B 483 -42.69 -28.09 16.36
C ALA B 483 -41.68 -28.84 17.23
N PHE B 484 -41.18 -28.18 18.28
CA PHE B 484 -40.24 -28.81 19.19
C PHE B 484 -40.50 -28.26 20.58
N ILE B 485 -40.18 -29.06 21.58
CA ILE B 485 -40.38 -28.66 22.96
C ILE B 485 -39.08 -28.09 23.50
N LYS B 486 -39.19 -26.99 24.23
CA LYS B 486 -38.04 -26.34 24.82
C LYS B 486 -38.23 -26.42 26.33
N SER B 487 -37.35 -27.18 26.97
CA SER B 487 -37.36 -27.37 28.41
C SER B 487 -37.31 -26.06 29.18
N LYS B 488 -37.71 -26.14 30.45
CA LYS B 488 -37.75 -25.00 31.36
C LYS B 488 -36.45 -24.21 31.39
N ASP B 489 -35.32 -24.90 31.33
CA ASP B 489 -34.02 -24.23 31.36
C ASP B 489 -33.58 -23.72 29.99
N GLY B 490 -34.35 -24.07 28.97
CA GLY B 490 -34.03 -23.65 27.61
C GLY B 490 -33.23 -24.70 26.85
N THR B 491 -33.76 -25.91 26.77
CA THR B 491 -33.08 -26.97 26.05
C THR B 491 -34.09 -27.72 25.20
N VAL B 492 -33.72 -28.03 23.96
CA VAL B 492 -34.61 -28.78 23.08
C VAL B 492 -34.87 -30.16 23.69
N LYS B 493 -36.04 -30.33 24.28
CA LYS B 493 -36.41 -31.58 24.90
C LYS B 493 -36.72 -32.67 23.86
N SER B 494 -37.46 -32.31 22.82
CA SER B 494 -37.82 -33.26 21.76
C SER B 494 -38.47 -32.55 20.57
N TRP B 495 -38.59 -33.26 19.45
CA TRP B 495 -39.17 -32.71 18.23
C TRP B 495 -40.46 -33.41 17.83
N GLN B 496 -41.22 -32.76 16.96
CA GLN B 496 -42.47 -33.29 16.44
C GLN B 496 -42.07 -34.44 15.50
N THR B 497 -42.77 -35.57 15.61
CA THR B 497 -42.48 -36.76 14.82
C THR B 497 -42.36 -36.62 13.30
N ILE B 498 -43.31 -35.94 12.68
CA ILE B 498 -43.28 -35.76 11.24
C ILE B 498 -43.03 -34.30 10.87
N GLN B 499 -42.29 -34.09 9.79
CA GLN B 499 -42.01 -32.73 9.34
C GLN B 499 -43.25 -32.21 8.64
N GLN B 500 -43.78 -31.09 9.11
CA GLN B 500 -44.97 -30.47 8.53
C GLN B 500 -44.59 -29.57 7.36
N SER B 501 -45.56 -29.29 6.49
CA SER B 501 -45.31 -28.43 5.35
C SER B 501 -46.55 -27.70 4.86
N TRP B 502 -46.34 -26.63 4.10
CA TRP B 502 -47.42 -25.83 3.53
C TRP B 502 -46.88 -25.50 2.13
N ASN B 503 -47.33 -26.24 1.13
CA ASN B 503 -46.86 -26.04 -0.23
C ASN B 503 -47.93 -25.55 -1.21
N PRO B 504 -48.12 -24.23 -1.33
CA PRO B 504 -47.47 -23.15 -0.58
C PRO B 504 -48.39 -22.58 0.49
N VAL B 505 -47.89 -21.58 1.20
CA VAL B 505 -48.70 -20.90 2.22
C VAL B 505 -49.78 -20.15 1.45
N PRO B 506 -51.04 -20.33 1.86
CA PRO B 506 -52.18 -19.67 1.20
C PRO B 506 -52.20 -18.17 1.41
N LEU B 507 -52.66 -17.47 0.39
CA LEU B 507 -52.76 -16.01 0.43
C LEU B 507 -53.87 -15.57 1.41
N LYS B 508 -54.83 -16.45 1.67
CA LYS B 508 -55.93 -16.18 2.59
C LYS B 508 -55.67 -16.82 3.93
N THR B 509 -55.91 -16.05 4.99
CA THR B 509 -55.72 -16.53 6.36
C THR B 509 -56.57 -17.75 6.66
N THR B 510 -55.90 -18.87 6.93
CA THR B 510 -56.56 -20.12 7.27
C THR B 510 -55.82 -20.61 8.52
N SER B 511 -55.62 -21.92 8.62
CA SER B 511 -54.90 -22.52 9.72
C SER B 511 -54.31 -23.85 9.31
N HIS B 512 -53.16 -24.18 9.90
CA HIS B 512 -52.47 -25.43 9.61
C HIS B 512 -52.53 -26.20 10.92
N THR B 513 -53.34 -27.25 10.94
CA THR B 513 -53.49 -28.08 12.13
C THR B 513 -52.75 -29.41 11.96
N SER B 514 -51.94 -29.77 12.98
CA SER B 514 -51.16 -31.00 12.96
C SER B 514 -50.99 -31.58 14.35
N SER B 515 -50.61 -32.86 14.40
CA SER B 515 -50.38 -33.57 15.66
C SER B 515 -48.89 -33.80 15.87
N TRP B 516 -48.51 -33.91 17.14
CA TRP B 516 -47.12 -34.13 17.53
C TRP B 516 -46.60 -35.47 17.00
N ALA C 1 34.94 9.85 -24.16
CA ALA C 1 34.76 9.53 -22.72
C ALA C 1 35.06 10.77 -21.89
N VAL C 2 34.70 10.73 -20.61
CA VAL C 2 34.94 11.83 -19.69
C VAL C 2 36.41 12.27 -19.72
N ASN C 3 36.63 13.58 -19.61
CA ASN C 3 37.99 14.15 -19.61
C ASN C 3 38.76 14.03 -20.94
N GLY C 4 38.03 13.85 -22.03
CA GLY C 4 38.66 13.76 -23.34
C GLY C 4 39.30 12.43 -23.73
N LYS C 5 39.00 11.37 -22.96
CA LYS C 5 39.54 10.04 -23.21
C LYS C 5 38.63 9.25 -24.13
N GLY C 6 39.05 8.03 -24.46
CA GLY C 6 38.26 7.14 -25.28
C GLY C 6 37.80 5.96 -24.42
N MET C 7 37.25 4.92 -25.04
CA MET C 7 36.81 3.75 -24.27
C MET C 7 38.00 3.01 -23.68
N ASN C 8 37.77 2.21 -22.64
CA ASN C 8 38.83 1.45 -21.98
C ASN C 8 39.34 0.36 -22.95
N PRO C 9 40.64 0.36 -23.25
CA PRO C 9 41.24 -0.64 -24.16
C PRO C 9 41.14 -2.08 -23.73
N ASP C 10 40.90 -2.32 -22.44
CA ASP C 10 40.78 -3.68 -21.93
C ASP C 10 39.34 -4.15 -21.77
N TYR C 11 38.40 -3.33 -22.24
CA TYR C 11 36.99 -3.69 -22.13
C TYR C 11 36.64 -5.05 -22.70
N LYS C 12 35.82 -5.79 -21.96
CA LYS C 12 35.36 -7.12 -22.37
C LYS C 12 33.96 -7.33 -21.80
N ALA C 13 33.15 -8.10 -22.51
CA ALA C 13 31.78 -8.39 -22.08
C ALA C 13 31.68 -9.78 -21.47
N TYR C 14 30.88 -9.91 -20.42
CA TYR C 14 30.72 -11.18 -19.73
C TYR C 14 29.25 -11.52 -19.62
N LEU C 15 28.94 -12.80 -19.59
CA LEU C 15 27.56 -13.22 -19.47
C LEU C 15 27.36 -13.95 -18.15
N MET C 16 26.28 -13.62 -17.44
CA MET C 16 25.98 -14.28 -16.17
C MET C 16 25.26 -15.59 -16.42
N ALA C 17 25.78 -16.67 -15.85
CA ALA C 17 25.18 -17.98 -16.00
C ALA C 17 23.92 -18.05 -15.15
N PRO C 18 23.06 -19.06 -15.39
CA PRO C 18 21.83 -19.22 -14.62
C PRO C 18 22.16 -19.38 -13.13
N LEU C 19 21.16 -19.17 -12.28
CA LEU C 19 21.32 -19.30 -10.83
C LEU C 19 21.31 -20.79 -10.44
N LYS C 20 20.56 -21.60 -11.20
CA LYS C 20 20.44 -23.04 -10.99
C LYS C 20 21.50 -23.77 -11.80
N LYS C 21 21.86 -24.97 -11.36
CA LYS C 21 22.86 -25.76 -12.06
C LYS C 21 22.47 -26.00 -13.50
N ILE C 22 23.47 -26.05 -14.38
CA ILE C 22 23.23 -26.29 -15.81
C ILE C 22 22.36 -27.51 -16.10
N PRO C 23 22.61 -28.64 -15.43
CA PRO C 23 21.77 -29.83 -15.70
C PRO C 23 20.27 -29.67 -15.31
N GLU C 24 19.96 -28.64 -14.52
CA GLU C 24 18.58 -28.37 -14.11
C GLU C 24 17.91 -27.46 -15.13
N VAL C 25 18.74 -26.64 -15.78
CA VAL C 25 18.30 -25.67 -16.78
C VAL C 25 18.34 -26.16 -18.23
N THR C 26 19.28 -27.02 -18.56
CA THR C 26 19.45 -27.52 -19.92
C THR C 26 20.35 -28.76 -19.83
N ASN C 27 21.29 -28.93 -20.74
CA ASN C 27 22.21 -30.07 -20.69
C ASN C 27 23.58 -29.59 -21.11
N TRP C 28 24.61 -30.33 -20.71
CA TRP C 28 25.99 -29.95 -21.02
C TRP C 28 26.29 -29.79 -22.50
N GLU C 29 25.65 -30.63 -23.31
CA GLU C 29 25.83 -30.61 -24.75
C GLU C 29 25.37 -29.28 -25.34
N THR C 30 24.11 -28.93 -25.04
CA THR C 30 23.51 -27.69 -25.52
C THR C 30 24.28 -26.50 -24.93
N PHE C 31 24.50 -26.55 -23.61
CA PHE C 31 25.24 -25.52 -22.90
C PHE C 31 26.53 -25.17 -23.65
N GLU C 32 27.26 -26.19 -24.11
CA GLU C 32 28.50 -25.96 -24.85
C GLU C 32 28.24 -25.17 -26.13
N ASN C 33 27.17 -25.51 -26.85
CA ASN C 33 26.85 -24.81 -28.07
C ASN C 33 26.39 -23.39 -27.80
N ASP C 34 25.71 -23.21 -26.66
CA ASP C 34 25.24 -21.88 -26.26
C ASP C 34 26.43 -20.98 -25.99
N LEU C 35 27.49 -21.55 -25.42
CA LEU C 35 28.70 -20.80 -25.12
C LEU C 35 29.43 -20.39 -26.38
N ARG C 36 29.46 -21.28 -27.38
CA ARG C 36 30.11 -20.96 -28.64
C ARG C 36 29.35 -19.84 -29.32
N TRP C 37 28.02 -19.89 -29.18
CA TRP C 37 27.15 -18.87 -29.74
C TRP C 37 27.37 -17.53 -29.01
N ALA C 38 27.59 -17.61 -27.70
CA ALA C 38 27.84 -16.41 -26.89
C ALA C 38 29.15 -15.80 -27.32
N LYS C 39 30.15 -16.65 -27.54
CA LYS C 39 31.47 -16.22 -27.98
C LYS C 39 31.35 -15.52 -29.33
N GLN C 40 30.42 -15.98 -30.14
CA GLN C 40 30.18 -15.38 -31.45
C GLN C 40 29.57 -13.99 -31.34
N ASN C 41 28.86 -13.74 -30.24
CA ASN C 41 28.23 -12.45 -30.06
C ASN C 41 29.01 -11.44 -29.22
N GLY C 42 30.32 -11.65 -29.09
CA GLY C 42 31.14 -10.73 -28.34
C GLY C 42 31.46 -11.06 -26.88
N PHE C 43 30.86 -12.11 -26.33
CA PHE C 43 31.13 -12.47 -24.94
C PHE C 43 32.50 -13.12 -24.76
N TYR C 44 33.23 -12.66 -23.74
CA TYR C 44 34.57 -13.17 -23.45
C TYR C 44 34.58 -14.27 -22.38
N ALA C 45 33.68 -14.17 -21.42
CA ALA C 45 33.62 -15.15 -20.35
C ALA C 45 32.23 -15.25 -19.75
N ILE C 46 32.01 -16.35 -19.03
CA ILE C 46 30.75 -16.59 -18.34
C ILE C 46 31.04 -16.57 -16.85
N THR C 47 30.37 -15.70 -16.11
CA THR C 47 30.57 -15.65 -14.67
C THR C 47 29.59 -16.66 -14.10
N VAL C 48 29.96 -17.31 -13.01
CA VAL C 48 29.11 -18.34 -12.42
C VAL C 48 29.26 -18.46 -10.91
N ASP C 49 28.11 -18.57 -10.24
CA ASP C 49 28.05 -18.72 -8.79
C ASP C 49 28.30 -20.18 -8.42
N PHE C 50 29.29 -20.41 -7.57
CA PHE C 50 29.55 -21.75 -7.05
C PHE C 50 29.19 -21.54 -5.58
N TRP C 51 28.03 -22.08 -5.21
CA TRP C 51 27.49 -21.95 -3.86
C TRP C 51 28.18 -22.72 -2.76
N TRP C 52 28.44 -22.02 -1.65
CA TRP C 52 29.06 -22.60 -0.47
C TRP C 52 28.15 -23.74 0.02
N GLY C 53 26.84 -23.53 -0.13
CA GLY C 53 25.84 -24.52 0.27
C GLY C 53 25.99 -25.85 -0.48
N ASP C 54 26.52 -25.80 -1.70
CA ASP C 54 26.73 -27.01 -2.50
C ASP C 54 28.13 -27.58 -2.22
N MET C 55 29.14 -26.71 -2.17
CA MET C 55 30.52 -27.12 -1.99
C MET C 55 30.99 -27.70 -0.66
N GLU C 56 30.32 -27.34 0.43
CA GLU C 56 30.71 -27.84 1.75
C GLU C 56 29.44 -28.02 2.57
N LYS C 57 28.47 -28.69 1.95
CA LYS C 57 27.16 -28.93 2.52
C LYS C 57 27.10 -29.85 3.73
N ASN C 58 27.75 -31.00 3.64
CA ASN C 58 27.69 -32.01 4.69
C ASN C 58 28.41 -31.84 6.03
N GLY C 59 29.44 -31.00 6.07
CA GLY C 59 30.16 -30.81 7.31
C GLY C 59 31.44 -30.08 7.04
N ASP C 60 32.16 -29.73 8.10
CA ASP C 60 33.41 -29.01 7.97
C ASP C 60 34.45 -29.86 7.22
N GLN C 61 34.97 -29.28 6.15
CA GLN C 61 35.99 -29.88 5.30
C GLN C 61 35.51 -31.03 4.43
N GLN C 62 34.19 -31.21 4.36
CA GLN C 62 33.61 -32.25 3.53
C GLN C 62 33.23 -31.54 2.22
N PHE C 63 34.24 -31.32 1.39
CA PHE C 63 34.08 -30.61 0.12
C PHE C 63 33.51 -31.44 -1.03
N ASP C 64 32.96 -30.74 -2.01
CA ASP C 64 32.42 -31.33 -3.22
C ASP C 64 32.52 -30.31 -4.34
N PHE C 65 33.58 -30.41 -5.14
CA PHE C 65 33.82 -29.49 -6.25
C PHE C 65 33.55 -30.12 -7.59
N SER C 66 32.94 -31.30 -7.58
CA SER C 66 32.65 -32.01 -8.82
C SER C 66 31.87 -31.18 -9.83
N TYR C 67 30.87 -30.45 -9.36
CA TYR C 67 30.09 -29.60 -10.26
C TYR C 67 30.94 -28.47 -10.86
N ALA C 68 31.79 -27.87 -10.03
CA ALA C 68 32.65 -26.80 -10.50
C ALA C 68 33.62 -27.32 -11.56
N GLN C 69 34.13 -28.53 -11.33
CA GLN C 69 35.08 -29.16 -12.25
C GLN C 69 34.39 -29.59 -13.55
N ARG C 70 33.19 -30.15 -13.43
CA ARG C 70 32.43 -30.54 -14.61
C ARG C 70 32.06 -29.28 -15.42
N PHE C 71 31.70 -28.21 -14.72
CA PHE C 71 31.35 -26.94 -15.38
C PHE C 71 32.58 -26.40 -16.10
N ALA C 72 33.73 -26.42 -15.44
CA ALA C 72 34.96 -25.94 -16.04
C ALA C 72 35.32 -26.71 -17.30
N GLN C 73 35.03 -28.01 -17.31
CA GLN C 73 35.32 -28.84 -18.47
C GLN C 73 34.54 -28.42 -19.73
N SER C 74 33.23 -28.19 -19.60
CA SER C 74 32.42 -27.76 -20.74
C SER C 74 32.82 -26.38 -21.26
N VAL C 75 33.28 -25.53 -20.35
CA VAL C 75 33.72 -24.18 -20.75
C VAL C 75 34.97 -24.33 -21.62
N LYS C 76 35.90 -25.17 -21.19
CA LYS C 76 37.11 -25.41 -21.96
C LYS C 76 36.75 -26.05 -23.31
N ASN C 77 35.80 -26.99 -23.32
CA ASN C 77 35.37 -27.65 -24.55
C ASN C 77 34.76 -26.69 -25.55
N ALA C 78 34.15 -25.62 -25.05
CA ALA C 78 33.53 -24.62 -25.93
C ALA C 78 34.53 -23.56 -26.37
N GLY C 79 35.74 -23.61 -25.82
CA GLY C 79 36.75 -22.61 -26.15
C GLY C 79 36.47 -21.28 -25.47
N MET C 80 35.83 -21.33 -24.30
CA MET C 80 35.51 -20.12 -23.56
C MET C 80 36.34 -19.94 -22.29
N LYS C 81 36.13 -18.83 -21.60
CA LYS C 81 36.81 -18.51 -20.35
C LYS C 81 35.67 -18.47 -19.33
N MET C 82 36.01 -18.43 -18.05
CA MET C 82 34.99 -18.37 -17.02
C MET C 82 35.48 -17.58 -15.83
N ILE C 83 34.54 -17.00 -15.09
CA ILE C 83 34.86 -16.23 -13.90
C ILE C 83 34.04 -16.78 -12.75
N PRO C 84 34.65 -17.64 -11.92
CA PRO C 84 33.91 -18.19 -10.79
C PRO C 84 33.66 -17.16 -9.71
N ILE C 85 32.51 -17.28 -9.06
CA ILE C 85 32.16 -16.41 -7.95
C ILE C 85 32.06 -17.40 -6.79
N ILE C 86 32.92 -17.25 -5.80
CA ILE C 86 32.88 -18.15 -4.64
C ILE C 86 31.76 -17.60 -3.74
N SER C 87 30.55 -18.05 -4.05
CA SER C 87 29.34 -17.60 -3.37
C SER C 87 29.07 -18.12 -1.97
N THR C 88 29.62 -17.42 -0.99
CA THR C 88 29.47 -17.74 0.41
C THR C 88 28.17 -17.18 0.97
N HIS C 89 27.27 -16.78 0.08
CA HIS C 89 25.97 -16.25 0.47
C HIS C 89 24.86 -17.19 0.03
N GLN C 90 23.67 -16.96 0.57
CA GLN C 90 22.49 -17.74 0.26
C GLN C 90 21.85 -17.37 -1.07
N CYS C 91 21.46 -18.38 -1.85
CA CYS C 91 20.78 -18.16 -3.12
C CYS C 91 19.32 -18.32 -2.77
N GLY C 92 18.52 -17.29 -3.05
CA GLY C 92 17.11 -17.34 -2.72
C GLY C 92 16.80 -16.23 -1.74
N GLY C 93 15.74 -15.48 -2.01
CA GLY C 93 15.34 -14.40 -1.13
C GLY C 93 15.49 -13.01 -1.72
N ASN C 94 16.48 -12.84 -2.59
CA ASN C 94 16.72 -11.55 -3.22
C ASN C 94 15.99 -11.39 -4.56
N VAL C 95 15.86 -10.15 -5.01
CA VAL C 95 15.18 -9.85 -6.27
C VAL C 95 15.76 -10.64 -7.43
N GLY C 96 14.90 -11.46 -8.03
CA GLY C 96 15.31 -12.28 -9.17
C GLY C 96 15.82 -13.65 -8.79
N ASP C 97 15.89 -13.95 -7.50
CA ASP C 97 16.37 -15.26 -7.06
C ASP C 97 15.38 -16.38 -7.32
N ASP C 98 15.79 -17.30 -8.18
CA ASP C 98 14.99 -18.47 -8.53
C ASP C 98 15.86 -19.67 -8.15
N CYS C 99 16.02 -19.89 -6.85
CA CYS C 99 16.87 -20.95 -6.34
C CYS C 99 16.62 -21.04 -4.86
N ASN C 100 17.30 -21.98 -4.21
CA ASN C 100 17.20 -22.15 -2.78
C ASN C 100 18.44 -22.90 -2.32
N VAL C 101 19.49 -22.14 -2.04
CA VAL C 101 20.75 -22.70 -1.58
C VAL C 101 21.27 -21.87 -0.41
N PRO C 102 20.93 -22.25 0.83
CA PRO C 102 21.40 -21.51 2.00
C PRO C 102 22.84 -21.89 2.25
N ILE C 103 23.53 -21.15 3.12
CA ILE C 103 24.91 -21.51 3.43
C ILE C 103 24.79 -22.75 4.34
N PRO C 104 25.83 -23.61 4.37
CA PRO C 104 25.83 -24.84 5.19
C PRO C 104 25.29 -24.62 6.60
N SER C 105 24.34 -25.45 7.02
CA SER C 105 23.72 -25.32 8.34
C SER C 105 24.66 -25.61 9.50
N TRP C 106 25.67 -26.43 9.27
CA TRP C 106 26.61 -26.77 10.32
C TRP C 106 27.45 -25.57 10.75
N VAL C 107 27.60 -24.58 9.87
CA VAL C 107 28.41 -23.39 10.17
C VAL C 107 27.92 -22.69 11.44
N TRP C 108 26.61 -22.64 11.62
CA TRP C 108 26.00 -21.98 12.76
C TRP C 108 26.36 -22.59 14.10
N ASN C 109 26.69 -23.88 14.10
CA ASN C 109 27.03 -24.59 15.33
C ASN C 109 28.36 -24.21 15.97
N GLN C 110 29.21 -23.53 15.22
CA GLN C 110 30.53 -23.12 15.70
C GLN C 110 30.57 -22.06 16.81
N LYS C 111 29.46 -21.34 17.00
CA LYS C 111 29.37 -20.31 18.03
C LYS C 111 28.09 -20.49 18.83
N SER C 112 28.16 -20.25 20.12
CA SER C 112 26.99 -20.37 20.99
C SER C 112 26.40 -18.97 21.30
N ASP C 113 26.99 -17.94 20.73
CA ASP C 113 26.51 -16.58 20.92
C ASP C 113 25.80 -16.17 19.62
N ASP C 114 25.54 -14.88 19.43
CA ASP C 114 24.87 -14.42 18.21
C ASP C 114 25.79 -13.65 17.27
N SER C 115 27.09 -13.96 17.36
CA SER C 115 28.09 -13.29 16.55
C SER C 115 28.00 -13.55 15.07
N LEU C 116 27.51 -14.73 14.70
CA LEU C 116 27.42 -15.14 13.29
C LEU C 116 26.37 -14.50 12.40
N TYR C 117 25.25 -14.06 12.98
CA TYR C 117 24.19 -13.46 12.17
C TYR C 117 23.88 -11.99 12.46
N PHE C 118 22.83 -11.49 11.83
CA PHE C 118 22.42 -10.09 11.97
C PHE C 118 21.03 -9.98 12.57
N LYS C 119 20.77 -8.86 13.21
CA LYS C 119 19.47 -8.55 13.82
C LYS C 119 19.20 -7.06 13.58
N SER C 120 18.05 -6.75 13.01
CA SER C 120 17.68 -5.36 12.69
C SER C 120 17.18 -4.57 13.89
N GLU C 121 16.90 -3.29 13.65
CA GLU C 121 16.39 -2.38 14.68
C GLU C 121 15.15 -2.96 15.35
N THR C 122 14.28 -3.58 14.55
CA THR C 122 13.06 -4.15 15.07
C THR C 122 13.16 -5.63 15.40
N GLY C 123 14.39 -6.14 15.48
CA GLY C 123 14.60 -7.53 15.84
C GLY C 123 14.57 -8.60 14.78
N THR C 124 14.54 -8.24 13.51
CA THR C 124 14.53 -9.24 12.44
C THR C 124 15.91 -9.88 12.26
N VAL C 125 15.96 -11.20 12.39
CA VAL C 125 17.20 -11.97 12.24
C VAL C 125 17.46 -12.34 10.77
N ASN C 126 18.68 -12.10 10.32
CA ASN C 126 19.05 -12.44 8.96
C ASN C 126 20.25 -13.41 9.01
N LYS C 127 20.16 -14.50 8.25
CA LYS C 127 21.20 -15.52 8.20
C LYS C 127 21.60 -15.88 6.76
N GLU C 128 21.48 -14.89 5.87
CA GLU C 128 21.83 -15.06 4.46
C GLU C 128 23.32 -15.26 4.23
N THR C 129 24.12 -14.70 5.13
CA THR C 129 25.57 -14.73 5.02
C THR C 129 26.11 -14.53 6.44
N LEU C 130 27.39 -14.83 6.65
CA LEU C 130 27.99 -14.67 7.97
C LEU C 130 28.25 -13.20 8.27
N ASN C 131 28.01 -12.82 9.53
CA ASN C 131 28.24 -11.45 9.99
C ASN C 131 29.75 -11.20 9.99
N PRO C 132 30.21 -10.14 9.30
CA PRO C 132 31.62 -9.76 9.18
C PRO C 132 32.36 -9.58 10.52
N LEU C 133 31.62 -9.26 11.58
CA LEU C 133 32.19 -9.09 12.91
C LEU C 133 32.83 -10.39 13.42
N ALA C 134 32.36 -11.52 12.91
CA ALA C 134 32.89 -12.82 13.30
C ALA C 134 34.10 -13.13 12.43
N SER C 135 35.08 -12.24 12.43
CA SER C 135 36.29 -12.38 11.61
C SER C 135 37.10 -13.64 11.86
N ASP C 136 37.02 -14.19 13.07
CA ASP C 136 37.76 -15.42 13.38
C ASP C 136 37.19 -16.60 12.58
N VAL C 137 35.86 -16.67 12.52
CA VAL C 137 35.18 -17.74 11.79
C VAL C 137 35.31 -17.49 10.29
N ILE C 138 35.27 -16.23 9.88
CA ILE C 138 35.43 -15.90 8.46
C ILE C 138 36.83 -16.35 8.00
N ARG C 139 37.87 -15.96 8.73
CA ARG C 139 39.23 -16.32 8.36
C ARG C 139 39.40 -17.83 8.22
N LYS C 140 38.86 -18.58 9.17
CA LYS C 140 38.95 -20.04 9.11
C LYS C 140 38.22 -20.62 7.89
N GLU C 141 36.89 -20.51 7.88
CA GLU C 141 36.08 -21.07 6.81
C GLU C 141 36.37 -20.57 5.40
N TYR C 142 36.54 -19.26 5.23
CA TYR C 142 36.85 -18.72 3.90
C TYR C 142 38.25 -19.11 3.48
N GLY C 143 39.17 -19.15 4.44
CA GLY C 143 40.54 -19.54 4.15
C GLY C 143 40.54 -20.98 3.67
N GLU C 144 39.84 -21.85 4.40
CA GLU C 144 39.75 -23.25 4.02
C GLU C 144 39.07 -23.44 2.66
N LEU C 145 37.92 -22.79 2.47
CA LEU C 145 37.17 -22.88 1.23
C LEU C 145 37.94 -22.39 0.01
N TYR C 146 38.55 -21.21 0.11
CA TYR C 146 39.31 -20.64 -1.02
C TYR C 146 40.48 -21.56 -1.38
N THR C 147 41.21 -22.00 -0.35
CA THR C 147 42.34 -22.89 -0.54
C THR C 147 41.95 -24.21 -1.23
N ALA C 148 40.86 -24.81 -0.76
CA ALA C 148 40.39 -26.07 -1.32
C ALA C 148 39.86 -25.88 -2.74
N PHE C 149 39.23 -24.74 -3.00
CA PHE C 149 38.70 -24.44 -4.32
C PHE C 149 39.86 -24.24 -5.30
N ALA C 150 40.88 -23.52 -4.86
CA ALA C 150 42.05 -23.26 -5.70
C ALA C 150 42.72 -24.58 -6.13
N ALA C 151 42.86 -25.52 -5.20
CA ALA C 151 43.46 -26.83 -5.49
C ALA C 151 42.61 -27.66 -6.45
N ALA C 152 41.29 -27.60 -6.27
CA ALA C 152 40.37 -28.33 -7.11
C ALA C 152 40.31 -27.76 -8.54
N MET C 153 40.46 -26.45 -8.68
CA MET C 153 40.41 -25.81 -9.99
C MET C 153 41.75 -25.64 -10.67
N LYS C 154 42.81 -26.09 -10.00
CA LYS C 154 44.17 -26.00 -10.53
C LYS C 154 44.34 -26.59 -11.94
N PRO C 155 43.78 -27.78 -12.21
CA PRO C 155 43.95 -28.32 -13.57
C PRO C 155 43.23 -27.52 -14.66
N TYR C 156 42.34 -26.60 -14.26
CA TYR C 156 41.58 -25.78 -15.20
C TYR C 156 41.99 -24.30 -15.16
N LYS C 157 43.19 -24.02 -14.65
CA LYS C 157 43.64 -22.65 -14.53
C LYS C 157 43.66 -21.84 -15.83
N ASP C 158 43.76 -22.53 -16.95
CA ASP C 158 43.81 -21.87 -18.24
C ASP C 158 42.46 -21.32 -18.74
N VAL C 159 41.34 -21.77 -18.16
CA VAL C 159 40.04 -21.25 -18.59
C VAL C 159 39.46 -20.24 -17.59
N ILE C 160 40.24 -19.88 -16.57
CA ILE C 160 39.81 -18.94 -15.54
C ILE C 160 40.41 -17.57 -15.80
N ALA C 161 39.55 -16.59 -16.04
CA ALA C 161 39.98 -15.23 -16.34
C ALA C 161 40.10 -14.30 -15.14
N LYS C 162 39.25 -14.53 -14.15
CA LYS C 162 39.22 -13.72 -12.95
C LYS C 162 38.43 -14.47 -11.87
N ILE C 163 38.58 -14.07 -10.62
CA ILE C 163 37.85 -14.70 -9.53
C ILE C 163 37.11 -13.64 -8.73
N TYR C 164 35.82 -13.87 -8.48
CA TYR C 164 35.00 -12.94 -7.72
C TYR C 164 34.73 -13.49 -6.33
N LEU C 165 34.68 -12.59 -5.35
CA LEU C 165 34.41 -12.96 -3.97
C LEU C 165 33.03 -12.43 -3.61
N SER C 166 32.47 -12.94 -2.52
CA SER C 166 31.16 -12.51 -2.03
C SER C 166 31.39 -11.79 -0.69
N GLY C 167 31.16 -10.49 -0.66
CA GLY C 167 31.34 -9.74 0.57
C GLY C 167 30.11 -9.62 1.45
N GLY C 168 29.04 -10.32 1.08
CA GLY C 168 27.81 -10.25 1.87
C GLY C 168 26.58 -10.79 1.17
N PRO C 169 25.36 -10.30 1.51
CA PRO C 169 24.10 -10.74 0.91
C PRO C 169 24.09 -10.51 -0.61
N ALA C 170 23.55 -11.47 -1.35
CA ALA C 170 23.48 -11.40 -2.80
C ALA C 170 24.85 -11.19 -3.43
N GLY C 171 25.91 -11.50 -2.67
CA GLY C 171 27.27 -11.36 -3.15
C GLY C 171 27.82 -9.95 -3.12
N GLU C 172 27.13 -9.06 -2.42
CA GLU C 172 27.51 -7.67 -2.33
C GLU C 172 28.08 -7.31 -0.97
N LEU C 173 29.14 -6.51 -0.95
CA LEU C 173 29.75 -6.07 0.29
C LEU C 173 28.83 -5.06 0.99
N ARG C 174 28.01 -5.55 1.91
CA ARG C 174 27.06 -4.69 2.63
C ARG C 174 26.33 -5.44 3.73
N TYR C 175 25.42 -4.73 4.39
CA TYR C 175 24.58 -5.30 5.43
C TYR C 175 23.24 -5.61 4.73
N PRO C 176 22.49 -6.61 5.23
CA PRO C 176 21.21 -7.00 4.64
C PRO C 176 20.09 -6.06 5.13
N SER C 177 20.27 -4.76 4.89
CA SER C 177 19.34 -3.73 5.34
C SER C 177 18.02 -3.58 4.60
N TYR C 178 17.86 -4.23 3.46
CA TYR C 178 16.62 -4.15 2.72
C TYR C 178 16.07 -5.51 2.38
N THR C 179 15.12 -5.97 3.18
CA THR C 179 14.50 -7.28 2.97
C THR C 179 13.01 -7.18 3.22
N THR C 180 12.28 -8.14 2.68
CA THR C 180 10.83 -8.21 2.82
C THR C 180 10.44 -8.49 4.27
N SER C 181 11.11 -9.47 4.87
CA SER C 181 10.86 -9.86 6.25
C SER C 181 11.03 -8.69 7.21
N ASP C 182 12.01 -7.84 6.94
CA ASP C 182 12.30 -6.70 7.80
C ASP C 182 11.43 -5.51 7.43
N GLY C 183 10.68 -5.64 6.33
CA GLY C 183 9.83 -4.58 5.86
C GLY C 183 10.63 -3.39 5.36
N THR C 184 11.80 -3.68 4.79
CA THR C 184 12.68 -2.62 4.32
C THR C 184 13.06 -2.71 2.85
N GLY C 185 12.25 -3.43 2.09
CA GLY C 185 12.53 -3.56 0.67
C GLY C 185 12.30 -2.25 -0.08
N TYR C 186 12.84 -2.16 -1.29
CA TYR C 186 12.68 -1.00 -2.16
C TYR C 186 11.21 -0.55 -2.20
N PRO C 187 10.94 0.77 -2.16
CA PRO C 187 11.87 1.90 -2.07
C PRO C 187 12.01 2.46 -0.65
N SER C 188 11.73 1.63 0.35
CA SER C 188 11.80 2.04 1.76
C SER C 188 13.20 2.36 2.27
N ARG C 189 13.25 3.05 3.40
CA ARG C 189 14.52 3.34 4.03
C ARG C 189 14.93 2.00 4.62
N GLY C 190 16.20 1.83 4.96
CA GLY C 190 16.60 0.57 5.51
C GLY C 190 16.75 0.65 7.01
N LYS C 191 16.91 -0.50 7.64
CA LYS C 191 17.09 -0.55 9.07
C LYS C 191 18.54 -0.94 9.30
N PHE C 192 19.16 -0.39 10.34
CA PHE C 192 20.52 -0.75 10.66
C PHE C 192 20.52 -2.21 11.12
N GLN C 193 21.62 -2.90 10.85
CA GLN C 193 21.70 -4.32 11.17
C GLN C 193 22.78 -4.64 12.21
N ALA C 194 22.80 -3.89 13.30
CA ALA C 194 23.79 -4.11 14.35
C ALA C 194 23.13 -4.26 15.71
N TYR C 195 22.08 -5.08 15.79
CA TYR C 195 21.39 -5.22 17.06
C TYR C 195 21.53 -6.53 17.84
N THR C 196 22.44 -7.39 17.38
CA THR C 196 22.71 -8.62 18.10
C THR C 196 23.53 -8.16 19.31
N GLU C 197 23.57 -8.97 20.36
CA GLU C 197 24.35 -8.62 21.54
C GLU C 197 25.84 -8.49 21.24
N PHE C 198 26.32 -9.33 20.32
CA PHE C 198 27.72 -9.29 19.93
C PHE C 198 28.05 -7.94 19.27
N ALA C 199 27.18 -7.51 18.37
CA ALA C 199 27.36 -6.23 17.67
C ALA C 199 27.36 -5.08 18.70
N LYS C 200 26.45 -5.15 19.68
CA LYS C 200 26.39 -4.12 20.71
C LYS C 200 27.68 -4.12 21.53
N SER C 201 28.22 -5.31 21.81
CA SER C 201 29.47 -5.42 22.56
C SER C 201 30.63 -4.86 21.78
N LYS C 202 30.67 -5.15 20.47
CA LYS C 202 31.73 -4.68 19.62
C LYS C 202 31.74 -3.17 19.51
N PHE C 203 30.58 -2.57 19.29
CA PHE C 203 30.50 -1.11 19.20
C PHE C 203 30.96 -0.49 20.51
N ARG C 204 30.45 -1.02 21.62
CA ARG C 204 30.78 -0.54 22.96
C ARG C 204 32.30 -0.51 23.20
N LEU C 205 32.98 -1.62 22.87
CA LEU C 205 34.42 -1.71 23.03
C LEU C 205 35.16 -0.69 22.19
N TRP C 206 34.75 -0.56 20.93
CA TRP C 206 35.36 0.37 19.98
C TRP C 206 35.32 1.80 20.52
N VAL C 207 34.19 2.17 21.11
CA VAL C 207 34.00 3.48 21.70
C VAL C 207 34.91 3.67 22.92
N LEU C 208 34.89 2.72 23.84
CA LEU C 208 35.71 2.81 25.04
C LEU C 208 37.20 2.77 24.71
N ASN C 209 37.54 2.09 23.62
CA ASN C 209 38.92 2.01 23.18
C ASN C 209 39.33 3.39 22.64
N LYS C 210 38.40 4.06 21.97
CA LYS C 210 38.66 5.40 21.42
C LYS C 210 38.71 6.50 22.47
N TYR C 211 37.82 6.44 23.45
CA TYR C 211 37.73 7.47 24.51
C TYR C 211 38.38 7.14 25.85
N GLY C 212 38.52 5.84 26.14
CA GLY C 212 39.15 5.46 27.38
C GLY C 212 38.24 5.40 28.59
N SER C 213 37.27 6.29 28.68
CA SER C 213 36.35 6.31 29.82
C SER C 213 34.99 6.88 29.42
N LEU C 214 33.96 6.53 30.19
CA LEU C 214 32.61 7.00 29.95
C LEU C 214 32.52 8.54 30.08
N ASN C 215 33.40 9.12 30.90
CA ASN C 215 33.46 10.56 31.11
C ASN C 215 33.94 11.25 29.84
N GLU C 216 34.95 10.66 29.20
CA GLU C 216 35.47 11.21 27.95
C GLU C 216 34.42 11.03 26.84
N VAL C 217 33.70 9.92 26.88
CA VAL C 217 32.65 9.63 25.92
C VAL C 217 31.52 10.66 26.03
N ASN C 218 31.08 10.91 27.26
CA ASN C 218 30.02 11.89 27.51
C ASN C 218 30.49 13.29 27.10
N LYS C 219 31.77 13.56 27.31
CA LYS C 219 32.34 14.84 26.96
C LYS C 219 32.26 15.04 25.45
N ALA C 220 32.66 14.03 24.70
CA ALA C 220 32.66 14.08 23.24
C ALA C 220 31.28 14.03 22.60
N TRP C 221 30.39 13.24 23.18
CA TRP C 221 29.05 13.10 22.64
C TRP C 221 28.09 14.10 23.24
N GLY C 222 28.47 14.67 24.38
CA GLY C 222 27.61 15.63 25.05
C GLY C 222 26.44 14.90 25.69
N THR C 223 26.68 13.66 26.10
CA THR C 223 25.64 12.85 26.72
C THR C 223 25.79 12.78 28.24
N LYS C 224 24.82 12.14 28.88
CA LYS C 224 24.83 11.98 30.33
C LYS C 224 24.73 10.49 30.66
N LEU C 225 25.46 9.68 29.92
CA LEU C 225 25.46 8.23 30.14
C LEU C 225 25.91 7.88 31.57
N ILE C 226 25.07 7.11 32.24
CA ILE C 226 25.33 6.69 33.62
C ILE C 226 26.01 5.31 33.66
N SER C 227 26.11 4.67 32.50
CA SER C 227 26.73 3.35 32.42
C SER C 227 27.26 3.03 31.04
N GLU C 228 28.29 2.20 30.98
CA GLU C 228 28.89 1.80 29.70
C GLU C 228 27.87 1.00 28.89
N LEU C 229 26.92 0.38 29.59
CA LEU C 229 25.88 -0.41 28.93
C LEU C 229 24.91 0.49 28.17
N ALA C 230 24.94 1.78 28.47
CA ALA C 230 24.08 2.76 27.81
C ALA C 230 24.63 3.08 26.42
N ILE C 231 25.88 2.70 26.17
CA ILE C 231 26.49 2.93 24.85
C ILE C 231 25.86 1.88 23.94
N LEU C 232 24.98 2.34 23.06
CA LEU C 232 24.24 1.46 22.16
C LEU C 232 24.06 2.04 20.77
N PRO C 233 23.68 1.21 19.79
CA PRO C 233 23.47 1.70 18.43
C PRO C 233 22.18 2.55 18.49
N PRO C 234 21.81 3.24 17.39
CA PRO C 234 20.61 4.08 17.38
C PRO C 234 19.32 3.41 17.86
N SER C 235 18.61 4.08 18.75
CA SER C 235 17.34 3.57 19.26
C SER C 235 16.23 3.72 18.21
N ASP C 236 16.29 4.82 17.46
CA ASP C 236 15.31 5.11 16.43
C ASP C 236 16.06 5.40 15.14
N GLY C 237 16.05 4.43 14.22
CA GLY C 237 16.74 4.59 12.95
C GLY C 237 16.27 5.75 12.09
N GLU C 238 14.97 6.01 12.11
CA GLU C 238 14.39 7.09 11.33
C GLU C 238 14.90 8.44 11.85
N GLN C 239 14.87 8.61 13.17
CA GLN C 239 15.37 9.85 13.79
C GLN C 239 16.86 9.98 13.51
N PHE C 240 17.59 8.88 13.63
CA PHE C 240 19.02 8.87 13.37
C PHE C 240 19.31 9.27 11.93
N LEU C 241 18.48 8.80 11.01
CA LEU C 241 18.67 9.15 9.60
C LEU C 241 18.24 10.60 9.31
N MET C 242 17.34 11.14 10.13
CA MET C 242 16.89 12.51 9.97
C MET C 242 17.93 13.54 10.44
N ASN C 243 18.41 13.39 11.67
CA ASN C 243 19.42 14.32 12.17
C ASN C 243 20.41 13.73 13.16
N GLY C 244 20.16 12.50 13.61
CA GLY C 244 21.08 11.88 14.55
C GLY C 244 22.47 11.77 13.95
N TYR C 245 22.52 11.49 12.65
CA TYR C 245 23.78 11.33 11.93
C TYR C 245 24.72 12.54 11.98
N LEU C 246 24.16 13.71 12.28
CA LEU C 246 24.92 14.95 12.32
C LEU C 246 25.74 15.13 13.60
N SER C 247 25.40 14.37 14.64
CA SER C 247 26.08 14.45 15.92
C SER C 247 27.38 13.64 15.97
N MET C 248 28.19 13.92 17.00
CA MET C 248 29.44 13.24 17.22
C MET C 248 29.15 11.76 17.43
N TYR C 249 28.09 11.47 18.19
CA TYR C 249 27.70 10.09 18.41
C TYR C 249 27.42 9.43 17.06
N GLY C 250 26.70 10.13 16.19
CA GLY C 250 26.36 9.60 14.88
C GLY C 250 27.56 9.33 14.00
N LYS C 251 28.52 10.26 14.01
CA LYS C 251 29.75 10.09 13.23
C LYS C 251 30.55 8.90 13.73
N ASP C 252 30.63 8.75 15.05
CA ASP C 252 31.36 7.62 15.64
C ASP C 252 30.69 6.30 15.25
N TYR C 253 29.36 6.27 15.35
CA TYR C 253 28.59 5.07 15.01
C TYR C 253 28.73 4.66 13.54
N LEU C 254 28.57 5.62 12.63
CA LEU C 254 28.70 5.33 11.22
C LEU C 254 30.13 4.95 10.84
N GLU C 255 31.13 5.48 11.55
CA GLU C 255 32.53 5.14 11.28
C GLU C 255 32.78 3.67 11.62
N TRP C 256 32.31 3.26 12.80
CA TRP C 256 32.43 1.88 13.24
C TRP C 256 31.61 0.96 12.33
N TYR C 257 30.38 1.37 12.01
CA TYR C 257 29.47 0.58 11.18
C TYR C 257 30.03 0.27 9.79
N GLN C 258 30.48 1.30 9.08
CA GLN C 258 31.05 1.11 7.76
C GLN C 258 32.42 0.45 7.88
N GLY C 259 33.14 0.81 8.94
CA GLY C 259 34.46 0.26 9.20
C GLY C 259 34.48 -1.26 9.21
N ILE C 260 33.39 -1.87 9.68
CA ILE C 260 33.33 -3.33 9.72
C ILE C 260 33.45 -3.92 8.32
N LEU C 261 32.82 -3.27 7.34
CA LEU C 261 32.86 -3.72 5.94
C LEU C 261 34.23 -3.49 5.32
N GLU C 262 34.91 -2.43 5.74
CA GLU C 262 36.25 -2.14 5.24
C GLU C 262 37.23 -3.18 5.75
N ASN C 263 37.08 -3.55 7.02
CA ASN C 263 37.91 -4.59 7.62
C ASN C 263 37.64 -5.92 6.95
N HIS C 264 36.37 -6.16 6.64
CA HIS C 264 35.96 -7.39 5.97
C HIS C 264 36.59 -7.46 4.57
N THR C 265 36.61 -6.34 3.85
CA THR C 265 37.21 -6.25 2.51
C THR C 265 38.70 -6.61 2.54
N LYS C 266 39.42 -6.08 3.53
CA LYS C 266 40.86 -6.36 3.66
C LYS C 266 41.09 -7.83 4.02
N LEU C 267 40.24 -8.37 4.89
CA LEU C 267 40.36 -9.76 5.29
C LEU C 267 40.20 -10.72 4.12
N ILE C 268 39.04 -10.64 3.45
CA ILE C 268 38.78 -11.54 2.34
C ILE C 268 39.75 -11.34 1.18
N GLY C 269 40.23 -10.11 1.00
CA GLY C 269 41.20 -9.84 -0.06
C GLY C 269 42.51 -10.56 0.24
N GLU C 270 42.92 -10.51 1.51
CA GLU C 270 44.13 -11.17 1.95
C GLU C 270 44.02 -12.68 1.72
N LEU C 271 42.89 -13.24 2.12
CA LEU C 271 42.64 -14.66 1.97
C LEU C 271 42.67 -15.10 0.50
N ALA C 272 42.01 -14.34 -0.35
CA ALA C 272 41.97 -14.67 -1.76
C ALA C 272 43.34 -14.60 -2.40
N HIS C 273 44.07 -13.53 -2.15
CA HIS C 273 45.40 -13.40 -2.74
C HIS C 273 46.31 -14.52 -2.28
N ASN C 274 46.25 -14.85 -0.99
CA ASN C 274 47.05 -15.95 -0.47
C ASN C 274 46.71 -17.26 -1.18
N ALA C 275 45.42 -17.49 -1.41
CA ALA C 275 44.98 -18.74 -2.03
C ALA C 275 45.07 -18.85 -3.54
N PHE C 276 44.93 -17.73 -4.22
CA PHE C 276 44.89 -17.75 -5.67
C PHE C 276 46.06 -17.19 -6.49
N ASP C 277 46.83 -16.28 -5.90
CA ASP C 277 47.92 -15.66 -6.64
C ASP C 277 48.98 -16.52 -7.31
N THR C 278 49.65 -17.38 -6.57
CA THR C 278 50.70 -18.20 -7.17
C THR C 278 50.19 -19.19 -8.22
N THR C 279 48.98 -19.69 -8.02
CA THR C 279 48.43 -20.67 -8.96
C THR C 279 47.77 -20.07 -10.19
N PHE C 280 46.85 -19.14 -9.97
CA PHE C 280 46.11 -18.56 -11.09
C PHE C 280 46.62 -17.25 -11.64
N GLN C 281 47.16 -16.38 -10.80
CA GLN C 281 47.66 -15.09 -11.27
C GLN C 281 46.60 -14.32 -12.07
N VAL C 282 45.37 -14.32 -11.57
CA VAL C 282 44.26 -13.60 -12.23
C VAL C 282 43.78 -12.49 -11.29
N PRO C 283 43.01 -11.51 -11.82
CA PRO C 283 42.50 -10.42 -10.99
C PRO C 283 41.45 -10.96 -10.03
N ILE C 284 41.28 -10.32 -8.89
CA ILE C 284 40.29 -10.76 -7.91
C ILE C 284 39.40 -9.55 -7.63
N GLY C 285 38.09 -9.75 -7.63
CA GLY C 285 37.20 -8.62 -7.36
C GLY C 285 36.02 -8.90 -6.45
N ALA C 286 35.39 -7.84 -5.99
CA ALA C 286 34.19 -7.93 -5.13
C ALA C 286 33.17 -6.90 -5.65
N LYS C 287 31.94 -7.00 -5.16
CA LYS C 287 30.87 -6.13 -5.64
C LYS C 287 30.26 -5.17 -4.61
N ILE C 288 29.96 -3.96 -5.07
CA ILE C 288 29.34 -2.92 -4.27
C ILE C 288 27.91 -2.82 -4.80
N ALA C 289 26.92 -2.89 -3.92
CA ALA C 289 25.52 -2.82 -4.33
C ALA C 289 25.11 -1.41 -4.75
N GLY C 290 24.17 -1.31 -5.68
CA GLY C 290 23.68 0.00 -6.12
C GLY C 290 22.40 0.34 -5.40
N VAL C 291 22.52 0.91 -4.20
CA VAL C 291 21.36 1.29 -3.38
C VAL C 291 20.97 2.72 -3.80
N HIS C 292 20.24 2.80 -4.90
CA HIS C 292 19.84 4.07 -5.51
C HIS C 292 18.57 4.76 -4.99
N TRP C 293 17.77 4.09 -4.18
CA TRP C 293 16.56 4.72 -3.66
C TRP C 293 16.82 5.52 -2.39
N GLN C 294 15.93 6.47 -2.11
CA GLN C 294 16.03 7.36 -0.96
C GLN C 294 17.34 8.15 -0.97
N TYR C 295 17.93 8.22 -2.16
CA TYR C 295 19.20 8.90 -2.36
C TYR C 295 19.05 10.39 -2.05
N ASN C 296 18.08 11.02 -2.69
CA ASN C 296 17.88 12.45 -2.49
C ASN C 296 16.62 12.81 -1.72
N ASN C 297 16.22 11.95 -0.78
CA ASN C 297 15.06 12.25 0.03
C ASN C 297 15.53 13.41 0.89
N PRO C 298 14.77 14.51 0.91
CA PRO C 298 15.10 15.71 1.69
C PRO C 298 15.13 15.54 3.20
N THR C 299 14.26 14.71 3.75
CA THR C 299 14.23 14.52 5.19
C THR C 299 15.21 13.44 5.69
N ILE C 300 15.32 12.33 4.96
CA ILE C 300 16.25 11.24 5.32
C ILE C 300 17.19 11.03 4.12
N PRO C 301 18.20 11.90 3.99
CA PRO C 301 19.17 11.79 2.88
C PRO C 301 19.91 10.45 2.88
N HIS C 302 19.92 9.78 1.73
CA HIS C 302 20.60 8.49 1.58
C HIS C 302 20.10 7.50 2.64
N GLY C 303 18.79 7.49 2.84
CA GLY C 303 18.17 6.63 3.84
C GLY C 303 18.27 5.14 3.62
N ALA C 304 18.54 4.70 2.40
CA ALA C 304 18.68 3.28 2.12
C ALA C 304 20.17 2.91 2.07
N GLU C 305 21.01 3.86 1.70
CA GLU C 305 22.46 3.66 1.62
C GLU C 305 23.16 3.49 2.97
N LYS C 306 22.90 4.42 3.88
CA LYS C 306 23.52 4.36 5.19
C LYS C 306 23.32 3.03 5.96
N PRO C 307 22.07 2.55 6.08
CA PRO C 307 21.85 1.29 6.81
C PRO C 307 22.53 0.09 6.12
N ALA C 308 22.79 0.23 4.83
CA ALA C 308 23.45 -0.81 4.04
C ALA C 308 24.94 -0.84 4.35
N GLY C 309 25.43 0.22 4.99
CA GLY C 309 26.84 0.35 5.33
C GLY C 309 27.56 1.39 4.49
N TYR C 310 26.87 1.98 3.51
CA TYR C 310 27.50 2.97 2.63
C TYR C 310 27.37 4.43 3.06
N ASN C 311 28.27 4.87 3.91
CA ASN C 311 28.24 6.26 4.39
C ASN C 311 29.26 7.15 3.67
N ASP C 312 30.46 6.64 3.41
CA ASP C 312 31.49 7.41 2.71
C ASP C 312 32.15 6.49 1.69
N TYR C 313 31.69 6.61 0.44
CA TYR C 313 32.20 5.77 -0.63
C TYR C 313 33.68 5.91 -0.87
N SER C 314 34.20 7.13 -0.73
CA SER C 314 35.62 7.33 -0.95
C SER C 314 36.45 6.50 0.04
N HIS C 315 36.06 6.51 1.31
CA HIS C 315 36.78 5.75 2.31
C HIS C 315 36.58 4.25 2.05
N LEU C 316 35.40 3.89 1.56
CA LEU C 316 35.10 2.49 1.27
C LEU C 316 35.96 1.94 0.11
N LEU C 317 36.09 2.73 -0.96
CA LEU C 317 36.87 2.34 -2.12
C LEU C 317 38.36 2.23 -1.79
N ASP C 318 38.81 2.98 -0.78
CA ASP C 318 40.21 2.94 -0.34
C ASP C 318 40.53 1.54 0.17
N ALA C 319 39.56 0.89 0.80
CA ALA C 319 39.73 -0.45 1.34
C ALA C 319 40.01 -1.40 0.19
N PHE C 320 39.28 -1.22 -0.91
CA PHE C 320 39.44 -2.05 -2.10
C PHE C 320 40.85 -1.88 -2.68
N LYS C 321 41.32 -0.64 -2.68
CA LYS C 321 42.64 -0.32 -3.18
C LYS C 321 43.71 -0.99 -2.33
N SER C 322 43.58 -0.90 -1.01
CA SER C 322 44.57 -1.52 -0.14
C SER C 322 44.52 -3.06 -0.18
N ALA C 323 43.34 -3.62 -0.43
CA ALA C 323 43.14 -5.07 -0.48
C ALA C 323 43.45 -5.65 -1.86
N LYS C 324 43.70 -4.78 -2.83
CA LYS C 324 44.01 -5.21 -4.19
C LYS C 324 42.87 -5.97 -4.82
N LEU C 325 41.67 -5.39 -4.73
CA LEU C 325 40.46 -5.98 -5.29
C LEU C 325 39.87 -5.03 -6.34
N ASP C 326 39.42 -5.58 -7.47
CA ASP C 326 38.78 -4.77 -8.51
C ASP C 326 37.35 -4.58 -8.01
N VAL C 327 36.70 -3.50 -8.43
CA VAL C 327 35.34 -3.24 -7.98
C VAL C 327 34.29 -3.39 -9.08
N THR C 328 33.18 -3.99 -8.70
CA THR C 328 32.05 -4.17 -9.60
C THR C 328 30.88 -3.35 -9.08
N PHE C 329 30.30 -2.55 -9.95
CA PHE C 329 29.16 -1.75 -9.59
C PHE C 329 27.96 -2.17 -10.47
N THR C 330 26.76 -1.80 -10.06
CA THR C 330 25.57 -2.17 -10.79
C THR C 330 24.70 -0.97 -11.19
N CYS C 331 23.52 -1.24 -11.77
CA CYS C 331 22.57 -0.22 -12.20
C CYS C 331 23.00 0.61 -13.41
N LEU C 332 23.88 0.05 -14.23
CA LEU C 332 24.37 0.75 -15.41
C LEU C 332 23.28 1.12 -16.44
N GLU C 333 22.18 0.37 -16.45
CA GLU C 333 21.09 0.60 -17.39
C GLU C 333 20.01 1.57 -16.92
N MET C 334 20.15 2.09 -15.71
CA MET C 334 19.13 2.97 -15.15
C MET C 334 19.29 4.48 -15.33
N THR C 335 18.20 5.20 -15.11
CA THR C 335 18.18 6.65 -15.23
C THR C 335 17.72 7.29 -13.93
N ASP C 336 18.10 8.54 -13.74
CA ASP C 336 17.71 9.29 -12.55
C ASP C 336 16.25 9.68 -12.57
N LYS C 337 15.58 9.51 -11.43
CA LYS C 337 14.18 9.89 -11.28
C LYS C 337 14.22 11.06 -10.29
N GLY C 338 14.67 10.76 -9.08
CA GLY C 338 14.80 11.78 -8.06
C GLY C 338 13.52 12.38 -7.52
N SER C 339 12.40 11.70 -7.73
CA SER C 339 11.11 12.20 -7.27
C SER C 339 10.46 11.34 -6.19
N TYR C 340 9.62 11.97 -5.38
CA TYR C 340 8.89 11.28 -4.33
C TYR C 340 8.02 10.22 -5.01
N PRO C 341 7.84 9.04 -4.37
CA PRO C 341 8.36 8.58 -3.08
C PRO C 341 9.70 7.83 -3.11
N GLU C 342 10.10 7.32 -4.27
CA GLU C 342 11.34 6.56 -4.41
C GLU C 342 12.64 7.33 -4.23
N TYR C 343 12.67 8.58 -4.72
CA TYR C 343 13.87 9.43 -4.65
C TYR C 343 15.07 8.64 -5.16
N SER C 344 14.87 7.99 -6.30
CA SER C 344 15.86 7.14 -6.92
C SER C 344 16.78 7.88 -7.88
N MET C 345 18.08 7.82 -7.63
CA MET C 345 19.07 8.47 -8.50
C MET C 345 20.22 7.49 -8.84
N PRO C 346 19.91 6.40 -9.55
CA PRO C 346 20.94 5.41 -9.92
C PRO C 346 22.08 5.89 -10.81
N LYS C 347 21.77 6.70 -11.83
CA LYS C 347 22.80 7.20 -12.74
C LYS C 347 23.81 8.10 -12.05
N THR C 348 23.35 9.01 -11.20
CA THR C 348 24.24 9.91 -10.47
C THR C 348 25.14 9.07 -9.57
N LEU C 349 24.54 8.06 -8.94
CA LEU C 349 25.27 7.15 -8.06
C LEU C 349 26.40 6.52 -8.85
N VAL C 350 26.08 5.94 -10.00
CA VAL C 350 27.06 5.28 -10.84
C VAL C 350 28.17 6.22 -11.27
N GLN C 351 27.80 7.43 -11.66
CA GLN C 351 28.80 8.40 -12.09
C GLN C 351 29.74 8.75 -10.94
N ASN C 352 29.16 8.87 -9.74
CA ASN C 352 29.95 9.21 -8.56
C ASN C 352 30.95 8.12 -8.21
N ILE C 353 30.50 6.86 -8.16
CA ILE C 353 31.37 5.73 -7.85
C ILE C 353 32.46 5.60 -8.92
N ALA C 354 32.05 5.62 -10.19
CA ALA C 354 32.96 5.51 -11.31
C ALA C 354 34.06 6.57 -11.24
N THR C 355 33.68 7.80 -10.91
CA THR C 355 34.62 8.90 -10.80
C THR C 355 35.65 8.66 -9.69
N LEU C 356 35.19 8.21 -8.53
CA LEU C 356 36.08 7.92 -7.41
C LEU C 356 37.03 6.77 -7.73
N ALA C 357 36.49 5.70 -8.29
CA ALA C 357 37.28 4.53 -8.64
C ALA C 357 38.43 4.87 -9.59
N ASN C 358 38.13 5.59 -10.67
CA ASN C 358 39.15 5.95 -11.65
C ASN C 358 40.13 6.95 -11.07
N GLU C 359 39.65 7.74 -10.13
CA GLU C 359 40.46 8.72 -9.44
C GLU C 359 41.46 7.99 -8.53
N LYS C 360 41.04 6.84 -8.01
CA LYS C 360 41.89 6.03 -7.12
C LYS C 360 42.73 4.99 -7.84
N GLY C 361 42.42 4.74 -9.12
CA GLY C 361 43.17 3.76 -9.87
C GLY C 361 42.69 2.34 -9.63
N ILE C 362 41.38 2.21 -9.43
CA ILE C 362 40.78 0.90 -9.18
C ILE C 362 40.10 0.43 -10.47
N VAL C 363 40.41 -0.79 -10.91
CA VAL C 363 39.79 -1.33 -12.12
C VAL C 363 38.30 -1.42 -11.79
N LEU C 364 37.49 -0.99 -12.74
CA LEU C 364 36.06 -0.90 -12.58
C LEU C 364 35.23 -1.70 -13.56
N ASN C 365 34.36 -2.56 -13.03
CA ASN C 365 33.47 -3.40 -13.82
C ASN C 365 32.01 -3.07 -13.49
N GLY C 366 31.11 -3.32 -14.43
CA GLY C 366 29.73 -3.00 -14.17
C GLY C 366 28.77 -4.09 -14.57
N GLU C 367 27.55 -3.97 -14.05
CA GLU C 367 26.46 -4.91 -14.32
C GLU C 367 25.14 -4.15 -14.43
N ASN C 368 24.17 -4.76 -15.11
CA ASN C 368 22.83 -4.18 -15.19
C ASN C 368 22.14 -4.69 -13.92
N ALA C 369 21.23 -3.91 -13.36
CA ALA C 369 20.50 -4.28 -12.14
C ALA C 369 19.34 -5.25 -12.40
N LEU C 370 18.63 -5.04 -13.50
CA LEU C 370 17.50 -5.91 -13.81
C LEU C 370 17.58 -6.34 -15.26
N SER C 371 16.86 -7.39 -15.59
CA SER C 371 16.83 -7.92 -16.95
C SER C 371 16.50 -6.84 -17.96
N ILE C 372 17.25 -6.83 -19.05
CA ILE C 372 17.05 -5.88 -20.12
C ILE C 372 16.19 -6.50 -21.20
N GLY C 373 15.07 -5.84 -21.49
CA GLY C 373 14.16 -6.30 -22.52
C GLY C 373 14.26 -5.55 -23.83
N ASN C 374 14.70 -4.29 -23.79
CA ASN C 374 14.82 -3.51 -25.02
C ASN C 374 16.21 -2.93 -25.22
N GLU C 375 16.54 -2.64 -26.48
CA GLU C 375 17.85 -2.09 -26.85
C GLU C 375 18.13 -0.71 -26.28
N GLU C 376 17.09 0.05 -25.96
CA GLU C 376 17.29 1.38 -25.42
C GLU C 376 18.02 1.28 -24.09
N GLU C 377 17.80 0.17 -23.37
CA GLU C 377 18.47 -0.06 -22.10
C GLU C 377 19.94 -0.44 -22.36
N TYR C 378 20.17 -1.14 -23.47
CA TYR C 378 21.52 -1.52 -23.86
C TYR C 378 22.26 -0.22 -24.14
N LYS C 379 21.58 0.73 -24.77
CA LYS C 379 22.16 2.03 -25.10
C LYS C 379 22.60 2.82 -23.87
N ARG C 380 21.84 2.72 -22.77
CA ARG C 380 22.20 3.43 -21.54
C ARG C 380 23.47 2.82 -20.94
N VAL C 381 23.52 1.49 -20.96
CA VAL C 381 24.66 0.74 -20.45
C VAL C 381 25.90 1.16 -21.24
N ALA C 382 25.74 1.29 -22.55
CA ALA C 382 26.83 1.68 -23.45
C ALA C 382 27.38 3.05 -23.10
N GLU C 383 26.47 3.98 -22.82
CA GLU C 383 26.87 5.33 -22.46
C GLU C 383 27.76 5.32 -21.22
N MET C 384 27.31 4.63 -20.19
CA MET C 384 28.05 4.53 -18.93
C MET C 384 29.36 3.77 -19.06
N ALA C 385 29.29 2.58 -19.65
CA ALA C 385 30.44 1.69 -19.82
C ALA C 385 31.59 2.31 -20.62
N PHE C 386 31.26 2.84 -21.81
CA PHE C 386 32.28 3.42 -22.70
C PHE C 386 32.70 4.85 -22.42
N ASN C 387 32.02 5.54 -21.51
CA ASN C 387 32.40 6.91 -21.19
C ASN C 387 32.97 7.10 -19.78
N TYR C 388 32.81 6.08 -18.93
CA TYR C 388 33.33 6.14 -17.57
C TYR C 388 34.46 5.18 -17.25
N ASN C 389 35.14 4.72 -18.30
CA ASN C 389 36.30 3.84 -18.19
C ASN C 389 36.10 2.43 -17.61
N PHE C 390 34.92 1.85 -17.80
CA PHE C 390 34.70 0.50 -17.30
C PHE C 390 35.54 -0.48 -18.13
N ALA C 391 36.18 -1.41 -17.45
CA ALA C 391 37.02 -2.41 -18.12
C ALA C 391 36.21 -3.68 -18.43
N GLY C 392 34.93 -3.68 -18.03
CA GLY C 392 34.11 -4.83 -18.31
C GLY C 392 32.68 -4.61 -17.92
N PHE C 393 31.78 -5.29 -18.65
CA PHE C 393 30.37 -5.23 -18.38
C PHE C 393 29.85 -6.67 -18.32
N THR C 394 29.08 -6.98 -17.28
CA THR C 394 28.52 -8.32 -17.12
C THR C 394 27.02 -8.25 -17.27
N LEU C 395 26.48 -9.05 -18.19
CA LEU C 395 25.06 -9.06 -18.43
C LEU C 395 24.31 -10.09 -17.63
N LEU C 396 23.35 -9.60 -16.85
CA LEU C 396 22.45 -10.43 -16.05
C LEU C 396 21.21 -10.47 -16.97
N ARG C 397 20.85 -11.64 -17.51
CA ARG C 397 21.51 -12.92 -17.25
C ARG C 397 21.33 -13.85 -18.48
N TYR C 398 22.09 -14.93 -18.49
CA TYR C 398 22.11 -15.96 -19.53
C TYR C 398 20.87 -16.11 -20.43
N GLN C 399 19.80 -16.63 -19.85
CA GLN C 399 18.54 -16.89 -20.56
C GLN C 399 17.90 -15.72 -21.31
N ASP C 400 18.10 -14.49 -20.85
CA ASP C 400 17.52 -13.31 -21.49
C ASP C 400 17.92 -13.09 -22.95
N VAL C 401 19.15 -13.46 -23.29
CA VAL C 401 19.66 -13.30 -24.66
C VAL C 401 19.86 -14.65 -25.34
N MET C 402 20.16 -15.67 -24.55
CA MET C 402 20.41 -16.99 -25.10
C MET C 402 19.21 -17.46 -25.89
N TYR C 403 18.02 -17.16 -25.36
CA TYR C 403 16.78 -17.58 -25.99
C TYR C 403 16.01 -16.48 -26.70
N ASN C 404 16.71 -15.43 -27.12
CA ASN C 404 16.11 -14.31 -27.83
C ASN C 404 17.16 -13.77 -28.79
N ASN C 405 17.11 -14.23 -30.03
CA ASN C 405 18.09 -13.81 -31.03
C ASN C 405 18.08 -12.33 -31.37
N SER C 406 16.91 -11.71 -31.29
CA SER C 406 16.77 -10.29 -31.59
C SER C 406 17.61 -9.48 -30.61
N LEU C 407 17.37 -9.70 -29.31
CA LEU C 407 18.13 -9.00 -28.29
C LEU C 407 19.61 -9.35 -28.37
N MET C 408 19.90 -10.64 -28.56
CA MET C 408 21.29 -11.09 -28.68
C MET C 408 21.99 -10.32 -29.79
N GLY C 409 21.26 -10.02 -30.85
CA GLY C 409 21.81 -9.25 -31.96
C GLY C 409 22.10 -7.80 -31.60
N LYS C 410 21.19 -7.16 -30.88
CA LYS C 410 21.40 -5.77 -30.47
C LYS C 410 22.54 -5.66 -29.47
N PHE C 411 22.69 -6.67 -28.61
CA PHE C 411 23.76 -6.70 -27.63
C PHE C 411 25.10 -6.80 -28.34
N LYS C 412 25.20 -7.71 -29.30
CA LYS C 412 26.45 -7.87 -30.04
C LYS C 412 26.88 -6.54 -30.62
N ASP C 413 25.98 -5.93 -31.37
CA ASP C 413 26.22 -4.66 -32.02
C ASP C 413 26.60 -3.54 -31.05
N LEU C 414 25.84 -3.39 -29.98
CA LEU C 414 26.07 -2.32 -29.03
C LEU C 414 27.12 -2.54 -27.95
N LEU C 415 27.16 -3.75 -27.41
CA LEU C 415 28.07 -4.06 -26.30
C LEU C 415 29.13 -5.16 -26.46
N GLY C 416 28.90 -6.12 -27.36
CA GLY C 416 29.87 -7.19 -27.54
C GLY C 416 30.99 -6.81 -28.51
N VAL C 417 31.57 -5.63 -28.30
CA VAL C 417 32.62 -5.09 -29.17
C VAL C 417 34.03 -5.32 -28.69
N THR C 418 34.97 -5.21 -29.63
CA THR C 418 36.39 -5.37 -29.37
C THR C 418 37.09 -4.05 -29.57
N PRO C 419 37.67 -3.48 -28.51
CA PRO C 419 38.36 -2.20 -28.69
C PRO C 419 39.65 -2.38 -29.47
N VAL C 420 39.89 -1.50 -30.43
CA VAL C 420 41.10 -1.54 -31.24
C VAL C 420 41.64 -0.12 -31.43
N MET C 421 42.93 0.06 -31.16
CA MET C 421 43.58 1.36 -31.28
C MET C 421 43.66 1.75 -32.77
N GLN C 422 43.32 3.00 -33.05
CA GLN C 422 43.35 3.53 -34.42
C GLN C 422 43.85 4.97 -34.36
N THR C 423 44.32 5.49 -35.50
CA THR C 423 44.81 6.85 -35.52
C THR C 423 43.90 7.72 -36.38
N ILE C 424 43.38 8.78 -35.78
CA ILE C 424 42.51 9.71 -36.50
C ILE C 424 43.34 10.97 -36.72
N VAL C 425 43.43 11.41 -37.98
CA VAL C 425 44.19 12.59 -38.35
C VAL C 425 43.27 13.57 -39.08
N VAL C 426 43.32 14.82 -38.67
CA VAL C 426 42.51 15.88 -39.26
C VAL C 426 43.46 16.99 -39.68
N LYS C 427 43.43 17.32 -40.97
CA LYS C 427 44.28 18.35 -41.52
C LYS C 427 43.49 19.61 -41.83
N ASN C 428 44.22 20.71 -41.99
CA ASN C 428 43.64 22.02 -42.34
C ASN C 428 42.68 22.61 -41.30
N VAL C 429 43.02 22.50 -40.02
CA VAL C 429 42.16 23.03 -38.96
C VAL C 429 42.51 24.48 -38.59
N PRO C 430 41.60 25.42 -38.89
CA PRO C 430 41.75 26.86 -38.62
C PRO C 430 41.62 27.24 -37.15
N THR C 431 42.59 26.84 -36.34
CA THR C 431 42.58 27.14 -34.92
C THR C 431 43.40 28.39 -34.63
N THR C 432 43.20 28.96 -33.45
CA THR C 432 43.95 30.12 -33.04
C THR C 432 44.42 29.84 -31.61
N ILE C 433 45.21 30.73 -31.05
CA ILE C 433 45.74 30.55 -29.71
C ILE C 433 44.63 30.20 -28.72
N GLY C 434 44.84 29.12 -27.97
CA GLY C 434 43.86 28.69 -26.98
C GLY C 434 42.87 27.68 -27.50
N ASP C 435 42.90 27.39 -28.80
CA ASP C 435 41.97 26.42 -29.40
C ASP C 435 42.39 24.96 -29.24
N THR C 436 41.44 24.14 -28.81
CA THR C 436 41.65 22.70 -28.62
C THR C 436 40.78 21.98 -29.66
N VAL C 437 41.26 20.86 -30.18
CA VAL C 437 40.51 20.11 -31.18
C VAL C 437 40.03 18.76 -30.63
N TYR C 438 38.75 18.47 -30.82
CA TYR C 438 38.14 17.23 -30.34
C TYR C 438 37.38 16.56 -31.45
N ILE C 439 36.88 15.36 -31.15
CA ILE C 439 36.05 14.59 -32.07
C ILE C 439 34.93 13.93 -31.27
N THR C 440 33.76 13.84 -31.90
CA THR C 440 32.62 13.20 -31.28
C THR C 440 31.89 12.52 -32.42
N GLY C 441 31.06 11.53 -32.11
CA GLY C 441 30.37 10.79 -33.15
C GLY C 441 29.14 10.08 -32.65
N ASN C 442 28.52 9.30 -33.53
CA ASN C 442 27.28 8.60 -33.23
C ASN C 442 27.26 7.54 -32.13
N ARG C 443 28.25 6.66 -32.11
CA ARG C 443 28.29 5.62 -31.11
C ARG C 443 28.68 6.12 -29.73
N ALA C 444 28.28 5.39 -28.70
CA ALA C 444 28.60 5.75 -27.31
C ALA C 444 30.10 5.81 -27.08
N GLU C 445 30.84 5.04 -27.87
CA GLU C 445 32.31 4.98 -27.81
C GLU C 445 32.88 6.31 -28.29
N LEU C 446 32.11 6.99 -29.14
CA LEU C 446 32.52 8.28 -29.67
C LEU C 446 31.81 9.43 -28.94
N GLY C 447 31.18 9.12 -27.80
CA GLY C 447 30.51 10.14 -27.01
C GLY C 447 29.09 10.48 -27.42
N SER C 448 28.57 9.82 -28.46
CA SER C 448 27.20 10.06 -28.91
C SER C 448 26.88 11.52 -29.26
N TRP C 449 27.78 12.18 -30.00
CA TRP C 449 27.63 13.57 -30.44
C TRP C 449 27.71 14.61 -29.35
N ASP C 450 28.06 14.19 -28.13
CA ASP C 450 28.20 15.13 -27.01
C ASP C 450 29.51 15.92 -27.16
N THR C 451 29.45 17.21 -26.90
CA THR C 451 30.62 18.08 -26.99
C THR C 451 30.95 18.69 -25.63
N LYS C 452 30.15 18.35 -24.63
CA LYS C 452 30.30 18.87 -23.28
C LYS C 452 31.26 18.08 -22.38
N GLN C 453 30.93 16.82 -22.11
CA GLN C 453 31.78 16.00 -21.26
C GLN C 453 32.44 14.77 -21.88
N TYR C 454 31.80 14.18 -22.88
CA TYR C 454 32.30 12.97 -23.53
C TYR C 454 33.20 13.03 -24.78
N PRO C 455 33.43 14.23 -25.38
CA PRO C 455 34.28 14.24 -26.57
C PRO C 455 35.71 13.73 -26.38
N ILE C 456 36.32 13.25 -27.46
CA ILE C 456 37.68 12.71 -27.45
C ILE C 456 38.67 13.75 -27.97
N GLN C 457 39.64 14.11 -27.14
CA GLN C 457 40.61 15.12 -27.51
C GLN C 457 41.71 14.63 -28.44
N LEU C 458 42.07 15.50 -29.38
CA LEU C 458 43.12 15.22 -30.36
C LEU C 458 44.24 16.17 -30.00
N TYR C 459 45.45 15.86 -30.44
CA TYR C 459 46.58 16.70 -30.13
C TYR C 459 47.25 17.25 -31.37
N TYR C 460 47.94 18.38 -31.22
CA TYR C 460 48.63 18.99 -32.34
C TYR C 460 50.00 18.37 -32.61
N ASP C 461 50.27 18.09 -33.88
CA ASP C 461 51.53 17.51 -34.30
C ASP C 461 52.28 18.53 -35.14
N SER C 462 53.05 19.37 -34.48
CA SER C 462 53.84 20.43 -35.14
C SER C 462 54.66 19.94 -36.34
N HIS C 463 55.29 18.78 -36.17
CA HIS C 463 56.09 18.17 -37.22
C HIS C 463 55.24 17.84 -38.44
N SER C 464 53.95 17.54 -38.23
CA SER C 464 53.05 17.19 -39.32
C SER C 464 52.02 18.30 -39.57
N ASN C 465 52.07 19.33 -38.74
CA ASN C 465 51.15 20.46 -38.83
C ASN C 465 49.68 20.02 -39.00
N ASP C 466 49.22 19.21 -38.05
CA ASP C 466 47.85 18.73 -38.05
C ASP C 466 47.49 18.21 -36.67
N TRP C 467 46.23 17.82 -36.51
CA TRP C 467 45.76 17.30 -35.25
C TRP C 467 45.49 15.83 -35.42
N ARG C 468 45.91 15.03 -34.47
CA ARG C 468 45.70 13.60 -34.56
C ARG C 468 45.61 12.99 -33.18
N GLY C 469 45.29 11.71 -33.15
CA GLY C 469 45.18 11.02 -31.89
C GLY C 469 44.98 9.54 -32.09
N ASN C 470 45.38 8.78 -31.08
CA ASN C 470 45.22 7.33 -31.12
C ASN C 470 44.00 7.06 -30.25
N VAL C 471 42.89 6.80 -30.93
CA VAL C 471 41.62 6.58 -30.27
C VAL C 471 41.27 5.11 -30.26
N VAL C 472 40.76 4.62 -29.13
CA VAL C 472 40.35 3.24 -29.04
C VAL C 472 38.93 3.22 -29.60
N LEU C 473 38.73 2.42 -30.64
CA LEU C 473 37.45 2.34 -31.31
C LEU C 473 36.88 0.92 -31.35
N PRO C 474 35.56 0.79 -31.53
CA PRO C 474 34.93 -0.53 -31.59
C PRO C 474 35.22 -1.17 -32.95
N ALA C 475 35.93 -2.28 -32.94
CA ALA C 475 36.29 -2.98 -34.18
C ALA C 475 35.08 -3.50 -34.96
N GLU C 476 35.18 -3.37 -36.29
CA GLU C 476 34.16 -3.84 -37.19
C GLU C 476 32.77 -3.26 -36.99
N ARG C 477 32.70 -2.06 -36.41
CA ARG C 477 31.42 -1.38 -36.22
C ARG C 477 31.42 -0.15 -37.12
N ASN C 478 30.24 0.24 -37.60
CA ASN C 478 30.10 1.42 -38.45
C ASN C 478 30.01 2.67 -37.58
N ILE C 479 30.87 3.65 -37.87
CA ILE C 479 30.88 4.90 -37.10
C ILE C 479 30.81 6.15 -37.98
N GLU C 480 30.20 7.19 -37.45
CA GLU C 480 30.07 8.49 -38.11
C GLU C 480 30.67 9.45 -37.11
N PHE C 481 31.41 10.46 -37.58
CA PHE C 481 32.01 11.41 -36.66
C PHE C 481 32.47 12.69 -37.33
N LYS C 482 32.83 13.67 -36.51
CA LYS C 482 33.34 14.93 -36.99
C LYS C 482 34.19 15.56 -35.92
N ALA C 483 35.20 16.31 -36.36
CA ALA C 483 36.04 17.00 -35.43
C ALA C 483 35.39 18.36 -35.22
N PHE C 484 35.72 19.00 -34.11
CA PHE C 484 35.23 20.35 -33.84
C PHE C 484 36.30 21.01 -32.99
N ILE C 485 36.29 22.34 -32.97
CA ILE C 485 37.26 23.08 -32.21
C ILE C 485 36.53 23.67 -31.01
N LYS C 486 37.20 23.74 -29.87
CA LYS C 486 36.60 24.30 -28.68
C LYS C 486 37.47 25.46 -28.27
N SER C 487 36.83 26.59 -28.02
CA SER C 487 37.52 27.82 -27.64
C SER C 487 38.22 27.65 -26.29
N LYS C 488 39.15 28.56 -26.02
CA LYS C 488 39.91 28.54 -24.77
C LYS C 488 39.02 28.49 -23.54
N ASP C 489 37.87 29.17 -23.59
CA ASP C 489 36.96 29.18 -22.46
C ASP C 489 36.06 27.95 -22.43
N GLY C 490 36.25 27.05 -23.40
CA GLY C 490 35.48 25.83 -23.45
C GLY C 490 34.17 25.84 -24.23
N THR C 491 34.07 26.67 -25.26
CA THR C 491 32.84 26.71 -26.06
C THR C 491 33.13 26.26 -27.48
N VAL C 492 32.20 25.52 -28.08
CA VAL C 492 32.38 25.05 -29.46
C VAL C 492 32.50 26.25 -30.42
N LYS C 493 33.64 26.33 -31.09
CA LYS C 493 33.93 27.41 -32.02
C LYS C 493 33.39 27.09 -33.42
N SER C 494 33.71 25.90 -33.91
CA SER C 494 33.29 25.47 -35.23
C SER C 494 33.30 23.96 -35.38
N TRP C 495 32.76 23.50 -36.49
CA TRP C 495 32.68 22.10 -36.81
C TRP C 495 33.36 21.79 -38.13
N GLN C 496 33.80 20.55 -38.28
CA GLN C 496 34.43 20.10 -39.50
C GLN C 496 33.32 20.12 -40.55
N THR C 497 33.66 20.55 -41.76
CA THR C 497 32.71 20.66 -42.88
C THR C 497 31.89 19.40 -43.23
N ILE C 498 32.59 18.32 -43.57
CA ILE C 498 31.95 17.08 -43.95
C ILE C 498 31.95 16.05 -42.84
N GLN C 499 30.84 15.33 -42.68
CA GLN C 499 30.72 14.28 -41.67
C GLN C 499 31.53 13.08 -42.14
N GLN C 500 32.43 12.62 -41.26
CA GLN C 500 33.30 11.48 -41.56
C GLN C 500 32.68 10.15 -41.16
N SER C 501 33.25 9.08 -41.67
CA SER C 501 32.78 7.73 -41.36
C SER C 501 33.86 6.68 -41.61
N TRP C 502 33.68 5.53 -40.97
CA TRP C 502 34.57 4.38 -41.10
C TRP C 502 33.57 3.23 -41.11
N ASN C 503 33.28 2.70 -42.28
CA ASN C 503 32.30 1.63 -42.42
C ASN C 503 32.85 0.32 -42.99
N PRO C 504 33.27 -0.61 -42.11
CA PRO C 504 33.30 -0.46 -40.66
C PRO C 504 34.72 -0.17 -40.20
N VAL C 505 34.89 0.10 -38.91
CA VAL C 505 36.22 0.36 -38.36
C VAL C 505 37.04 -0.92 -38.55
N PRO C 506 38.26 -0.82 -39.12
CA PRO C 506 39.10 -1.99 -39.32
C PRO C 506 39.53 -2.69 -38.03
N LEU C 507 39.65 -4.00 -38.11
CA LEU C 507 40.05 -4.85 -36.99
C LEU C 507 41.54 -4.78 -36.70
N LYS C 508 42.28 -4.12 -37.59
CA LYS C 508 43.72 -3.97 -37.44
C LYS C 508 44.08 -2.49 -37.55
N THR C 509 45.00 -2.05 -36.70
CA THR C 509 45.43 -0.66 -36.67
C THR C 509 45.88 -0.12 -38.02
N THR C 510 45.32 1.04 -38.35
CA THR C 510 45.62 1.79 -39.58
C THR C 510 45.33 3.22 -39.15
N SER C 511 44.88 4.05 -40.09
CA SER C 511 44.56 5.43 -39.75
C SER C 511 43.50 6.01 -40.68
N HIS C 512 42.82 7.04 -40.20
CA HIS C 512 41.78 7.72 -40.94
C HIS C 512 42.20 9.19 -40.93
N THR C 513 42.46 9.74 -42.11
CA THR C 513 42.87 11.14 -42.21
C THR C 513 41.81 11.87 -43.02
N SER C 514 41.54 13.11 -42.63
CA SER C 514 40.55 13.92 -43.33
C SER C 514 40.92 15.38 -43.18
N SER C 515 40.26 16.24 -43.95
CA SER C 515 40.49 17.67 -43.87
C SER C 515 39.32 18.34 -43.17
N TRP C 516 39.60 19.50 -42.57
CA TRP C 516 38.60 20.28 -41.87
C TRP C 516 37.48 20.73 -42.79
N ALA D 1 -2.56 -13.94 28.98
CA ALA D 1 -3.35 -15.15 28.64
C ALA D 1 -4.67 -15.12 29.40
N VAL D 2 -5.48 -16.15 29.19
CA VAL D 2 -6.77 -16.25 29.84
C VAL D 2 -6.64 -16.25 31.36
N ASN D 3 -7.56 -15.54 32.02
CA ASN D 3 -7.61 -15.41 33.48
C ASN D 3 -6.43 -14.68 34.11
N GLY D 4 -5.99 -13.59 33.47
CA GLY D 4 -4.87 -12.80 33.97
C GLY D 4 -3.53 -13.50 34.02
N LYS D 5 -3.45 -14.68 33.43
CA LYS D 5 -2.22 -15.47 33.39
C LYS D 5 -1.31 -15.07 32.23
N GLY D 6 -0.09 -15.60 32.27
CA GLY D 6 0.87 -15.39 31.20
C GLY D 6 1.00 -16.72 30.48
N MET D 7 2.01 -16.89 29.63
CA MET D 7 2.18 -18.16 28.92
C MET D 7 2.69 -19.23 29.89
N ASN D 8 2.52 -20.49 29.49
CA ASN D 8 2.93 -21.63 30.30
C ASN D 8 4.47 -21.65 30.38
N PRO D 9 5.02 -21.61 31.60
CA PRO D 9 6.47 -21.62 31.77
C PRO D 9 7.15 -22.90 31.29
N ASP D 10 6.38 -23.96 31.12
CA ASP D 10 6.91 -25.25 30.68
C ASP D 10 6.80 -25.46 29.16
N TYR D 11 6.37 -24.43 28.44
CA TYR D 11 6.21 -24.51 26.99
C TYR D 11 7.47 -24.96 26.23
N LYS D 12 7.25 -25.87 25.28
CA LYS D 12 8.30 -26.42 24.43
C LYS D 12 7.75 -26.61 23.03
N ALA D 13 8.61 -26.45 22.03
CA ALA D 13 8.21 -26.66 20.64
C ALA D 13 8.81 -28.01 20.22
N TYR D 14 8.05 -28.77 19.44
CA TYR D 14 8.51 -30.07 18.97
C TYR D 14 8.29 -30.15 17.47
N LEU D 15 9.04 -31.02 16.82
CA LEU D 15 8.92 -31.20 15.37
C LEU D 15 8.52 -32.63 15.06
N MET D 16 7.59 -32.80 14.11
CA MET D 16 7.15 -34.13 13.70
C MET D 16 8.09 -34.69 12.67
N ALA D 17 8.49 -35.94 12.86
CA ALA D 17 9.40 -36.60 11.94
C ALA D 17 8.64 -37.06 10.71
N PRO D 18 9.37 -37.42 9.64
CA PRO D 18 8.70 -37.89 8.43
C PRO D 18 7.91 -39.16 8.78
N LEU D 19 6.96 -39.50 7.92
CA LEU D 19 6.13 -40.69 8.11
C LEU D 19 6.99 -41.91 7.72
N LYS D 20 7.79 -41.72 6.68
CA LYS D 20 8.70 -42.75 6.17
C LYS D 20 9.97 -42.81 7.00
N LYS D 21 10.69 -43.93 6.92
CA LYS D 21 11.95 -44.09 7.66
C LYS D 21 13.00 -43.09 7.19
N ILE D 22 13.90 -42.69 8.07
CA ILE D 22 14.93 -41.73 7.73
C ILE D 22 15.77 -42.10 6.50
N PRO D 23 16.22 -43.36 6.39
CA PRO D 23 17.04 -43.76 5.23
C PRO D 23 16.26 -43.73 3.91
N GLU D 24 14.93 -43.72 4.00
CA GLU D 24 14.09 -43.67 2.81
C GLU D 24 13.88 -42.22 2.36
N VAL D 25 14.06 -41.28 3.28
CA VAL D 25 13.90 -39.86 3.01
C VAL D 25 15.24 -39.14 2.80
N THR D 26 16.19 -39.38 3.71
CA THR D 26 17.51 -38.76 3.63
C THR D 26 18.53 -39.78 4.16
N ASN D 27 19.55 -39.34 4.90
CA ASN D 27 20.53 -40.28 5.45
C ASN D 27 20.81 -39.88 6.89
N TRP D 28 21.30 -40.81 7.69
CA TRP D 28 21.59 -40.54 9.09
C TRP D 28 22.48 -39.33 9.38
N GLU D 29 23.49 -39.12 8.54
CA GLU D 29 24.41 -38.00 8.74
C GLU D 29 23.75 -36.64 8.49
N THR D 30 22.91 -36.56 7.47
CA THR D 30 22.19 -35.34 7.14
C THR D 30 21.13 -35.09 8.22
N PHE D 31 20.47 -36.17 8.64
CA PHE D 31 19.45 -36.13 9.68
C PHE D 31 20.02 -35.47 10.93
N GLU D 32 21.20 -35.91 11.37
CA GLU D 32 21.84 -35.34 12.56
C GLU D 32 22.12 -33.85 12.39
N ASN D 33 22.52 -33.46 11.18
CA ASN D 33 22.76 -32.05 10.89
C ASN D 33 21.41 -31.34 10.98
N ASP D 34 20.39 -31.94 10.38
CA ASP D 34 19.05 -31.38 10.38
C ASP D 34 18.58 -31.18 11.82
N LEU D 35 18.88 -32.13 12.70
CA LEU D 35 18.46 -32.02 14.08
C LEU D 35 19.16 -30.88 14.82
N ARG D 36 20.44 -30.64 14.51
CA ARG D 36 21.18 -29.54 15.15
C ARG D 36 20.64 -28.19 14.68
N TRP D 37 20.21 -28.13 13.43
CA TRP D 37 19.62 -26.93 12.85
C TRP D 37 18.26 -26.66 13.52
N ALA D 38 17.47 -27.70 13.71
CA ALA D 38 16.17 -27.59 14.37
C ALA D 38 16.34 -27.05 15.79
N LYS D 39 17.31 -27.62 16.49
CA LYS D 39 17.66 -27.23 17.86
C LYS D 39 18.03 -25.75 17.88
N GLN D 40 18.68 -25.30 16.81
CA GLN D 40 19.08 -23.91 16.65
C GLN D 40 17.84 -23.02 16.43
N ASN D 41 16.73 -23.63 16.01
CA ASN D 41 15.51 -22.88 15.76
C ASN D 41 14.40 -23.03 16.78
N GLY D 42 14.77 -23.40 18.01
CA GLY D 42 13.79 -23.50 19.07
C GLY D 42 13.14 -24.84 19.35
N PHE D 43 13.42 -25.86 18.56
CA PHE D 43 12.83 -27.18 18.79
C PHE D 43 13.58 -27.93 19.88
N TYR D 44 12.81 -28.43 20.85
CA TYR D 44 13.37 -29.17 21.98
C TYR D 44 13.47 -30.66 21.72
N ALA D 45 12.53 -31.22 20.97
CA ALA D 45 12.54 -32.64 20.70
C ALA D 45 11.86 -32.93 19.38
N ILE D 46 12.10 -34.13 18.87
CA ILE D 46 11.48 -34.57 17.64
C ILE D 46 10.54 -35.74 17.95
N THR D 47 9.29 -35.66 17.51
CA THR D 47 8.34 -36.73 17.74
C THR D 47 8.43 -37.65 16.53
N VAL D 48 8.36 -38.96 16.77
CA VAL D 48 8.47 -39.90 15.67
C VAL D 48 7.60 -41.14 15.85
N ASP D 49 6.98 -41.57 14.75
CA ASP D 49 6.12 -42.76 14.71
C ASP D 49 6.95 -44.05 14.61
N PHE D 50 6.68 -45.00 15.50
CA PHE D 50 7.33 -46.29 15.43
C PHE D 50 6.15 -47.22 15.20
N TRP D 51 6.01 -47.66 13.95
CA TRP D 51 4.91 -48.49 13.48
C TRP D 51 4.92 -49.92 13.95
N TRP D 52 3.78 -50.35 14.50
CA TRP D 52 3.63 -51.71 15.00
C TRP D 52 3.85 -52.66 13.82
N GLY D 53 3.42 -52.24 12.64
CA GLY D 53 3.59 -53.03 11.45
C GLY D 53 5.06 -53.34 11.17
N ASP D 54 5.96 -52.50 11.70
CA ASP D 54 7.40 -52.69 11.53
C ASP D 54 8.02 -53.46 12.71
N MET D 55 7.55 -53.17 13.91
CA MET D 55 8.10 -53.77 15.13
C MET D 55 7.78 -55.21 15.50
N GLU D 56 6.64 -55.71 15.01
CA GLU D 56 6.21 -57.09 15.30
C GLU D 56 5.54 -57.60 14.05
N LYS D 57 6.22 -57.41 12.93
CA LYS D 57 5.74 -57.78 11.60
C LYS D 57 5.46 -59.24 11.25
N ASN D 58 6.43 -60.12 11.49
CA ASN D 58 6.31 -61.51 11.10
C ASN D 58 5.46 -62.43 11.98
N GLY D 59 5.29 -62.09 13.24
CA GLY D 59 4.50 -62.95 14.09
C GLY D 59 4.57 -62.52 15.52
N ASP D 60 3.73 -63.13 16.34
CA ASP D 60 3.66 -62.83 17.76
C ASP D 60 5.02 -62.98 18.43
N GLN D 61 5.43 -61.91 19.11
CA GLN D 61 6.69 -61.81 19.83
C GLN D 61 7.95 -61.83 18.98
N GLN D 62 7.79 -61.65 17.68
CA GLN D 62 8.95 -61.60 16.80
C GLN D 62 9.22 -60.11 16.59
N PHE D 63 9.87 -59.49 17.58
CA PHE D 63 10.17 -58.07 17.55
C PHE D 63 11.40 -57.65 16.76
N ASP D 64 11.35 -56.42 16.28
CA ASP D 64 12.45 -55.78 15.54
C ASP D 64 12.46 -54.31 15.92
N PHE D 65 13.24 -53.97 16.95
CA PHE D 65 13.35 -52.58 17.40
C PHE D 65 14.66 -51.95 16.93
N SER D 66 15.28 -52.52 15.91
CA SER D 66 16.55 -52.00 15.42
C SER D 66 16.49 -50.57 14.86
N TYR D 67 15.44 -50.24 14.12
CA TYR D 67 15.29 -48.89 13.57
C TYR D 67 15.07 -47.89 14.70
N ALA D 68 14.30 -48.30 15.71
CA ALA D 68 14.01 -47.45 16.85
C ALA D 68 15.28 -47.15 17.65
N GLN D 69 16.15 -48.16 17.78
CA GLN D 69 17.41 -47.97 18.51
C GLN D 69 18.43 -47.15 17.70
N ARG D 70 18.42 -47.35 16.38
CA ARG D 70 19.31 -46.64 15.47
C ARG D 70 18.91 -45.15 15.40
N PHE D 71 17.60 -44.91 15.34
CA PHE D 71 17.05 -43.56 15.28
C PHE D 71 17.47 -42.85 16.58
N ALA D 72 17.28 -43.51 17.71
CA ALA D 72 17.62 -42.94 19.01
C ALA D 72 19.11 -42.60 19.13
N GLN D 73 19.96 -43.41 18.52
CA GLN D 73 21.39 -43.16 18.57
C GLN D 73 21.72 -41.86 17.83
N SER D 74 21.11 -41.62 16.68
CA SER D 74 21.34 -40.39 15.93
C SER D 74 20.83 -39.16 16.67
N VAL D 75 19.76 -39.31 17.42
CA VAL D 75 19.18 -38.22 18.19
C VAL D 75 20.19 -37.86 19.28
N LYS D 76 20.76 -38.89 19.90
CA LYS D 76 21.75 -38.74 20.95
C LYS D 76 22.97 -38.01 20.38
N ASN D 77 23.38 -38.40 19.17
CA ASN D 77 24.51 -37.80 18.46
C ASN D 77 24.30 -36.31 18.24
N ALA D 78 23.08 -35.93 17.89
CA ALA D 78 22.73 -34.53 17.62
C ALA D 78 22.51 -33.70 18.88
N GLY D 79 22.56 -34.35 20.04
CA GLY D 79 22.34 -33.66 21.31
C GLY D 79 20.89 -33.21 21.45
N MET D 80 19.98 -34.00 20.90
CA MET D 80 18.55 -33.71 20.93
C MET D 80 17.78 -34.69 21.81
N LYS D 81 16.48 -34.47 21.91
CA LYS D 81 15.56 -35.31 22.69
C LYS D 81 14.53 -35.85 21.71
N MET D 82 13.88 -36.96 22.05
CA MET D 82 12.87 -37.53 21.17
C MET D 82 11.63 -37.96 21.94
N ILE D 83 10.51 -37.98 21.22
CA ILE D 83 9.23 -38.39 21.75
C ILE D 83 8.66 -39.47 20.83
N PRO D 84 8.87 -40.74 21.20
CA PRO D 84 8.35 -41.83 20.37
C PRO D 84 6.83 -42.01 20.49
N ILE D 85 6.20 -42.33 19.36
CA ILE D 85 4.78 -42.61 19.31
C ILE D 85 4.71 -44.10 19.01
N ILE D 86 4.09 -44.88 19.89
CA ILE D 86 3.94 -46.31 19.67
C ILE D 86 2.69 -46.47 18.81
N SER D 87 2.90 -46.36 17.50
CA SER D 87 1.86 -46.41 16.51
C SER D 87 1.28 -47.78 16.15
N THR D 88 0.27 -48.17 16.92
CA THR D 88 -0.43 -49.44 16.74
C THR D 88 -1.57 -49.31 15.71
N HIS D 89 -1.49 -48.28 14.88
CA HIS D 89 -2.45 -48.01 13.83
C HIS D 89 -1.73 -48.04 12.47
N GLN D 90 -2.50 -48.03 11.40
CA GLN D 90 -1.95 -48.08 10.05
C GLN D 90 -1.51 -46.71 9.52
N CYS D 91 -0.43 -46.71 8.76
CA CYS D 91 0.08 -45.48 8.15
C CYS D 91 -0.37 -45.59 6.71
N GLY D 92 -1.05 -44.58 6.22
CA GLY D 92 -1.53 -44.61 4.86
C GLY D 92 -3.04 -44.56 4.89
N GLY D 93 -3.61 -43.83 3.95
CA GLY D 93 -5.06 -43.74 3.91
C GLY D 93 -5.62 -42.47 4.50
N ASN D 94 -4.98 -41.94 5.53
CA ASN D 94 -5.45 -40.71 6.14
C ASN D 94 -4.89 -39.51 5.38
N VAL D 95 -5.53 -38.36 5.57
CA VAL D 95 -5.13 -37.13 4.90
C VAL D 95 -3.67 -36.77 5.17
N GLY D 96 -2.91 -36.68 4.09
CA GLY D 96 -1.50 -36.34 4.20
C GLY D 96 -0.59 -37.53 4.48
N ASP D 97 -1.11 -38.75 4.33
CA ASP D 97 -0.30 -39.94 4.59
C ASP D 97 0.56 -40.42 3.43
N ASP D 98 1.85 -40.10 3.48
CA ASP D 98 2.81 -40.53 2.47
C ASP D 98 3.58 -41.72 3.06
N CYS D 99 2.93 -42.88 3.04
CA CYS D 99 3.49 -44.11 3.62
C CYS D 99 2.50 -45.25 3.40
N ASN D 100 2.94 -46.47 3.71
CA ASN D 100 2.10 -47.65 3.57
C ASN D 100 2.59 -48.69 4.58
N VAL D 101 2.05 -48.63 5.80
CA VAL D 101 2.45 -49.55 6.85
C VAL D 101 1.26 -50.06 7.65
N PRO D 102 0.61 -51.14 7.18
CA PRO D 102 -0.53 -51.68 7.90
C PRO D 102 -0.03 -52.31 9.20
N ILE D 103 -0.95 -52.63 10.11
CA ILE D 103 -0.57 -53.29 11.35
C ILE D 103 -0.31 -54.74 10.96
N PRO D 104 0.45 -55.50 11.78
CA PRO D 104 0.75 -56.91 11.50
C PRO D 104 -0.46 -57.72 11.05
N SER D 105 -0.33 -58.33 9.87
CA SER D 105 -1.43 -59.12 9.29
C SER D 105 -1.83 -60.32 10.11
N TRP D 106 -0.89 -60.88 10.86
CA TRP D 106 -1.18 -62.03 11.69
C TRP D 106 -2.19 -61.72 12.79
N VAL D 107 -2.30 -60.44 13.14
CA VAL D 107 -3.23 -60.04 14.20
C VAL D 107 -4.68 -60.35 13.84
N TRP D 108 -5.00 -60.25 12.56
CA TRP D 108 -6.36 -60.50 12.07
C TRP D 108 -6.78 -61.98 12.17
N ASN D 109 -5.79 -62.87 12.21
CA ASN D 109 -6.04 -64.31 12.29
C ASN D 109 -6.21 -64.78 13.74
N GLN D 110 -6.35 -63.83 14.66
CA GLN D 110 -6.54 -64.17 16.07
C GLN D 110 -7.97 -64.62 16.35
N LYS D 111 -8.92 -64.00 15.65
CA LYS D 111 -10.34 -64.32 15.83
C LYS D 111 -11.04 -64.67 14.53
N SER D 112 -12.10 -65.44 14.68
CA SER D 112 -12.92 -65.87 13.55
C SER D 112 -14.16 -64.97 13.45
N ASP D 113 -14.58 -64.40 14.57
CA ASP D 113 -15.72 -63.50 14.58
C ASP D 113 -15.29 -62.15 13.99
N ASP D 114 -16.11 -61.12 14.19
CA ASP D 114 -15.79 -59.79 13.66
C ASP D 114 -15.48 -58.77 14.76
N SER D 115 -14.94 -59.27 15.87
CA SER D 115 -14.60 -58.46 17.03
C SER D 115 -13.39 -57.54 16.83
N LEU D 116 -12.54 -57.84 15.86
CA LEU D 116 -11.32 -57.07 15.65
C LEU D 116 -11.41 -55.80 14.80
N TYR D 117 -12.39 -55.72 13.91
CA TYR D 117 -12.49 -54.56 13.06
C TYR D 117 -13.78 -53.75 13.21
N PHE D 118 -13.97 -52.76 12.33
CA PHE D 118 -15.14 -51.89 12.36
C PHE D 118 -16.05 -52.16 11.18
N LYS D 119 -17.33 -51.83 11.35
CA LYS D 119 -18.34 -51.99 10.32
C LYS D 119 -19.22 -50.74 10.44
N SER D 120 -19.41 -50.03 9.34
CA SER D 120 -20.22 -48.80 9.34
C SER D 120 -21.71 -49.08 9.18
N GLU D 121 -22.48 -48.00 9.23
CA GLU D 121 -23.94 -48.06 9.06
C GLU D 121 -24.28 -48.73 7.73
N THR D 122 -23.42 -48.52 6.73
CA THR D 122 -23.62 -49.07 5.40
C THR D 122 -22.78 -50.31 5.04
N GLY D 123 -22.19 -50.94 6.06
CA GLY D 123 -21.40 -52.15 5.82
C GLY D 123 -19.94 -52.01 5.44
N THR D 124 -19.39 -50.80 5.52
CA THR D 124 -17.99 -50.62 5.19
C THR D 124 -17.09 -51.13 6.33
N VAL D 125 -16.20 -52.05 5.99
CA VAL D 125 -15.27 -52.63 6.95
C VAL D 125 -14.03 -51.73 7.04
N ASN D 126 -13.54 -51.51 8.26
CA ASN D 126 -12.33 -50.70 8.49
C ASN D 126 -11.36 -51.50 9.33
N LYS D 127 -10.11 -51.59 8.87
CA LYS D 127 -9.09 -52.34 9.59
C LYS D 127 -7.78 -51.56 9.73
N GLU D 128 -7.86 -50.27 10.01
CA GLU D 128 -6.63 -49.50 10.16
C GLU D 128 -6.10 -49.49 11.59
N THR D 129 -6.86 -50.09 12.50
CA THR D 129 -6.52 -50.19 13.91
C THR D 129 -7.50 -51.19 14.52
N LEU D 130 -7.14 -51.78 15.65
CA LEU D 130 -8.02 -52.75 16.29
C LEU D 130 -9.22 -52.10 16.96
N ASN D 131 -10.38 -52.75 16.86
CA ASN D 131 -11.59 -52.25 17.48
C ASN D 131 -11.36 -52.31 18.99
N PRO D 132 -11.50 -51.17 19.67
CA PRO D 132 -11.30 -51.15 21.12
C PRO D 132 -12.20 -52.10 21.93
N LEU D 133 -13.19 -52.70 21.25
CA LEU D 133 -14.09 -53.67 21.88
C LEU D 133 -13.36 -54.97 22.24
N ALA D 134 -12.36 -55.30 21.44
CA ALA D 134 -11.55 -56.51 21.63
C ALA D 134 -10.45 -56.23 22.66
N SER D 135 -10.86 -55.89 23.88
CA SER D 135 -9.90 -55.57 24.95
C SER D 135 -9.02 -56.73 25.36
N ASP D 136 -9.44 -57.95 25.06
CA ASP D 136 -8.65 -59.14 25.38
C ASP D 136 -7.38 -59.17 24.51
N VAL D 137 -7.54 -58.94 23.22
CA VAL D 137 -6.42 -58.91 22.30
C VAL D 137 -5.57 -57.67 22.57
N ILE D 138 -6.23 -56.54 22.81
CA ILE D 138 -5.51 -55.30 23.06
C ILE D 138 -4.65 -55.39 24.32
N ARG D 139 -5.23 -55.93 25.39
CA ARG D 139 -4.50 -56.05 26.64
C ARG D 139 -3.25 -56.91 26.46
N LYS D 140 -3.37 -57.96 25.66
CA LYS D 140 -2.25 -58.84 25.41
C LYS D 140 -1.19 -58.19 24.52
N GLU D 141 -1.58 -57.89 23.29
CA GLU D 141 -0.66 -57.33 22.32
C GLU D 141 -0.02 -55.99 22.67
N TYR D 142 -0.81 -55.02 23.13
CA TYR D 142 -0.26 -53.72 23.50
C TYR D 142 0.63 -53.87 24.73
N GLY D 143 0.20 -54.71 25.67
CA GLY D 143 0.98 -54.94 26.87
C GLY D 143 2.34 -55.52 26.53
N GLU D 144 2.36 -56.48 25.62
CA GLU D 144 3.61 -57.11 25.19
C GLU D 144 4.49 -56.15 24.39
N LEU D 145 3.87 -55.34 23.54
CA LEU D 145 4.59 -54.37 22.72
C LEU D 145 5.23 -53.26 23.56
N TYR D 146 4.47 -52.72 24.51
CA TYR D 146 4.95 -51.65 25.38
C TYR D 146 6.12 -52.12 26.23
N THR D 147 5.98 -53.31 26.80
CA THR D 147 7.01 -53.91 27.64
C THR D 147 8.27 -54.22 26.82
N ALA D 148 8.10 -54.78 25.64
CA ALA D 148 9.24 -55.09 24.79
C ALA D 148 9.92 -53.83 24.31
N PHE D 149 9.12 -52.81 23.99
CA PHE D 149 9.66 -51.53 23.53
C PHE D 149 10.47 -50.86 24.64
N ALA D 150 9.95 -50.88 25.86
CA ALA D 150 10.65 -50.30 27.01
C ALA D 150 12.03 -50.94 27.24
N ALA D 151 12.11 -52.27 27.14
CA ALA D 151 13.35 -53.00 27.32
C ALA D 151 14.35 -52.64 26.24
N ALA D 152 13.87 -52.45 25.02
CA ALA D 152 14.72 -52.09 23.91
C ALA D 152 15.28 -50.66 23.98
N MET D 153 14.49 -49.74 24.52
CA MET D 153 14.88 -48.34 24.59
C MET D 153 15.50 -47.93 25.91
N LYS D 154 15.65 -48.90 26.81
CA LYS D 154 16.25 -48.66 28.11
C LYS D 154 17.62 -47.96 28.05
N PRO D 155 18.52 -48.36 27.13
CA PRO D 155 19.84 -47.72 27.05
C PRO D 155 19.79 -46.25 26.57
N TYR D 156 18.67 -45.85 25.99
CA TYR D 156 18.50 -44.49 25.45
C TYR D 156 17.55 -43.64 26.26
N LYS D 157 17.26 -44.06 27.49
CA LYS D 157 16.31 -43.30 28.31
C LYS D 157 16.68 -41.83 28.44
N ASP D 158 17.97 -41.52 28.38
CA ASP D 158 18.43 -40.16 28.50
C ASP D 158 17.98 -39.21 27.37
N VAL D 159 17.57 -39.75 26.24
CA VAL D 159 17.12 -38.88 25.14
C VAL D 159 15.61 -38.89 24.92
N ILE D 160 14.88 -39.66 25.72
CA ILE D 160 13.42 -39.77 25.60
C ILE D 160 12.74 -38.78 26.54
N ALA D 161 12.04 -37.80 25.97
CA ALA D 161 11.39 -36.76 26.76
C ALA D 161 9.95 -37.05 27.18
N LYS D 162 9.28 -37.90 26.41
CA LYS D 162 7.89 -38.22 26.68
C LYS D 162 7.53 -39.37 25.74
N ILE D 163 6.42 -40.05 26.03
CA ILE D 163 5.99 -41.16 25.18
C ILE D 163 4.51 -40.99 24.80
N TYR D 164 4.22 -41.15 23.51
CA TYR D 164 2.86 -41.03 23.01
C TYR D 164 2.28 -42.41 22.69
N LEU D 165 0.98 -42.55 22.91
CA LEU D 165 0.27 -43.79 22.62
C LEU D 165 -0.74 -43.52 21.51
N SER D 166 -1.08 -44.55 20.76
CA SER D 166 -2.05 -44.45 19.68
C SER D 166 -3.37 -45.07 20.16
N GLY D 167 -4.42 -44.25 20.25
CA GLY D 167 -5.69 -44.76 20.71
C GLY D 167 -6.69 -45.06 19.62
N GLY D 168 -6.25 -45.03 18.36
CA GLY D 168 -7.17 -45.33 17.28
C GLY D 168 -6.63 -44.93 15.93
N PRO D 169 -7.52 -44.61 14.98
CA PRO D 169 -7.16 -44.21 13.61
C PRO D 169 -6.26 -42.97 13.62
N ALA D 170 -5.18 -43.04 12.83
CA ALA D 170 -4.19 -41.98 12.70
C ALA D 170 -3.57 -41.57 14.05
N GLY D 171 -3.62 -42.47 15.02
CA GLY D 171 -3.07 -42.20 16.32
C GLY D 171 -3.98 -41.39 17.22
N GLU D 172 -5.25 -41.32 16.83
CA GLU D 172 -6.23 -40.55 17.59
C GLU D 172 -7.28 -41.43 18.24
N LEU D 173 -7.61 -41.12 19.48
CA LEU D 173 -8.63 -41.86 20.22
C LEU D 173 -10.03 -41.55 19.67
N ARG D 174 -10.49 -42.37 18.73
CA ARG D 174 -11.79 -42.15 18.13
C ARG D 174 -12.15 -43.37 17.28
N TYR D 175 -13.29 -43.30 16.60
CA TYR D 175 -13.75 -44.35 15.69
C TYR D 175 -13.37 -43.87 14.29
N PRO D 176 -13.20 -44.80 13.34
CA PRO D 176 -12.85 -44.43 11.97
C PRO D 176 -14.12 -44.00 11.21
N SER D 177 -14.79 -42.96 11.73
CA SER D 177 -16.04 -42.46 11.17
C SER D 177 -15.97 -41.61 9.92
N TYR D 178 -14.82 -41.02 9.62
CA TYR D 178 -14.72 -40.20 8.41
C TYR D 178 -13.70 -40.74 7.43
N THR D 179 -14.17 -41.53 6.48
CA THR D 179 -13.29 -42.13 5.48
C THR D 179 -13.89 -41.98 4.08
N THR D 180 -13.02 -41.93 3.08
CA THR D 180 -13.44 -41.81 1.70
C THR D 180 -14.29 -43.02 1.30
N SER D 181 -13.80 -44.20 1.66
CA SER D 181 -14.47 -45.45 1.35
C SER D 181 -15.90 -45.48 1.89
N ASP D 182 -16.08 -45.01 3.11
CA ASP D 182 -17.39 -45.00 3.73
C ASP D 182 -18.16 -43.75 3.26
N GLY D 183 -17.50 -42.93 2.45
CA GLY D 183 -18.13 -41.72 1.94
C GLY D 183 -18.51 -40.77 3.06
N THR D 184 -17.63 -40.64 4.04
CA THR D 184 -17.86 -39.79 5.19
C THR D 184 -16.70 -38.82 5.47
N GLY D 185 -15.84 -38.62 4.48
CA GLY D 185 -14.73 -37.71 4.66
C GLY D 185 -15.23 -36.29 4.81
N TYR D 186 -14.39 -35.40 5.32
CA TYR D 186 -14.75 -33.99 5.48
C TYR D 186 -15.26 -33.45 4.13
N PRO D 187 -16.30 -32.60 4.14
CA PRO D 187 -17.06 -32.07 5.27
C PRO D 187 -18.35 -32.82 5.65
N SER D 188 -18.54 -34.02 5.11
CA SER D 188 -19.73 -34.83 5.38
C SER D 188 -19.94 -35.18 6.84
N ARG D 189 -21.17 -35.58 7.19
CA ARG D 189 -21.46 -36.02 8.54
C ARG D 189 -20.79 -37.39 8.66
N GLY D 190 -20.56 -37.86 9.88
CA GLY D 190 -19.96 -39.17 10.02
C GLY D 190 -20.97 -40.30 10.18
N LYS D 191 -20.51 -41.53 9.97
CA LYS D 191 -21.37 -42.70 10.15
C LYS D 191 -20.87 -43.41 11.39
N PHE D 192 -21.80 -44.00 12.15
CA PHE D 192 -21.46 -44.73 13.35
C PHE D 192 -20.74 -46.01 12.95
N GLN D 193 -19.80 -46.45 13.77
CA GLN D 193 -18.98 -47.62 13.46
C GLN D 193 -19.18 -48.78 14.44
N ALA D 194 -20.42 -49.14 14.69
CA ALA D 194 -20.69 -50.23 15.62
C ALA D 194 -21.68 -51.23 15.05
N TYR D 195 -21.50 -51.57 13.78
CA TYR D 195 -22.43 -52.50 13.12
C TYR D 195 -21.94 -53.93 12.88
N THR D 196 -20.90 -54.34 13.61
CA THR D 196 -20.41 -55.70 13.49
C THR D 196 -21.29 -56.44 14.47
N GLU D 197 -21.42 -57.74 14.29
CA GLU D 197 -22.23 -58.52 15.21
C GLU D 197 -21.67 -58.46 16.60
N PHE D 198 -20.34 -58.32 16.69
CA PHE D 198 -19.68 -58.24 17.99
C PHE D 198 -20.06 -56.95 18.72
N ALA D 199 -20.10 -55.84 17.99
CA ALA D 199 -20.47 -54.54 18.58
C ALA D 199 -21.92 -54.56 19.07
N LYS D 200 -22.83 -55.09 18.25
CA LYS D 200 -24.25 -55.16 18.59
C LYS D 200 -24.51 -55.99 19.85
N SER D 201 -23.80 -57.11 20.00
CA SER D 201 -23.98 -57.96 21.17
C SER D 201 -23.49 -57.25 22.43
N LYS D 202 -22.42 -56.46 22.29
CA LYS D 202 -21.86 -55.73 23.43
C LYS D 202 -22.82 -54.65 23.91
N PHE D 203 -23.40 -53.92 22.95
CA PHE D 203 -24.36 -52.85 23.28
C PHE D 203 -25.55 -53.47 24.01
N ARG D 204 -26.08 -54.54 23.42
CA ARG D 204 -27.21 -55.29 23.98
C ARG D 204 -26.86 -55.78 25.39
N LEU D 205 -25.68 -56.37 25.54
CA LEU D 205 -25.24 -56.87 26.85
C LEU D 205 -25.20 -55.70 27.81
N TRP D 206 -24.74 -54.56 27.32
CA TRP D 206 -24.64 -53.35 28.15
C TRP D 206 -26.01 -52.86 28.59
N VAL D 207 -26.93 -52.78 27.63
CA VAL D 207 -28.29 -52.34 27.90
C VAL D 207 -29.00 -53.28 28.88
N LEU D 208 -29.03 -54.57 28.54
CA LEU D 208 -29.68 -55.57 29.40
C LEU D 208 -29.03 -55.54 30.77
N ASN D 209 -27.75 -55.20 30.78
CA ASN D 209 -27.00 -55.13 32.02
C ASN D 209 -27.47 -53.98 32.91
N LYS D 210 -27.69 -52.81 32.31
CA LYS D 210 -28.11 -51.63 33.06
C LYS D 210 -29.56 -51.74 33.53
N TYR D 211 -30.44 -52.21 32.65
CA TYR D 211 -31.85 -52.34 32.97
C TYR D 211 -32.32 -53.70 33.44
N GLY D 212 -31.40 -54.65 33.59
CA GLY D 212 -31.77 -55.98 34.03
C GLY D 212 -32.62 -56.75 33.03
N SER D 213 -33.88 -56.34 32.86
CA SER D 213 -34.78 -57.04 31.96
C SER D 213 -35.28 -56.23 30.77
N LEU D 214 -35.69 -56.92 29.70
CA LEU D 214 -36.21 -56.28 28.51
C LEU D 214 -37.41 -55.43 28.92
N ASN D 215 -38.03 -55.79 30.05
CA ASN D 215 -39.16 -55.04 30.58
C ASN D 215 -38.69 -53.64 30.93
N GLU D 216 -37.65 -53.57 31.77
CA GLU D 216 -37.12 -52.26 32.17
C GLU D 216 -36.60 -51.48 30.97
N VAL D 217 -36.02 -52.18 30.01
CA VAL D 217 -35.51 -51.54 28.79
C VAL D 217 -36.66 -50.82 28.08
N ASN D 218 -37.70 -51.57 27.71
CA ASN D 218 -38.89 -51.01 27.04
C ASN D 218 -39.51 -49.91 27.89
N LYS D 219 -39.49 -50.13 29.20
CA LYS D 219 -40.01 -49.18 30.17
C LYS D 219 -39.33 -47.81 29.96
N ALA D 220 -38.09 -47.71 30.43
CA ALA D 220 -37.29 -46.49 30.36
C ALA D 220 -37.21 -45.89 28.96
N TRP D 221 -37.12 -46.75 27.96
CA TRP D 221 -37.02 -46.30 26.57
C TRP D 221 -38.37 -45.92 25.96
N GLY D 222 -39.45 -46.36 26.60
CA GLY D 222 -40.78 -46.09 26.07
C GLY D 222 -40.93 -46.79 24.73
N THR D 223 -40.37 -47.99 24.63
CA THR D 223 -40.40 -48.78 23.41
C THR D 223 -41.19 -50.07 23.56
N LYS D 224 -41.46 -50.73 22.45
CA LYS D 224 -42.18 -52.00 22.45
C LYS D 224 -41.34 -53.07 21.76
N LEU D 225 -40.24 -53.44 22.41
CA LEU D 225 -39.35 -54.47 21.89
C LEU D 225 -39.90 -55.83 22.28
N ILE D 226 -40.05 -56.70 21.29
CA ILE D 226 -40.57 -58.05 21.52
C ILE D 226 -39.49 -58.97 22.05
N SER D 227 -38.27 -58.78 21.57
CA SER D 227 -37.13 -59.61 21.94
C SER D 227 -35.90 -58.77 22.30
N GLU D 228 -35.02 -59.36 23.10
CA GLU D 228 -33.78 -58.73 23.52
C GLU D 228 -32.87 -58.49 22.30
N LEU D 229 -33.06 -59.30 21.26
CA LEU D 229 -32.28 -59.17 20.02
C LEU D 229 -32.72 -57.98 19.19
N ALA D 230 -33.83 -57.37 19.60
CA ALA D 230 -34.35 -56.20 18.90
C ALA D 230 -33.56 -54.97 19.30
N ILE D 231 -32.86 -55.07 20.44
CA ILE D 231 -32.04 -53.98 20.96
C ILE D 231 -30.85 -53.83 20.03
N LEU D 232 -30.80 -52.72 19.30
CA LEU D 232 -29.74 -52.50 18.34
C LEU D 232 -29.34 -51.03 18.23
N PRO D 233 -28.21 -50.76 17.55
CA PRO D 233 -27.75 -49.38 17.37
C PRO D 233 -28.65 -48.72 16.30
N PRO D 234 -28.49 -47.42 16.05
CA PRO D 234 -29.31 -46.71 15.06
C PRO D 234 -29.38 -47.29 13.65
N SER D 235 -30.61 -47.52 13.18
CA SER D 235 -30.83 -48.05 11.83
C SER D 235 -30.59 -46.93 10.81
N ASP D 236 -30.92 -45.70 11.19
CA ASP D 236 -30.69 -44.54 10.33
C ASP D 236 -29.89 -43.52 11.13
N GLY D 237 -28.63 -43.36 10.76
CA GLY D 237 -27.76 -42.42 11.45
C GLY D 237 -28.23 -40.98 11.33
N GLU D 238 -28.60 -40.56 10.12
CA GLU D 238 -29.09 -39.20 9.88
C GLU D 238 -30.23 -38.87 10.84
N GLN D 239 -31.26 -39.70 10.84
CA GLN D 239 -32.40 -39.52 11.72
C GLN D 239 -31.98 -39.46 13.18
N PHE D 240 -31.05 -40.34 13.56
CA PHE D 240 -30.59 -40.37 14.94
C PHE D 240 -29.89 -39.07 15.31
N LEU D 241 -29.16 -38.50 14.35
CA LEU D 241 -28.44 -37.24 14.58
C LEU D 241 -29.35 -36.01 14.55
N MET D 242 -30.52 -36.13 13.91
CA MET D 242 -31.48 -35.05 13.84
C MET D 242 -32.27 -34.96 15.13
N ASN D 243 -32.71 -36.10 15.65
CA ASN D 243 -33.48 -36.09 16.88
C ASN D 243 -33.41 -37.38 17.69
N GLY D 244 -32.96 -38.47 17.05
CA GLY D 244 -32.86 -39.74 17.74
C GLY D 244 -32.04 -39.65 19.01
N TYR D 245 -31.02 -38.79 18.96
CA TYR D 245 -30.11 -38.56 20.08
C TYR D 245 -30.78 -37.97 21.32
N LEU D 246 -31.98 -37.42 21.14
CA LEU D 246 -32.71 -36.81 22.24
C LEU D 246 -33.39 -37.83 23.16
N SER D 247 -33.83 -38.94 22.58
CA SER D 247 -34.52 -39.97 23.36
C SER D 247 -33.61 -40.71 24.32
N MET D 248 -34.21 -41.32 25.34
CA MET D 248 -33.45 -42.06 26.35
C MET D 248 -32.60 -43.13 25.68
N TYR D 249 -33.11 -43.71 24.60
CA TYR D 249 -32.38 -44.70 23.84
C TYR D 249 -31.13 -44.05 23.25
N GLY D 250 -31.31 -42.84 22.69
CA GLY D 250 -30.22 -42.10 22.09
C GLY D 250 -29.17 -41.77 23.12
N LYS D 251 -29.63 -41.42 24.31
CA LYS D 251 -28.73 -41.10 25.41
C LYS D 251 -27.91 -42.33 25.86
N ASP D 252 -28.56 -43.49 25.94
CA ASP D 252 -27.88 -44.73 26.36
C ASP D 252 -26.90 -45.21 25.31
N TYR D 253 -27.29 -45.14 24.04
CA TYR D 253 -26.41 -45.56 22.97
C TYR D 253 -25.13 -44.72 22.93
N LEU D 254 -25.27 -43.41 23.07
CA LEU D 254 -24.10 -42.54 23.04
C LEU D 254 -23.20 -42.73 24.25
N GLU D 255 -23.80 -43.10 25.39
CA GLU D 255 -23.00 -43.34 26.59
C GLU D 255 -22.16 -44.59 26.43
N TRP D 256 -22.74 -45.61 25.81
CA TRP D 256 -22.01 -46.86 25.57
C TRP D 256 -20.96 -46.61 24.49
N TYR D 257 -21.40 -45.98 23.40
CA TYR D 257 -20.53 -45.66 22.26
C TYR D 257 -19.27 -44.92 22.72
N GLN D 258 -19.47 -43.82 23.46
CA GLN D 258 -18.32 -43.06 23.95
C GLN D 258 -17.61 -43.81 25.05
N GLY D 259 -18.38 -44.58 25.83
CA GLY D 259 -17.79 -45.35 26.92
C GLY D 259 -16.67 -46.30 26.49
N ILE D 260 -16.81 -46.86 25.30
CA ILE D 260 -15.80 -47.79 24.77
C ILE D 260 -14.44 -47.08 24.69
N LEU D 261 -14.45 -45.86 24.15
CA LEU D 261 -13.21 -45.10 24.01
C LEU D 261 -12.66 -44.71 25.38
N GLU D 262 -13.53 -44.43 26.34
CA GLU D 262 -13.07 -44.07 27.67
C GLU D 262 -12.45 -45.26 28.39
N ASN D 263 -13.00 -46.45 28.14
CA ASN D 263 -12.46 -47.67 28.75
C ASN D 263 -11.09 -47.97 28.11
N HIS D 264 -11.02 -47.80 26.80
CA HIS D 264 -9.79 -48.02 26.05
C HIS D 264 -8.68 -47.15 26.62
N THR D 265 -9.00 -45.88 26.84
CA THR D 265 -8.06 -44.91 27.39
C THR D 265 -7.49 -45.45 28.68
N LYS D 266 -8.37 -45.89 29.58
CA LYS D 266 -7.92 -46.41 30.85
C LYS D 266 -7.11 -47.70 30.70
N LEU D 267 -7.46 -48.54 29.73
CA LEU D 267 -6.69 -49.77 29.52
C LEU D 267 -5.26 -49.44 29.08
N ILE D 268 -5.13 -48.72 27.98
CA ILE D 268 -3.81 -48.39 27.46
C ILE D 268 -2.99 -47.51 28.39
N GLY D 269 -3.65 -46.68 29.18
CA GLY D 269 -2.93 -45.86 30.13
C GLY D 269 -2.31 -46.75 31.19
N GLU D 270 -3.06 -47.76 31.62
CA GLU D 270 -2.60 -48.70 32.63
C GLU D 270 -1.38 -49.47 32.12
N LEU D 271 -1.51 -50.02 30.91
CA LEU D 271 -0.44 -50.78 30.28
C LEU D 271 0.82 -49.95 30.11
N ALA D 272 0.67 -48.74 29.56
CA ALA D 272 1.81 -47.86 29.33
C ALA D 272 2.52 -47.48 30.63
N HIS D 273 1.75 -47.12 31.66
CA HIS D 273 2.35 -46.75 32.92
C HIS D 273 3.12 -47.90 33.57
N ASN D 274 2.59 -49.11 33.45
CA ASN D 274 3.26 -50.27 34.02
C ASN D 274 4.55 -50.53 33.29
N ALA D 275 4.56 -50.31 31.98
CA ALA D 275 5.74 -50.58 31.18
C ALA D 275 6.82 -49.51 31.22
N PHE D 276 6.44 -48.25 31.35
CA PHE D 276 7.41 -47.16 31.31
C PHE D 276 7.76 -46.34 32.54
N ASP D 277 6.90 -46.29 33.55
CA ASP D 277 7.19 -45.46 34.72
C ASP D 277 8.51 -45.69 35.45
N THR D 278 8.80 -46.92 35.84
CA THR D 278 10.04 -47.22 36.57
C THR D 278 11.29 -46.93 35.76
N THR D 279 11.30 -47.39 34.51
CA THR D 279 12.44 -47.21 33.63
C THR D 279 12.63 -45.79 33.10
N PHE D 280 11.56 -45.18 32.62
CA PHE D 280 11.64 -43.84 32.04
C PHE D 280 11.23 -42.65 32.87
N GLN D 281 10.20 -42.78 33.70
CA GLN D 281 9.75 -41.67 34.52
C GLN D 281 9.46 -40.41 33.70
N VAL D 282 8.78 -40.58 32.57
CA VAL D 282 8.45 -39.45 31.70
C VAL D 282 6.94 -39.36 31.49
N PRO D 283 6.45 -38.21 31.01
CA PRO D 283 5.00 -38.09 30.78
C PRO D 283 4.61 -39.00 29.62
N ILE D 284 3.36 -39.47 29.64
CA ILE D 284 2.82 -40.31 28.58
C ILE D 284 1.55 -39.59 28.12
N GLY D 285 1.36 -39.46 26.82
CA GLY D 285 0.18 -38.77 26.34
C GLY D 285 -0.57 -39.46 25.22
N ALA D 286 -1.72 -38.91 24.85
CA ALA D 286 -2.51 -39.47 23.77
C ALA D 286 -3.17 -38.28 23.09
N LYS D 287 -3.78 -38.50 21.94
CA LYS D 287 -4.39 -37.42 21.15
C LYS D 287 -5.88 -37.53 20.89
N ILE D 288 -6.53 -36.38 20.86
CA ILE D 288 -7.95 -36.27 20.58
C ILE D 288 -8.02 -35.51 19.26
N ALA D 289 -8.77 -36.05 18.31
CA ALA D 289 -8.93 -35.45 17.00
C ALA D 289 -9.74 -34.15 17.01
N GLY D 290 -9.43 -33.24 16.09
CA GLY D 290 -10.17 -32.00 15.98
C GLY D 290 -11.18 -32.19 14.87
N VAL D 291 -12.34 -32.74 15.21
CA VAL D 291 -13.40 -33.00 14.24
C VAL D 291 -14.31 -31.77 14.25
N HIS D 292 -13.85 -30.72 13.60
CA HIS D 292 -14.50 -29.41 13.54
C HIS D 292 -15.69 -29.16 12.58
N TRP D 293 -15.90 -30.02 11.60
CA TRP D 293 -17.00 -29.82 10.66
C TRP D 293 -18.33 -30.35 11.20
N GLN D 294 -19.42 -29.82 10.65
CA GLN D 294 -20.79 -30.16 11.06
C GLN D 294 -21.01 -29.82 12.52
N TYR D 295 -20.16 -28.93 13.02
CA TYR D 295 -20.21 -28.50 14.40
C TYR D 295 -21.50 -27.77 14.75
N ASN D 296 -21.80 -26.70 14.01
CA ASN D 296 -23.00 -25.89 14.24
C ASN D 296 -24.11 -26.12 13.20
N ASN D 297 -24.20 -27.34 12.68
CA ASN D 297 -25.24 -27.62 11.71
C ASN D 297 -26.56 -27.58 12.47
N PRO D 298 -27.55 -26.83 11.95
CA PRO D 298 -28.88 -26.69 12.58
C PRO D 298 -29.68 -27.98 12.73
N THR D 299 -29.71 -28.80 11.69
CA THR D 299 -30.49 -30.04 11.70
C THR D 299 -29.75 -31.25 12.28
N ILE D 300 -28.48 -31.41 11.93
CA ILE D 300 -27.67 -32.50 12.43
C ILE D 300 -26.47 -31.92 13.17
N PRO D 301 -26.70 -31.44 14.40
CA PRO D 301 -25.71 -30.82 15.29
C PRO D 301 -24.56 -31.75 15.68
N HIS D 302 -23.33 -31.30 15.42
CA HIS D 302 -22.14 -32.09 15.73
C HIS D 302 -22.24 -33.42 14.95
N GLY D 303 -22.75 -33.34 13.73
CA GLY D 303 -22.91 -34.53 12.89
C GLY D 303 -21.67 -35.33 12.54
N ALA D 304 -20.49 -34.82 12.88
CA ALA D 304 -19.23 -35.51 12.60
C ALA D 304 -18.55 -35.98 13.90
N GLU D 305 -18.67 -35.18 14.95
CA GLU D 305 -18.08 -35.50 16.26
C GLU D 305 -18.70 -36.71 16.93
N LYS D 306 -20.03 -36.78 16.92
CA LYS D 306 -20.73 -37.89 17.56
C LYS D 306 -20.41 -39.25 16.93
N PRO D 307 -20.38 -39.32 15.59
CA PRO D 307 -20.06 -40.62 15.00
C PRO D 307 -18.60 -40.99 15.31
N ALA D 308 -17.74 -39.97 15.47
CA ALA D 308 -16.33 -40.18 15.80
C ALA D 308 -16.16 -40.66 17.23
N GLY D 309 -17.21 -40.50 18.04
CA GLY D 309 -17.16 -40.95 19.41
C GLY D 309 -17.19 -39.83 20.43
N TYR D 310 -17.21 -38.59 19.94
CA TYR D 310 -17.19 -37.43 20.83
C TYR D 310 -18.56 -36.83 21.10
N ASN D 311 -19.17 -37.25 22.20
CA ASN D 311 -20.48 -36.74 22.57
C ASN D 311 -20.35 -35.79 23.77
N ASP D 312 -19.49 -36.14 24.71
CA ASP D 312 -19.29 -35.32 25.91
C ASP D 312 -17.78 -35.20 26.19
N TYR D 313 -17.19 -34.11 25.74
CA TYR D 313 -15.77 -33.88 25.93
C TYR D 313 -15.35 -33.86 27.39
N SER D 314 -16.19 -33.30 28.23
CA SER D 314 -15.87 -33.22 29.66
C SER D 314 -15.72 -34.63 30.25
N HIS D 315 -16.60 -35.54 29.86
CA HIS D 315 -16.55 -36.90 30.35
C HIS D 315 -15.35 -37.63 29.77
N LEU D 316 -15.04 -37.32 28.51
CA LEU D 316 -13.90 -37.93 27.82
C LEU D 316 -12.60 -37.53 28.51
N LEU D 317 -12.47 -36.24 28.83
CA LEU D 317 -11.28 -35.74 29.49
C LEU D 317 -11.09 -36.31 30.90
N ASP D 318 -12.19 -36.66 31.55
CA ASP D 318 -12.10 -37.27 32.88
C ASP D 318 -11.37 -38.62 32.77
N ALA D 319 -11.55 -39.31 31.64
CA ALA D 319 -10.89 -40.60 31.43
C ALA D 319 -9.37 -40.40 31.36
N PHE D 320 -8.93 -39.36 30.65
CA PHE D 320 -7.50 -39.04 30.54
C PHE D 320 -6.94 -38.71 31.92
N LYS D 321 -7.65 -37.89 32.67
CA LYS D 321 -7.24 -37.51 34.01
C LYS D 321 -7.05 -38.77 34.88
N SER D 322 -7.99 -39.70 34.81
CA SER D 322 -7.92 -40.93 35.60
C SER D 322 -6.81 -41.86 35.13
N ALA D 323 -6.54 -41.87 33.83
CA ALA D 323 -5.50 -42.72 33.26
C ALA D 323 -4.13 -42.10 33.42
N LYS D 324 -4.11 -40.84 33.84
CA LYS D 324 -2.87 -40.09 34.01
C LYS D 324 -2.14 -39.96 32.67
N LEU D 325 -2.87 -39.50 31.67
CA LEU D 325 -2.33 -39.29 30.33
C LEU D 325 -2.50 -37.82 30.00
N ASP D 326 -1.48 -37.23 29.38
CA ASP D 326 -1.54 -35.84 28.94
C ASP D 326 -2.35 -35.88 27.66
N VAL D 327 -2.98 -34.77 27.31
CA VAL D 327 -3.80 -34.72 26.11
C VAL D 327 -3.23 -33.79 25.04
N THR D 328 -3.32 -34.22 23.79
CA THR D 328 -2.86 -33.40 22.68
C THR D 328 -4.07 -33.14 21.81
N PHE D 329 -4.28 -31.89 21.42
CA PHE D 329 -5.37 -31.53 20.55
C PHE D 329 -4.81 -30.90 19.28
N THR D 330 -5.61 -30.84 18.24
CA THR D 330 -5.13 -30.28 16.99
C THR D 330 -6.03 -29.16 16.44
N CYS D 331 -5.65 -28.60 15.29
CA CYS D 331 -6.36 -27.51 14.60
C CYS D 331 -6.07 -26.12 15.17
N LEU D 332 -4.98 -25.97 15.94
CA LEU D 332 -4.66 -24.67 16.56
C LEU D 332 -4.40 -23.53 15.56
N GLU D 333 -4.12 -23.87 14.31
CA GLU D 333 -3.83 -22.88 13.25
C GLU D 333 -5.07 -22.44 12.46
N MET D 334 -6.23 -22.98 12.79
CA MET D 334 -7.45 -22.67 12.05
C MET D 334 -8.39 -21.65 12.69
N THR D 335 -9.32 -21.16 11.88
CA THR D 335 -10.30 -20.18 12.31
C THR D 335 -11.74 -20.65 12.08
N ASP D 336 -12.67 -20.09 12.85
CA ASP D 336 -14.08 -20.44 12.72
C ASP D 336 -14.61 -19.92 11.38
N LYS D 337 -15.55 -20.66 10.83
CA LYS D 337 -16.23 -20.30 9.58
C LYS D 337 -17.71 -20.43 9.99
N GLY D 338 -18.14 -21.65 10.25
CA GLY D 338 -19.50 -21.92 10.69
C GLY D 338 -20.59 -21.70 9.68
N SER D 339 -20.21 -21.72 8.41
CA SER D 339 -21.15 -21.52 7.32
C SER D 339 -21.45 -22.79 6.57
N TYR D 340 -22.61 -22.81 5.92
CA TYR D 340 -23.05 -23.92 5.12
C TYR D 340 -22.08 -23.96 3.94
N PRO D 341 -21.73 -25.16 3.44
CA PRO D 341 -22.11 -26.51 3.88
C PRO D 341 -21.26 -27.16 4.98
N GLU D 342 -20.05 -26.65 5.24
CA GLU D 342 -19.16 -27.23 6.24
C GLU D 342 -19.48 -27.06 7.72
N TYR D 343 -19.99 -25.89 8.12
CA TYR D 343 -20.30 -25.61 9.53
C TYR D 343 -19.08 -25.91 10.39
N SER D 344 -17.94 -25.39 9.95
CA SER D 344 -16.65 -25.59 10.62
C SER D 344 -16.32 -24.55 11.70
N MET D 345 -16.14 -25.02 12.94
CA MET D 345 -15.81 -24.16 14.07
C MET D 345 -14.60 -24.74 14.83
N PRO D 346 -13.43 -24.80 14.17
CA PRO D 346 -12.22 -25.33 14.80
C PRO D 346 -11.66 -24.52 15.96
N LYS D 347 -11.70 -23.19 15.85
CA LYS D 347 -11.16 -22.34 16.91
C LYS D 347 -12.02 -22.41 18.17
N THR D 348 -13.33 -22.50 18.00
CA THR D 348 -14.26 -22.61 19.12
C THR D 348 -14.05 -23.94 19.82
N LEU D 349 -13.89 -25.01 19.03
CA LEU D 349 -13.65 -26.34 19.58
C LEU D 349 -12.41 -26.32 20.48
N VAL D 350 -11.29 -25.80 19.94
CA VAL D 350 -10.02 -25.70 20.66
C VAL D 350 -10.13 -24.91 21.97
N GLN D 351 -10.80 -23.76 21.92
CA GLN D 351 -10.99 -22.94 23.11
C GLN D 351 -11.80 -23.72 24.13
N ASN D 352 -12.77 -24.50 23.67
CA ASN D 352 -13.59 -25.31 24.56
C ASN D 352 -12.77 -26.43 25.21
N ILE D 353 -11.98 -27.15 24.41
CA ILE D 353 -11.15 -28.25 24.93
C ILE D 353 -10.10 -27.74 25.91
N ALA D 354 -9.44 -26.64 25.54
CA ALA D 354 -8.41 -26.02 26.36
C ALA D 354 -8.97 -25.64 27.71
N THR D 355 -10.13 -25.00 27.71
CA THR D 355 -10.79 -24.58 28.94
C THR D 355 -11.07 -25.76 29.88
N LEU D 356 -11.63 -26.84 29.34
CA LEU D 356 -11.94 -28.01 30.15
C LEU D 356 -10.68 -28.63 30.72
N ALA D 357 -9.65 -28.74 29.89
CA ALA D 357 -8.37 -29.33 30.31
C ALA D 357 -7.72 -28.55 31.43
N ASN D 358 -7.66 -27.23 31.26
CA ASN D 358 -7.08 -26.36 32.27
C ASN D 358 -7.90 -26.40 33.55
N GLU D 359 -9.20 -26.61 33.41
CA GLU D 359 -10.12 -26.71 34.51
C GLU D 359 -9.82 -27.99 35.28
N LYS D 360 -9.60 -29.08 34.53
CA LYS D 360 -9.33 -30.38 35.12
C LYS D 360 -7.88 -30.63 35.53
N GLY D 361 -6.99 -29.71 35.20
CA GLY D 361 -5.58 -29.88 35.55
C GLY D 361 -4.86 -30.88 34.67
N ILE D 362 -5.30 -31.00 33.42
CA ILE D 362 -4.68 -31.90 32.47
C ILE D 362 -3.68 -31.12 31.60
N VAL D 363 -2.45 -31.64 31.52
CA VAL D 363 -1.41 -31.00 30.71
C VAL D 363 -1.82 -31.06 29.24
N LEU D 364 -1.85 -29.89 28.63
CA LEU D 364 -2.30 -29.74 27.26
C LEU D 364 -1.22 -29.46 26.24
N ASN D 365 -1.27 -30.14 25.11
CA ASN D 365 -0.32 -29.93 24.04
C ASN D 365 -1.13 -29.75 22.76
N GLY D 366 -0.53 -29.12 21.76
CA GLY D 366 -1.27 -28.89 20.53
C GLY D 366 -0.48 -29.16 19.28
N GLU D 367 -1.19 -29.30 18.16
CA GLU D 367 -0.58 -29.54 16.86
C GLU D 367 -1.39 -28.83 15.80
N ASN D 368 -0.78 -28.63 14.64
CA ASN D 368 -1.49 -28.02 13.52
C ASN D 368 -2.11 -29.20 12.78
N ALA D 369 -3.32 -29.00 12.26
CA ALA D 369 -4.01 -30.06 11.54
C ALA D 369 -3.40 -30.29 10.17
N LEU D 370 -3.09 -29.21 9.47
CA LEU D 370 -2.53 -29.33 8.13
C LEU D 370 -1.25 -28.53 8.02
N SER D 371 -0.45 -28.85 7.01
CA SER D 371 0.81 -28.17 6.79
C SER D 371 0.61 -26.65 6.69
N ILE D 372 1.48 -25.92 7.36
CA ILE D 372 1.42 -24.47 7.39
C ILE D 372 2.34 -23.90 6.31
N GLY D 373 1.76 -23.14 5.38
CA GLY D 373 2.52 -22.54 4.31
C GLY D 373 2.93 -21.09 4.51
N ASN D 374 2.37 -20.40 5.49
CA ASN D 374 2.72 -19.00 5.70
C ASN D 374 2.65 -18.58 7.18
N GLU D 375 3.31 -17.46 7.50
CA GLU D 375 3.37 -16.96 8.88
C GLU D 375 2.04 -16.61 9.55
N GLU D 376 1.02 -16.26 8.77
CA GLU D 376 -0.27 -15.93 9.36
C GLU D 376 -0.85 -17.07 10.19
N GLU D 377 -0.59 -18.30 9.75
CA GLU D 377 -1.07 -19.48 10.44
C GLU D 377 -0.26 -19.71 11.70
N TYR D 378 1.03 -19.32 11.67
CA TYR D 378 1.89 -19.43 12.85
C TYR D 378 1.38 -18.45 13.89
N LYS D 379 0.92 -17.28 13.43
CA LYS D 379 0.39 -16.26 14.33
C LYS D 379 -0.87 -16.76 15.03
N ARG D 380 -1.68 -17.54 14.31
CA ARG D 380 -2.89 -18.09 14.92
C ARG D 380 -2.55 -19.14 15.96
N VAL D 381 -1.59 -20.01 15.65
CA VAL D 381 -1.14 -21.04 16.58
C VAL D 381 -0.62 -20.37 17.85
N ALA D 382 0.17 -19.32 17.66
CA ALA D 382 0.76 -18.59 18.77
C ALA D 382 -0.32 -17.98 19.66
N GLU D 383 -1.36 -17.42 19.06
CA GLU D 383 -2.43 -16.85 19.87
C GLU D 383 -3.03 -17.93 20.77
N MET D 384 -3.32 -19.08 20.19
CA MET D 384 -3.92 -20.19 20.93
C MET D 384 -2.99 -20.85 21.96
N ALA D 385 -1.76 -21.16 21.55
CA ALA D 385 -0.80 -21.78 22.43
C ALA D 385 -0.42 -20.94 23.64
N PHE D 386 -0.11 -19.66 23.39
CA PHE D 386 0.31 -18.77 24.45
C PHE D 386 -0.78 -18.14 25.30
N ASN D 387 -2.03 -18.24 24.87
CA ASN D 387 -3.11 -17.66 25.64
C ASN D 387 -4.04 -18.66 26.31
N TYR D 388 -3.94 -19.92 25.92
CA TYR D 388 -4.77 -20.97 26.51
C TYR D 388 -3.99 -22.01 27.30
N ASN D 389 -2.79 -21.64 27.74
CA ASN D 389 -1.93 -22.46 28.59
C ASN D 389 -1.33 -23.75 28.01
N PHE D 390 -1.11 -23.82 26.72
CA PHE D 390 -0.51 -25.03 26.14
C PHE D 390 0.93 -25.24 26.62
N ALA D 391 1.25 -26.47 27.03
CA ALA D 391 2.59 -26.83 27.51
C ALA D 391 3.52 -27.23 26.37
N GLY D 392 2.98 -27.37 25.16
CA GLY D 392 3.80 -27.72 24.04
C GLY D 392 3.06 -27.62 22.73
N PHE D 393 3.80 -27.42 21.65
CA PHE D 393 3.24 -27.35 20.31
C PHE D 393 4.11 -28.21 19.42
N THR D 394 3.50 -29.11 18.66
CA THR D 394 4.24 -29.98 17.76
C THR D 394 3.89 -29.58 16.35
N LEU D 395 4.92 -29.27 15.57
CA LEU D 395 4.73 -28.88 14.20
C LEU D 395 4.75 -30.06 13.22
N LEU D 396 3.68 -30.17 12.45
CA LEU D 396 3.56 -31.18 11.41
C LEU D 396 3.89 -30.38 10.14
N ARG D 397 4.95 -30.73 9.39
CA ARG D 397 5.86 -31.85 9.64
C ARG D 397 7.27 -31.47 9.14
N TYR D 398 8.28 -32.16 9.66
CA TYR D 398 9.72 -32.01 9.32
C TYR D 398 10.08 -31.25 8.03
N GLN D 399 9.84 -31.90 6.90
CA GLN D 399 10.13 -31.37 5.58
C GLN D 399 9.63 -29.95 5.28
N ASP D 400 8.53 -29.55 5.92
CA ASP D 400 7.94 -28.22 5.70
C ASP D 400 8.85 -27.04 6.04
N VAL D 401 9.54 -27.15 7.18
CA VAL D 401 10.44 -26.11 7.64
C VAL D 401 11.90 -26.43 7.37
N MET D 402 12.21 -27.72 7.26
CA MET D 402 13.58 -28.16 7.03
C MET D 402 14.11 -27.71 5.68
N TYR D 403 13.24 -27.69 4.68
CA TYR D 403 13.68 -27.30 3.35
C TYR D 403 13.21 -25.90 2.95
N ASN D 404 12.80 -25.11 3.93
CA ASN D 404 12.35 -23.76 3.67
C ASN D 404 12.82 -22.89 4.82
N ASN D 405 14.00 -22.32 4.64
CA ASN D 405 14.59 -21.49 5.66
C ASN D 405 13.81 -20.22 6.00
N SER D 406 13.02 -19.71 5.07
CA SER D 406 12.24 -18.51 5.37
C SER D 406 11.15 -18.82 6.39
N LEU D 407 10.47 -19.96 6.23
CA LEU D 407 9.45 -20.38 7.18
C LEU D 407 10.08 -20.82 8.49
N MET D 408 11.26 -21.43 8.41
CA MET D 408 11.97 -21.89 9.61
C MET D 408 12.27 -20.70 10.52
N GLY D 409 12.74 -19.61 9.93
CA GLY D 409 13.05 -18.42 10.72
C GLY D 409 11.82 -17.80 11.34
N LYS D 410 10.70 -17.83 10.62
CA LYS D 410 9.46 -17.28 11.14
C LYS D 410 8.89 -18.15 12.24
N PHE D 411 9.13 -19.47 12.17
CA PHE D 411 8.66 -20.36 13.23
C PHE D 411 9.50 -20.05 14.46
N LYS D 412 10.80 -19.90 14.26
CA LYS D 412 11.71 -19.61 15.37
C LYS D 412 11.26 -18.37 16.12
N ASP D 413 11.02 -17.30 15.35
CA ASP D 413 10.58 -16.03 15.90
C ASP D 413 9.26 -16.13 16.70
N LEU D 414 8.21 -16.65 16.08
CA LEU D 414 6.90 -16.73 16.73
C LEU D 414 6.65 -17.84 17.72
N LEU D 415 7.06 -19.06 17.38
CA LEU D 415 6.80 -20.23 18.21
C LEU D 415 7.99 -20.94 18.83
N GLY D 416 9.20 -20.72 18.30
CA GLY D 416 10.37 -21.40 18.87
C GLY D 416 11.00 -20.61 20.00
N VAL D 417 10.19 -20.17 20.95
CA VAL D 417 10.66 -19.36 22.05
C VAL D 417 10.95 -20.13 23.33
N THR D 418 11.77 -19.52 24.17
CA THR D 418 12.14 -20.08 25.46
C THR D 418 11.50 -19.17 26.51
N PRO D 419 10.61 -19.71 27.33
CA PRO D 419 9.97 -18.90 28.36
C PRO D 419 10.87 -18.59 29.55
N VAL D 420 11.00 -17.31 29.89
CA VAL D 420 11.82 -16.90 31.02
C VAL D 420 10.98 -16.01 31.90
N MET D 421 11.14 -16.15 33.21
CA MET D 421 10.38 -15.33 34.15
C MET D 421 11.03 -13.96 34.32
N GLN D 422 10.20 -12.92 34.31
CA GLN D 422 10.68 -11.56 34.48
C GLN D 422 9.74 -10.85 35.45
N THR D 423 10.25 -9.83 36.13
CA THR D 423 9.44 -9.05 37.06
C THR D 423 9.16 -7.73 36.37
N ILE D 424 7.88 -7.36 36.31
CA ILE D 424 7.47 -6.10 35.70
C ILE D 424 7.02 -5.23 36.87
N VAL D 425 7.56 -4.01 36.93
CA VAL D 425 7.23 -3.04 37.98
C VAL D 425 6.78 -1.71 37.35
N VAL D 426 5.62 -1.23 37.76
CA VAL D 426 5.06 0.03 37.27
C VAL D 426 4.85 0.93 38.49
N LYS D 427 5.44 2.12 38.43
CA LYS D 427 5.37 3.10 39.50
C LYS D 427 4.34 4.17 39.24
N ASN D 428 3.88 4.81 40.31
CA ASN D 428 2.93 5.91 40.25
C ASN D 428 1.61 5.67 39.49
N VAL D 429 1.03 4.50 39.67
CA VAL D 429 -0.23 4.15 39.03
C VAL D 429 -1.36 4.77 39.85
N PRO D 430 -2.17 5.65 39.24
CA PRO D 430 -3.29 6.32 39.90
C PRO D 430 -4.55 5.45 40.09
N THR D 431 -4.40 4.36 40.83
CA THR D 431 -5.53 3.46 41.08
C THR D 431 -6.43 3.93 42.22
N THR D 432 -7.67 3.49 42.20
CA THR D 432 -8.62 3.84 43.25
C THR D 432 -9.17 2.52 43.77
N ILE D 433 -10.11 2.58 44.71
CA ILE D 433 -10.69 1.38 45.28
C ILE D 433 -11.31 0.51 44.19
N GLY D 434 -10.99 -0.77 44.23
CA GLY D 434 -11.53 -1.69 43.24
C GLY D 434 -10.82 -1.72 41.91
N ASP D 435 -9.82 -0.86 41.74
CA ASP D 435 -9.06 -0.82 40.51
C ASP D 435 -7.99 -1.90 40.49
N THR D 436 -7.82 -2.53 39.34
CA THR D 436 -6.80 -3.56 39.14
C THR D 436 -5.94 -3.14 37.96
N VAL D 437 -4.64 -3.44 38.04
CA VAL D 437 -3.70 -3.08 36.97
C VAL D 437 -3.29 -4.31 36.18
N TYR D 438 -3.19 -4.15 34.86
CA TYR D 438 -2.82 -5.22 33.93
C TYR D 438 -1.83 -4.66 32.92
N ILE D 439 -1.24 -5.55 32.13
CA ILE D 439 -0.34 -5.13 31.06
C ILE D 439 -0.78 -5.95 29.84
N THR D 440 -0.52 -5.40 28.66
CA THR D 440 -0.85 -6.09 27.42
C THR D 440 0.21 -5.64 26.42
N GLY D 441 0.54 -6.47 25.45
CA GLY D 441 1.59 -6.10 24.51
C GLY D 441 1.42 -6.61 23.10
N ASN D 442 2.38 -6.27 22.23
CA ASN D 442 2.31 -6.65 20.81
C ASN D 442 2.34 -8.12 20.46
N ARG D 443 3.13 -8.90 21.18
CA ARG D 443 3.21 -10.32 20.90
C ARG D 443 2.09 -11.15 21.49
N ALA D 444 1.83 -12.30 20.89
CA ALA D 444 0.80 -13.22 21.37
C ALA D 444 1.02 -13.61 22.82
N GLU D 445 2.29 -13.66 23.25
CA GLU D 445 2.65 -14.02 24.65
C GLU D 445 2.16 -12.94 25.62
N LEU D 446 1.87 -11.76 25.07
CA LEU D 446 1.39 -10.62 25.85
C LEU D 446 -0.09 -10.29 25.55
N GLY D 447 -0.77 -11.19 24.85
CA GLY D 447 -2.18 -10.99 24.56
C GLY D 447 -2.53 -10.18 23.33
N SER D 448 -1.52 -9.79 22.55
CA SER D 448 -1.72 -9.02 21.32
C SER D 448 -2.59 -7.77 21.49
N TRP D 449 -2.30 -6.99 22.53
CA TRP D 449 -3.00 -5.75 22.82
C TRP D 449 -4.46 -5.90 23.29
N ASP D 450 -4.87 -7.13 23.56
CA ASP D 450 -6.23 -7.37 24.03
C ASP D 450 -6.37 -6.98 25.49
N THR D 451 -7.50 -6.36 25.82
CA THR D 451 -7.80 -5.93 27.19
C THR D 451 -9.00 -6.65 27.75
N LYS D 452 -9.73 -7.37 26.89
CA LYS D 452 -10.93 -8.10 27.30
C LYS D 452 -10.66 -9.42 28.02
N GLN D 453 -9.99 -10.34 27.34
CA GLN D 453 -9.71 -11.65 27.91
C GLN D 453 -8.26 -12.14 28.04
N TYR D 454 -7.32 -11.53 27.33
CA TYR D 454 -5.93 -11.96 27.38
C TYR D 454 -4.89 -11.15 28.22
N PRO D 455 -5.28 -9.99 28.78
CA PRO D 455 -4.29 -9.25 29.57
C PRO D 455 -3.76 -9.95 30.83
N ILE D 456 -2.53 -9.59 31.22
CA ILE D 456 -1.88 -10.17 32.40
C ILE D 456 -2.00 -9.20 33.58
N GLN D 457 -2.50 -9.70 34.70
CA GLN D 457 -2.72 -8.89 35.89
C GLN D 457 -1.48 -8.66 36.73
N LEU D 458 -1.36 -7.45 37.29
CA LEU D 458 -0.24 -7.10 38.18
C LEU D 458 -0.83 -6.95 39.57
N TYR D 459 0.02 -7.07 40.58
CA TYR D 459 -0.43 -6.98 41.95
C TYR D 459 0.24 -5.87 42.70
N TYR D 460 -0.52 -5.23 43.57
CA TYR D 460 -0.01 -4.12 44.35
C TYR D 460 1.00 -4.59 45.40
N ASP D 461 2.13 -3.89 45.46
CA ASP D 461 3.17 -4.19 46.42
C ASP D 461 3.07 -3.13 47.51
N SER D 462 2.45 -3.50 48.61
CA SER D 462 2.26 -2.60 49.74
C SER D 462 3.56 -2.10 50.35
N HIS D 463 4.62 -2.90 50.23
CA HIS D 463 5.91 -2.53 50.78
C HIS D 463 6.69 -1.56 49.89
N SER D 464 6.45 -1.62 48.58
CA SER D 464 7.14 -0.75 47.64
C SER D 464 6.23 0.33 47.08
N ASN D 465 4.94 0.24 47.38
CA ASN D 465 3.96 1.20 46.87
C ASN D 465 4.02 1.27 45.33
N ASP D 466 3.89 0.11 44.70
CA ASP D 466 3.89 0.04 43.25
C ASP D 466 3.15 -1.21 42.81
N TRP D 467 2.96 -1.36 41.50
CA TRP D 467 2.29 -2.53 40.97
C TRP D 467 3.30 -3.36 40.19
N ARG D 468 3.37 -4.64 40.51
CA ARG D 468 4.33 -5.52 39.85
C ARG D 468 3.84 -6.95 39.75
N GLY D 469 4.60 -7.77 39.04
CA GLY D 469 4.23 -9.17 38.89
C GLY D 469 5.28 -9.95 38.14
N ASN D 470 5.34 -11.25 38.42
CA ASN D 470 6.28 -12.12 37.75
C ASN D 470 5.60 -12.70 36.53
N VAL D 471 5.98 -12.18 35.37
CA VAL D 471 5.42 -12.56 34.09
C VAL D 471 6.40 -13.43 33.31
N VAL D 472 5.88 -14.44 32.62
CA VAL D 472 6.73 -15.32 31.82
C VAL D 472 6.71 -14.69 30.43
N LEU D 473 7.90 -14.37 29.91
CA LEU D 473 8.02 -13.76 28.59
C LEU D 473 8.93 -14.56 27.68
N PRO D 474 8.85 -14.31 26.37
CA PRO D 474 9.72 -15.05 25.44
C PRO D 474 11.13 -14.45 25.50
N ALA D 475 12.11 -15.27 25.88
CA ALA D 475 13.49 -14.81 25.95
C ALA D 475 14.00 -14.41 24.58
N GLU D 476 14.80 -13.36 24.56
CA GLU D 476 15.44 -12.86 23.35
C GLU D 476 14.55 -12.36 22.23
N ARG D 477 13.37 -11.88 22.59
CA ARG D 477 12.45 -11.34 21.61
C ARG D 477 12.20 -9.88 22.00
N ASN D 478 11.95 -9.04 21.00
CA ASN D 478 11.67 -7.64 21.21
C ASN D 478 10.19 -7.53 21.54
N ILE D 479 9.86 -6.90 22.67
CA ILE D 479 8.46 -6.74 23.05
C ILE D 479 8.07 -5.27 23.34
N GLU D 480 6.80 -4.97 23.15
CA GLU D 480 6.26 -3.65 23.43
C GLU D 480 5.00 -3.89 24.24
N PHE D 481 4.85 -3.15 25.32
CA PHE D 481 3.68 -3.33 26.16
C PHE D 481 3.32 -2.04 26.85
N LYS D 482 2.12 -2.01 27.43
CA LYS D 482 1.63 -0.84 28.16
C LYS D 482 0.75 -1.34 29.29
N ALA D 483 0.83 -0.67 30.44
CA ALA D 483 -0.01 -1.03 31.56
C ALA D 483 -1.31 -0.23 31.41
N PHE D 484 -2.37 -0.73 32.04
CA PHE D 484 -3.66 -0.07 32.00
C PHE D 484 -4.45 -0.43 33.25
N ILE D 485 -5.38 0.44 33.62
CA ILE D 485 -6.21 0.23 34.80
C ILE D 485 -7.59 -0.25 34.38
N LYS D 486 -8.10 -1.24 35.08
CA LYS D 486 -9.45 -1.74 34.83
C LYS D 486 -10.24 -1.36 36.06
N SER D 487 -11.41 -0.77 35.85
CA SER D 487 -12.27 -0.36 36.96
C SER D 487 -12.92 -1.59 37.59
N LYS D 488 -13.73 -1.36 38.62
CA LYS D 488 -14.43 -2.43 39.33
C LYS D 488 -15.27 -3.33 38.40
N ASP D 489 -15.84 -2.74 37.36
CA ASP D 489 -16.68 -3.48 36.42
C ASP D 489 -16.01 -3.92 35.13
N GLY D 490 -14.73 -4.25 35.18
CA GLY D 490 -14.02 -4.72 34.01
C GLY D 490 -13.82 -3.75 32.87
N THR D 491 -14.20 -2.50 33.08
CA THR D 491 -14.05 -1.46 32.06
C THR D 491 -12.67 -0.79 32.11
N VAL D 492 -12.01 -0.61 30.96
CA VAL D 492 -10.70 0.03 30.91
C VAL D 492 -10.83 1.52 31.25
N LYS D 493 -10.22 1.89 32.37
CA LYS D 493 -10.26 3.26 32.86
C LYS D 493 -9.18 4.16 32.23
N SER D 494 -7.96 3.66 32.12
CA SER D 494 -6.89 4.47 31.56
C SER D 494 -5.65 3.65 31.17
N TRP D 495 -4.76 4.28 30.41
CA TRP D 495 -3.53 3.63 29.93
C TRP D 495 -2.27 4.33 30.41
N GLN D 496 -1.19 3.54 30.52
CA GLN D 496 0.10 4.07 30.90
C GLN D 496 0.48 5.05 29.80
N THR D 497 1.04 6.19 30.17
CA THR D 497 1.39 7.24 29.22
C THR D 497 2.37 6.85 28.11
N ILE D 498 3.52 6.32 28.47
CA ILE D 498 4.51 5.94 27.49
C ILE D 498 4.50 4.43 27.25
N GLN D 499 4.57 4.04 25.98
CA GLN D 499 4.61 2.63 25.61
C GLN D 499 6.00 2.10 25.95
N GLN D 500 6.03 0.97 26.64
CA GLN D 500 7.29 0.37 27.06
C GLN D 500 7.79 -0.69 26.09
N SER D 501 9.09 -0.97 26.16
CA SER D 501 9.69 -1.97 25.31
C SER D 501 10.86 -2.64 26.04
N TRP D 502 11.24 -3.80 25.53
CA TRP D 502 12.37 -4.55 26.06
C TRP D 502 12.98 -5.16 24.80
N ASN D 503 14.07 -4.58 24.34
CA ASN D 503 14.72 -5.03 23.12
C ASN D 503 16.12 -5.58 23.25
N PRO D 504 16.23 -6.91 23.46
CA PRO D 504 15.14 -7.85 23.64
C PRO D 504 14.94 -8.21 25.12
N VAL D 505 14.01 -9.11 25.40
CA VAL D 505 13.79 -9.59 26.75
C VAL D 505 15.06 -10.40 27.01
N PRO D 506 15.70 -10.19 28.17
CA PRO D 506 16.93 -10.92 28.50
C PRO D 506 16.71 -12.40 28.80
N LEU D 507 17.76 -13.18 28.56
CA LEU D 507 17.75 -14.61 28.82
C LEU D 507 17.70 -14.91 30.31
N LYS D 508 18.23 -14.01 31.13
CA LYS D 508 18.22 -14.21 32.57
C LYS D 508 17.21 -13.30 33.26
N THR D 509 16.67 -13.78 34.37
CA THR D 509 15.68 -13.07 35.17
C THR D 509 16.18 -11.77 35.78
N THR D 510 15.42 -10.70 35.54
CA THR D 510 15.71 -9.37 36.06
C THR D 510 14.35 -8.71 36.30
N SER D 511 14.26 -7.40 36.10
CA SER D 511 13.02 -6.68 36.25
C SER D 511 12.98 -5.51 35.29
N HIS D 512 11.77 -5.10 34.91
CA HIS D 512 11.58 -3.97 34.02
C HIS D 512 10.78 -2.97 34.84
N THR D 513 11.36 -1.80 35.07
CA THR D 513 10.66 -0.78 35.85
C THR D 513 10.34 0.42 35.00
N SER D 514 9.11 0.89 35.12
CA SER D 514 8.66 2.04 34.38
C SER D 514 7.69 2.82 35.26
N SER D 515 7.43 4.06 34.87
CA SER D 515 6.53 4.91 35.60
C SER D 515 5.29 5.08 34.72
N TRP D 516 4.14 5.23 35.38
CA TRP D 516 2.87 5.44 34.72
C TRP D 516 2.92 6.70 33.86
#